data_9DBT
#
_entry.id   9DBT
#
_cell.length_a   87.000
_cell.length_b   152.999
_cell.length_c   255.363
_cell.angle_alpha   90.00
_cell.angle_beta   90.00
_cell.angle_gamma   90.00
#
_symmetry.space_group_name_H-M   'P 2 21 21'
#
loop_
_entity.id
_entity.type
_entity.pdbx_description
1 polymer 'IgG receptor FcRn large subunit p51'
2 polymer Beta-2-microglobulin
3 polymer 'Structural protein'
#
loop_
_entity_poly.entity_id
_entity_poly.type
_entity_poly.pdbx_seq_one_letter_code
_entity_poly.pdbx_strand_id
1 'polypeptide(L)'
;AESHLSLLYHLTAVSSPAPGTPAFWVSGWLGPQQYLSYNSLRGEAEPCGAWVWENQVSWYWEKETTDLRIKEKLFLEAFK
ALGGKGPYTLQGLLGCELGPDNTSVPTAKFALNGEEFMNFDLKQGTWGGDWPEALAISQRWQQQDKAANKELTFLLFSCP
HRLREHLERGRGNLEWKEPPSMRLKARPSSPGFSVLTCSAFSFYPPELQLRFLRNGLAAGTGQGDFGPNSDGSFHASSSL
TVKSGDEHHYCCIVQHAGLAQPLRVELESPAKSSLVPR
;
A,F,I,C
2 'polypeptide(L)'
;IQRTPKIQVYSRHPAENGKSNFLNCYVSGFHPSDIEVDLLKNGERIEKVEHSDLSFSKDWSFYLLYYTEFTPTEKDEYAC
RVNHVTLSQPKIVKWDRDM
;
B,G,J,D
3 'polypeptide(L)'
;MGEEYKVVLTFGSPMSPNANNKQTWVNKPLDAPSGHYNVKIAKDVDHYLTMQGFTSIASVDWYTIDFQPSEAPAPIKGLQ
VLVNISKKADVYAVKQFVTAQTNNKHQVTSLFLVKVTTGFQVNNYLSYFYRASATGDATTNLLVRGDTYTAGISFTQGGW
YLLTNTSIVDGAMPPGWVWNNVELKTNTAYHMDKGLVHLIMPLPESTQMCYEMLTSIPAAAELALVPR
;
H,K,L,E
#
# COMPACT_ATOMS: atom_id res chain seq x y z
N HIS A 4 -51.97 7.89 -33.99
CA HIS A 4 -53.28 7.53 -33.38
C HIS A 4 -53.04 6.53 -32.24
N LEU A 5 -53.97 5.60 -32.05
CA LEU A 5 -53.83 4.59 -30.97
C LEU A 5 -52.89 3.47 -31.43
N SER A 6 -52.42 2.64 -30.49
CA SER A 6 -51.45 1.58 -30.84
C SER A 6 -51.79 0.29 -30.08
N LEU A 7 -51.86 -0.84 -30.79
CA LEU A 7 -52.08 -2.14 -30.11
C LEU A 7 -50.71 -2.75 -29.84
N LEU A 8 -50.39 -3.05 -28.59
CA LEU A 8 -49.02 -3.53 -28.28
C LEU A 8 -49.05 -4.76 -27.37
N TYR A 9 -48.29 -5.80 -27.74
CA TYR A 9 -48.20 -7.01 -26.92
C TYR A 9 -46.82 -7.05 -26.27
N HIS A 10 -46.83 -7.25 -24.95
CA HIS A 10 -45.67 -7.32 -24.07
C HIS A 10 -45.48 -8.78 -23.73
N LEU A 11 -44.50 -9.41 -24.37
CA LEU A 11 -44.22 -10.84 -24.22
C LEU A 11 -42.98 -11.07 -23.37
N THR A 12 -43.06 -12.02 -22.42
CA THR A 12 -41.93 -12.31 -21.54
C THR A 12 -41.82 -13.80 -21.27
N ALA A 13 -40.65 -14.37 -21.53
CA ALA A 13 -40.38 -15.77 -21.22
C ALA A 13 -39.14 -15.84 -20.33
N VAL A 14 -39.18 -16.68 -19.30
CA VAL A 14 -38.08 -16.82 -18.36
C VAL A 14 -37.61 -18.26 -18.42
N SER A 15 -36.29 -18.46 -18.48
CA SER A 15 -35.79 -19.83 -18.74
C SER A 15 -35.96 -20.75 -17.54
N SER A 16 -35.76 -20.22 -16.32
CA SER A 16 -35.91 -20.99 -15.08
C SER A 16 -36.91 -20.24 -14.21
N PRO A 17 -38.20 -20.41 -14.47
CA PRO A 17 -39.21 -19.61 -13.77
C PRO A 17 -39.26 -19.94 -12.29
N ALA A 18 -39.87 -19.01 -11.54
CA ALA A 18 -40.13 -19.21 -10.13
C ALA A 18 -41.11 -20.37 -9.93
N PRO A 19 -41.19 -20.96 -8.73
CA PRO A 19 -42.15 -22.05 -8.52
C PRO A 19 -43.60 -21.57 -8.66
N GLY A 20 -44.36 -22.24 -9.53
CA GLY A 20 -45.74 -21.84 -9.74
C GLY A 20 -45.92 -20.52 -10.50
N THR A 21 -44.80 -19.89 -10.97
CA THR A 21 -44.78 -18.67 -11.79
C THR A 21 -44.78 -19.06 -13.26
N PRO A 22 -45.61 -18.42 -14.08
CA PRO A 22 -45.63 -18.76 -15.51
C PRO A 22 -44.29 -18.50 -16.18
N ALA A 23 -43.85 -19.46 -16.96
CA ALA A 23 -42.64 -19.34 -17.77
C ALA A 23 -42.84 -18.56 -19.06
N PHE A 24 -44.03 -17.99 -19.26
CA PHE A 24 -44.32 -17.14 -20.41
C PHE A 24 -45.61 -16.38 -20.14
N TRP A 25 -45.62 -15.08 -20.41
CA TRP A 25 -46.86 -14.33 -20.21
C TRP A 25 -46.89 -13.12 -21.12
N VAL A 26 -48.09 -12.68 -21.46
CA VAL A 26 -48.29 -11.55 -22.36
C VAL A 26 -49.29 -10.58 -21.76
N SER A 27 -49.09 -9.30 -22.07
CA SER A 27 -50.06 -8.24 -21.75
C SER A 27 -50.34 -7.43 -22.99
N GLY A 28 -51.61 -7.33 -23.35
CA GLY A 28 -52.05 -6.54 -24.48
C GLY A 28 -52.50 -5.16 -24.03
N TRP A 29 -52.05 -4.15 -24.79
CA TRP A 29 -52.28 -2.77 -24.45
C TRP A 29 -52.88 -2.07 -25.65
N LEU A 30 -54.01 -1.40 -25.41
CA LEU A 30 -54.58 -0.42 -26.30
C LEU A 30 -54.16 0.91 -25.73
N GLY A 31 -53.18 1.54 -26.39
CA GLY A 31 -52.65 2.77 -25.86
C GLY A 31 -52.08 2.56 -24.47
N PRO A 32 -52.61 3.28 -23.50
CA PRO A 32 -52.10 3.16 -22.14
C PRO A 32 -52.98 2.27 -21.29
N GLN A 33 -53.73 1.38 -21.92
CA GLN A 33 -54.73 0.57 -21.23
C GLN A 33 -54.47 -0.92 -21.44
N GLN A 34 -54.39 -1.67 -20.34
CA GLN A 34 -54.29 -3.11 -20.47
C GLN A 34 -55.69 -3.67 -20.73
N TYR A 35 -55.83 -4.42 -21.81
CA TYR A 35 -57.10 -5.08 -22.11
C TYR A 35 -56.99 -6.59 -22.14
N LEU A 36 -55.79 -7.14 -22.40
CA LEU A 36 -55.56 -8.58 -22.54
C LEU A 36 -54.59 -9.04 -21.47
N SER A 37 -54.68 -10.33 -21.11
CA SER A 37 -53.74 -10.99 -20.21
C SER A 37 -53.66 -12.45 -20.60
N TYR A 38 -52.45 -13.00 -20.57
CA TYR A 38 -52.20 -14.37 -20.95
C TYR A 38 -51.03 -14.91 -20.11
N ASN A 39 -51.00 -16.22 -19.91
CA ASN A 39 -49.83 -16.89 -19.34
C ASN A 39 -49.91 -18.34 -19.70
N SER A 40 -48.80 -19.04 -19.53
CA SER A 40 -48.79 -20.48 -19.83
C SER A 40 -49.69 -21.25 -18.86
N LEU A 41 -49.84 -20.79 -17.61
CA LEU A 41 -50.69 -21.49 -16.65
C LEU A 41 -52.15 -21.52 -17.06
N ARG A 42 -52.82 -20.37 -17.10
CA ARG A 42 -54.22 -20.36 -17.53
C ARG A 42 -54.37 -20.68 -19.01
N GLY A 43 -53.33 -20.47 -19.81
CA GLY A 43 -53.31 -20.81 -21.23
C GLY A 43 -54.44 -20.27 -22.09
N GLU A 44 -55.07 -19.19 -21.64
CA GLU A 44 -56.22 -18.59 -22.31
C GLU A 44 -56.07 -17.08 -22.26
N ALA A 45 -56.37 -16.41 -23.38
CA ALA A 45 -56.29 -14.96 -23.47
C ALA A 45 -57.54 -14.40 -22.83
N GLU A 46 -57.39 -13.72 -21.73
CA GLU A 46 -58.53 -13.26 -20.95
C GLU A 46 -58.63 -11.72 -20.96
N PRO A 47 -59.82 -11.15 -21.12
CA PRO A 47 -59.93 -9.68 -21.07
C PRO A 47 -59.65 -9.15 -19.68
N CYS A 48 -59.35 -7.85 -19.61
CA CYS A 48 -59.00 -7.19 -18.35
C CYS A 48 -59.97 -6.06 -18.07
N GLY A 49 -60.12 -5.76 -16.79
CA GLY A 49 -60.92 -4.60 -16.39
C GLY A 49 -62.30 -4.56 -17.02
N ALA A 50 -62.63 -3.45 -17.68
CA ALA A 50 -63.95 -3.29 -18.27
C ALA A 50 -63.97 -3.72 -19.73
N TRP A 51 -62.98 -4.48 -20.17
CA TRP A 51 -63.07 -5.07 -21.50
C TRP A 51 -63.81 -6.38 -21.48
N VAL A 52 -64.35 -6.77 -20.32
CA VAL A 52 -65.12 -8.00 -20.25
C VAL A 52 -66.50 -7.82 -20.85
N TRP A 53 -66.99 -6.58 -20.90
CA TRP A 53 -68.28 -6.30 -21.58
C TRP A 53 -68.03 -5.37 -22.76
N GLU A 54 -67.18 -5.79 -23.71
CA GLU A 54 -66.82 -4.91 -24.85
C GLU A 54 -67.68 -5.26 -26.08
N ASN A 55 -68.58 -6.23 -25.96
CA ASN A 55 -69.45 -6.65 -27.10
C ASN A 55 -68.56 -6.98 -28.30
N GLN A 56 -67.77 -8.05 -28.20
CA GLN A 56 -66.89 -8.46 -29.32
C GLN A 56 -67.38 -9.80 -29.87
N VAL A 57 -67.02 -10.12 -31.13
CA VAL A 57 -67.39 -11.39 -31.72
C VAL A 57 -66.92 -12.49 -30.76
N SER A 58 -67.73 -13.54 -30.62
CA SER A 58 -67.48 -14.53 -29.57
C SER A 58 -66.16 -15.28 -29.77
N TRP A 59 -65.81 -15.61 -31.02
CA TRP A 59 -64.57 -16.30 -31.37
C TRP A 59 -63.32 -15.45 -31.18
N TYR A 60 -63.47 -14.14 -31.00
CA TYR A 60 -62.32 -13.21 -30.93
C TYR A 60 -61.29 -13.66 -29.92
N TRP A 61 -61.72 -13.89 -28.67
CA TRP A 61 -60.78 -14.24 -27.63
C TRP A 61 -60.15 -15.62 -27.84
N GLU A 62 -60.85 -16.52 -28.49
CA GLU A 62 -60.22 -17.79 -28.86
C GLU A 62 -59.13 -17.58 -29.91
N LYS A 63 -59.42 -16.80 -30.95
CA LYS A 63 -58.42 -16.49 -31.98
C LYS A 63 -57.18 -15.84 -31.36
N GLU A 64 -57.39 -14.89 -30.46
CA GLU A 64 -56.26 -14.33 -29.71
C GLU A 64 -55.48 -15.42 -29.01
N THR A 65 -56.17 -16.32 -28.30
CA THR A 65 -55.49 -17.37 -27.53
C THR A 65 -54.66 -18.29 -28.42
N THR A 66 -55.16 -18.64 -29.60
CA THR A 66 -54.35 -19.50 -30.47
C THR A 66 -53.09 -18.75 -30.94
N ASP A 67 -53.24 -17.47 -31.33
CA ASP A 67 -52.05 -16.67 -31.66
C ASP A 67 -51.03 -16.65 -30.52
N LEU A 68 -51.49 -16.33 -29.30
CA LEU A 68 -50.57 -16.24 -28.17
C LEU A 68 -49.94 -17.59 -27.83
N ARG A 69 -50.65 -18.71 -28.07
CA ARG A 69 -50.01 -19.99 -27.84
C ARG A 69 -48.87 -20.24 -28.82
N ILE A 70 -49.05 -19.90 -30.10
CA ILE A 70 -47.92 -20.04 -31.03
C ILE A 70 -46.73 -19.19 -30.57
N LYS A 71 -47.02 -17.97 -30.09
CA LYS A 71 -45.94 -17.14 -29.57
C LYS A 71 -45.23 -17.80 -28.38
N GLU A 72 -46.01 -18.35 -27.44
CA GLU A 72 -45.47 -19.13 -26.33
C GLU A 72 -44.54 -20.23 -26.84
N LYS A 73 -44.96 -20.93 -27.90
CA LYS A 73 -44.13 -21.97 -28.52
C LYS A 73 -42.79 -21.42 -28.96
N LEU A 74 -42.81 -20.40 -29.81
CA LEU A 74 -41.55 -19.86 -30.32
C LEU A 74 -40.62 -19.41 -29.19
N PHE A 75 -41.16 -18.66 -28.22
CA PHE A 75 -40.36 -18.12 -27.11
C PHE A 75 -39.68 -19.22 -26.31
N LEU A 76 -40.42 -20.27 -25.96
CA LEU A 76 -39.80 -21.34 -25.18
C LEU A 76 -38.87 -22.20 -26.05
N GLU A 77 -39.10 -22.28 -27.36
CA GLU A 77 -38.14 -22.97 -28.24
C GLU A 77 -36.80 -22.25 -28.29
N ALA A 78 -36.81 -20.92 -28.10
CA ALA A 78 -35.59 -20.12 -28.22
C ALA A 78 -34.50 -20.50 -27.22
N PHE A 79 -34.87 -20.58 -25.93
CA PHE A 79 -33.90 -20.88 -24.89
C PHE A 79 -33.04 -22.09 -25.28
N LYS A 80 -33.63 -23.05 -25.99
CA LYS A 80 -32.92 -24.25 -26.41
C LYS A 80 -31.75 -23.91 -27.34
N ALA A 81 -32.01 -23.20 -28.45
CA ALA A 81 -30.94 -22.82 -29.36
C ALA A 81 -29.96 -21.84 -28.74
N LEU A 82 -30.30 -21.26 -27.58
CA LEU A 82 -29.36 -20.32 -26.95
C LEU A 82 -28.04 -21.01 -26.56
N GLY A 83 -28.13 -22.18 -25.93
CA GLY A 83 -26.97 -22.83 -25.34
C GLY A 83 -26.48 -22.10 -24.09
N GLY A 84 -25.30 -22.53 -23.61
CA GLY A 84 -24.80 -21.99 -22.36
C GLY A 84 -25.74 -22.29 -21.19
N LYS A 85 -25.39 -21.72 -20.04
CA LYS A 85 -26.21 -21.87 -18.86
C LYS A 85 -27.08 -20.63 -18.65
N GLY A 86 -28.25 -20.86 -18.06
CA GLY A 86 -29.20 -19.82 -17.79
C GLY A 86 -28.71 -18.93 -16.69
N PRO A 87 -29.61 -18.12 -16.12
CA PRO A 87 -31.01 -17.97 -16.51
C PRO A 87 -31.12 -17.03 -17.71
N TYR A 88 -32.28 -17.00 -18.36
CA TYR A 88 -32.54 -16.08 -19.44
C TYR A 88 -33.90 -15.45 -19.23
N THR A 89 -34.04 -14.21 -19.70
CA THR A 89 -35.32 -13.51 -19.74
C THR A 89 -35.44 -12.93 -21.14
N LEU A 90 -36.22 -13.58 -22.01
CA LEU A 90 -36.50 -13.08 -23.35
C LEU A 90 -37.81 -12.27 -23.42
N GLN A 91 -37.71 -11.06 -23.95
CA GLN A 91 -38.86 -10.17 -24.10
C GLN A 91 -39.12 -9.88 -25.58
N GLY A 92 -40.36 -9.48 -25.83
CA GLY A 92 -40.83 -9.15 -27.15
C GLY A 92 -41.87 -8.04 -27.08
N LEU A 93 -41.73 -7.05 -27.96
CA LEU A 93 -42.67 -5.96 -28.14
C LEU A 93 -43.16 -6.12 -29.56
N LEU A 94 -44.40 -6.63 -29.72
CA LEU A 94 -45.01 -6.87 -31.03
C LEU A 94 -46.31 -6.11 -31.11
N GLY A 95 -46.48 -5.34 -32.18
CA GLY A 95 -47.69 -4.53 -32.25
C GLY A 95 -47.78 -3.74 -33.53
N CYS A 96 -48.70 -2.78 -33.54
CA CYS A 96 -48.85 -1.86 -34.66
C CYS A 96 -49.61 -0.61 -34.22
N GLU A 97 -49.25 0.52 -34.82
CA GLU A 97 -49.80 1.83 -34.53
C GLU A 97 -50.56 2.29 -35.77
N LEU A 98 -51.82 2.68 -35.59
CA LEU A 98 -52.63 3.10 -36.72
C LEU A 98 -52.10 4.44 -37.25
N GLY A 99 -51.44 4.40 -38.42
CA GLY A 99 -50.93 5.58 -39.05
C GLY A 99 -52.02 6.45 -39.66
N PRO A 100 -51.63 7.60 -40.25
CA PRO A 100 -52.66 8.59 -40.63
C PRO A 100 -53.67 8.12 -41.67
N ASP A 101 -53.28 7.36 -42.70
CA ASP A 101 -54.20 6.98 -43.78
C ASP A 101 -54.51 5.48 -43.84
N ASN A 102 -55.08 4.93 -42.76
CA ASN A 102 -55.32 3.48 -42.61
C ASN A 102 -54.08 2.69 -43.07
N THR A 103 -52.91 3.20 -42.69
CA THR A 103 -51.63 2.56 -42.93
C THR A 103 -51.06 2.29 -41.55
N SER A 104 -51.11 1.04 -41.11
CA SER A 104 -50.59 0.66 -39.80
C SER A 104 -49.07 0.53 -39.89
N VAL A 105 -48.37 1.01 -38.87
CA VAL A 105 -46.92 0.89 -38.77
C VAL A 105 -46.57 -0.19 -37.76
N PRO A 106 -45.93 -1.29 -38.17
CA PRO A 106 -45.65 -2.40 -37.25
C PRO A 106 -44.49 -2.17 -36.29
N THR A 107 -44.42 -3.02 -35.26
CA THR A 107 -43.37 -3.01 -34.24
C THR A 107 -42.96 -4.45 -33.95
N ALA A 108 -41.66 -4.74 -34.02
CA ALA A 108 -41.23 -6.13 -33.82
C ALA A 108 -39.82 -6.17 -33.23
N LYS A 109 -39.76 -5.95 -31.90
CA LYS A 109 -38.50 -5.86 -31.17
C LYS A 109 -38.39 -6.94 -30.11
N PHE A 110 -37.17 -7.43 -29.87
CA PHE A 110 -36.89 -8.48 -28.89
C PHE A 110 -35.58 -8.20 -28.14
N ALA A 111 -35.66 -8.41 -26.82
CA ALA A 111 -34.55 -8.07 -25.90
C ALA A 111 -34.24 -9.24 -24.97
N LEU A 112 -33.00 -9.70 -25.00
CA LEU A 112 -32.55 -10.84 -24.23
C LEU A 112 -31.83 -10.39 -22.96
N ASN A 113 -32.39 -10.75 -21.81
CA ASN A 113 -31.83 -10.36 -20.52
C ASN A 113 -31.77 -8.85 -20.40
N GLY A 114 -32.74 -8.16 -21.01
CA GLY A 114 -32.80 -6.72 -20.94
C GLY A 114 -31.96 -5.97 -21.96
N GLU A 115 -31.39 -6.66 -22.92
CA GLU A 115 -30.57 -6.06 -23.94
C GLU A 115 -31.24 -6.22 -25.30
N GLU A 116 -31.75 -5.12 -25.86
CA GLU A 116 -32.37 -5.17 -27.19
C GLU A 116 -31.39 -5.73 -28.21
N PHE A 117 -31.69 -6.91 -28.71
CA PHE A 117 -30.74 -7.64 -29.52
C PHE A 117 -31.30 -8.15 -30.84
N MET A 118 -32.60 -8.02 -31.11
CA MET A 118 -33.17 -8.61 -32.32
C MET A 118 -34.42 -7.84 -32.75
N ASN A 119 -34.73 -7.92 -34.05
CA ASN A 119 -35.93 -7.32 -34.61
C ASN A 119 -36.49 -8.28 -35.66
N PHE A 120 -37.62 -7.93 -36.25
CA PHE A 120 -38.07 -8.64 -37.45
C PHE A 120 -37.82 -7.68 -38.61
N ASP A 121 -36.88 -8.06 -39.48
CA ASP A 121 -36.55 -7.22 -40.63
C ASP A 121 -37.40 -7.67 -41.80
N LEU A 122 -38.36 -6.81 -42.15
CA LEU A 122 -39.20 -7.09 -43.30
C LEU A 122 -38.39 -7.08 -44.58
N LYS A 123 -37.32 -6.30 -44.63
CA LYS A 123 -36.53 -6.26 -45.85
C LYS A 123 -35.98 -7.64 -46.18
N GLN A 124 -35.78 -8.49 -45.16
CA GLN A 124 -35.26 -9.83 -45.35
C GLN A 124 -36.28 -10.91 -45.03
N GLY A 125 -37.51 -10.55 -44.66
CA GLY A 125 -38.53 -11.52 -44.31
C GLY A 125 -38.10 -12.47 -43.21
N THR A 126 -37.33 -11.99 -42.24
CA THR A 126 -36.86 -12.88 -41.17
C THR A 126 -36.53 -12.05 -39.94
N TRP A 127 -36.28 -12.73 -38.82
CA TRP A 127 -35.79 -12.01 -37.65
C TRP A 127 -34.33 -11.65 -37.82
N GLY A 128 -34.01 -10.37 -37.64
CA GLY A 128 -32.67 -9.85 -37.84
C GLY A 128 -31.96 -9.43 -36.58
N GLY A 129 -30.65 -9.31 -36.67
CA GLY A 129 -29.84 -9.02 -35.51
C GLY A 129 -28.43 -9.51 -35.73
N ASP A 130 -27.50 -8.90 -35.02
CA ASP A 130 -26.11 -9.31 -35.18
C ASP A 130 -25.45 -9.87 -33.93
N TRP A 131 -26.01 -9.66 -32.73
CA TRP A 131 -25.51 -10.37 -31.55
C TRP A 131 -25.55 -11.88 -31.81
N PRO A 132 -24.57 -12.66 -31.31
CA PRO A 132 -24.59 -14.11 -31.61
C PRO A 132 -25.87 -14.85 -31.18
N GLU A 133 -26.41 -14.51 -30.00
CA GLU A 133 -27.67 -15.10 -29.53
C GLU A 133 -28.83 -14.80 -30.46
N ALA A 134 -28.94 -13.55 -30.92
CA ALA A 134 -29.95 -13.19 -31.92
C ALA A 134 -29.81 -14.04 -33.19
N LEU A 135 -28.59 -14.19 -33.69
CA LEU A 135 -28.34 -15.03 -34.85
C LEU A 135 -28.80 -16.47 -34.64
N ALA A 136 -28.48 -17.04 -33.48
CA ALA A 136 -28.89 -18.42 -33.19
C ALA A 136 -30.42 -18.53 -33.15
N ILE A 137 -31.05 -17.72 -32.29
CA ILE A 137 -32.51 -17.74 -32.17
C ILE A 137 -33.16 -17.54 -33.54
N SER A 138 -32.61 -16.65 -34.36
CA SER A 138 -33.20 -16.40 -35.66
C SER A 138 -33.07 -17.60 -36.59
N GLN A 139 -31.89 -18.23 -36.65
CA GLN A 139 -31.76 -19.45 -37.45
C GLN A 139 -32.77 -20.50 -37.00
N ARG A 140 -32.92 -20.67 -35.70
CA ARG A 140 -33.90 -21.62 -35.15
C ARG A 140 -35.31 -21.28 -35.62
N TRP A 141 -35.73 -20.01 -35.44
CA TRP A 141 -37.10 -19.66 -35.82
C TRP A 141 -37.35 -19.80 -37.32
N GLN A 142 -36.33 -19.66 -38.16
CA GLN A 142 -36.56 -19.93 -39.56
C GLN A 142 -36.93 -21.38 -39.82
N GLN A 143 -36.60 -22.28 -38.89
CA GLN A 143 -36.92 -23.71 -39.06
C GLN A 143 -38.28 -24.14 -38.52
N GLN A 144 -39.13 -23.25 -38.03
CA GLN A 144 -40.52 -23.65 -37.73
C GLN A 144 -41.34 -23.29 -38.96
N ASP A 145 -41.89 -24.30 -39.63
CA ASP A 145 -42.71 -24.13 -40.82
C ASP A 145 -43.71 -22.99 -40.69
N LYS A 146 -43.61 -22.06 -41.63
CA LYS A 146 -44.46 -20.87 -41.67
C LYS A 146 -44.33 -20.00 -40.41
N ALA A 147 -43.25 -20.09 -39.62
CA ALA A 147 -43.13 -19.20 -38.47
C ALA A 147 -42.97 -17.75 -38.93
N ALA A 148 -42.16 -17.57 -39.99
CA ALA A 148 -41.99 -16.26 -40.62
C ALA A 148 -43.33 -15.71 -41.09
N ASN A 149 -44.07 -16.56 -41.80
CA ASN A 149 -45.36 -16.16 -42.33
C ASN A 149 -46.34 -15.84 -41.21
N LYS A 150 -46.27 -16.58 -40.11
CA LYS A 150 -47.11 -16.26 -38.95
C LYS A 150 -46.79 -14.88 -38.39
N GLU A 151 -45.50 -14.56 -38.21
CA GLU A 151 -45.20 -13.20 -37.74
C GLU A 151 -45.68 -12.15 -38.75
N LEU A 152 -45.44 -12.39 -40.04
CA LEU A 152 -45.87 -11.44 -41.05
C LEU A 152 -47.36 -11.16 -40.95
N THR A 153 -48.16 -12.21 -40.77
CA THR A 153 -49.60 -12.03 -40.61
C THR A 153 -49.98 -11.39 -39.28
N PHE A 154 -49.25 -11.70 -38.21
CA PHE A 154 -49.55 -11.10 -36.91
C PHE A 154 -49.26 -9.60 -36.88
N LEU A 155 -48.35 -9.14 -37.72
CA LEU A 155 -48.07 -7.72 -37.71
C LEU A 155 -48.87 -6.97 -38.77
N LEU A 156 -49.15 -7.60 -39.91
CA LEU A 156 -49.73 -6.92 -41.06
C LEU A 156 -51.24 -7.14 -41.28
N PHE A 157 -51.84 -8.20 -40.72
CA PHE A 157 -53.30 -8.39 -40.78
C PHE A 157 -53.95 -8.56 -39.42
N SER A 158 -53.48 -9.48 -38.59
CA SER A 158 -54.17 -9.68 -37.33
C SER A 158 -54.13 -8.42 -36.49
N CYS A 159 -52.94 -7.81 -36.39
CA CYS A 159 -52.78 -6.60 -35.59
C CYS A 159 -53.60 -5.42 -36.10
N PRO A 160 -53.52 -5.00 -37.36
CA PRO A 160 -54.30 -3.83 -37.77
C PRO A 160 -55.80 -4.04 -37.61
N HIS A 161 -56.24 -5.25 -37.98
CA HIS A 161 -57.64 -5.65 -37.89
C HIS A 161 -58.11 -5.64 -36.44
N ARG A 162 -57.33 -6.25 -35.56
CA ARG A 162 -57.67 -6.24 -34.14
C ARG A 162 -57.75 -4.82 -33.59
N LEU A 163 -56.80 -3.96 -33.97
CA LEU A 163 -56.81 -2.59 -33.47
C LEU A 163 -58.08 -1.86 -33.89
N ARG A 164 -58.36 -1.83 -35.20
CA ARG A 164 -59.57 -1.14 -35.68
C ARG A 164 -60.86 -1.75 -35.13
N GLU A 165 -60.91 -3.08 -34.93
CA GLU A 165 -62.10 -3.66 -34.31
C GLU A 165 -62.32 -3.09 -32.92
N HIS A 166 -61.26 -3.12 -32.09
CA HIS A 166 -61.35 -2.52 -30.76
C HIS A 166 -61.69 -1.05 -30.78
N LEU A 167 -61.28 -0.36 -31.83
CA LEU A 167 -61.57 1.07 -31.94
C LEU A 167 -63.05 1.31 -32.14
N GLU A 168 -63.73 0.46 -32.91
CA GLU A 168 -65.16 0.64 -33.07
C GLU A 168 -65.94 0.14 -31.86
N ARG A 169 -65.81 -1.14 -31.52
CA ARG A 169 -66.66 -1.69 -30.46
C ARG A 169 -66.25 -1.27 -29.04
N GLY A 170 -65.04 -0.76 -28.83
CA GLY A 170 -64.65 -0.41 -27.47
C GLY A 170 -64.27 1.05 -27.21
N ARG A 171 -64.74 1.97 -28.04
CA ARG A 171 -64.48 3.40 -27.85
C ARG A 171 -64.91 3.86 -26.45
N GLY A 172 -65.93 3.23 -25.86
CA GLY A 172 -66.34 3.61 -24.53
C GLY A 172 -65.23 3.51 -23.50
N ASN A 173 -64.33 2.52 -23.64
CA ASN A 173 -63.17 2.46 -22.77
C ASN A 173 -62.09 3.45 -23.16
N LEU A 174 -61.92 3.70 -24.44
CA LEU A 174 -60.79 4.50 -24.85
C LEU A 174 -61.05 5.98 -24.64
N GLU A 175 -62.32 6.38 -24.67
CA GLU A 175 -62.74 7.75 -24.42
C GLU A 175 -63.00 8.01 -22.95
N TRP A 176 -62.48 7.15 -22.06
CA TRP A 176 -62.49 7.40 -20.62
C TRP A 176 -61.87 8.76 -20.34
N LYS A 177 -62.58 9.60 -19.59
CA LYS A 177 -62.09 10.93 -19.20
C LYS A 177 -62.50 11.22 -17.76
N GLU A 178 -61.52 11.11 -16.86
CA GLU A 178 -61.72 11.39 -15.46
C GLU A 178 -60.72 12.46 -15.05
N PRO A 179 -61.19 13.66 -14.68
CA PRO A 179 -60.28 14.76 -14.34
C PRO A 179 -59.68 14.56 -12.96
N PRO A 180 -58.50 15.10 -12.69
CA PRO A 180 -57.78 14.75 -11.46
C PRO A 180 -58.35 15.41 -10.21
N SER A 181 -58.05 14.75 -9.09
CA SER A 181 -58.29 15.26 -7.76
C SER A 181 -57.01 15.93 -7.29
N MET A 182 -57.06 17.26 -7.12
CA MET A 182 -55.86 18.04 -6.87
C MET A 182 -55.64 18.29 -5.39
N ARG A 183 -54.38 18.57 -5.05
CA ARG A 183 -53.95 18.77 -3.66
C ARG A 183 -52.63 19.54 -3.65
N LEU A 184 -52.57 20.61 -2.85
CA LEU A 184 -51.35 21.43 -2.70
C LEU A 184 -50.86 21.36 -1.26
N LYS A 185 -49.78 20.60 -1.05
CA LYS A 185 -49.19 20.35 0.27
C LYS A 185 -47.87 21.10 0.42
N ALA A 186 -47.50 21.32 1.68
CA ALA A 186 -46.36 22.18 2.02
C ALA A 186 -45.76 21.69 3.34
N ARG A 187 -44.59 21.05 3.26
CA ARG A 187 -43.82 20.61 4.43
C ARG A 187 -42.44 21.26 4.42
N PRO A 188 -41.92 21.75 5.58
CA PRO A 188 -40.55 22.31 5.61
C PRO A 188 -39.44 21.27 5.74
N SER A 189 -38.48 21.29 4.81
CA SER A 189 -37.38 20.30 4.78
C SER A 189 -36.15 20.71 5.57
N SER A 190 -35.42 21.70 5.08
CA SER A 190 -34.23 22.24 5.73
C SER A 190 -34.56 23.58 6.39
N PRO A 191 -33.76 24.02 7.37
CA PRO A 191 -34.00 25.33 7.99
C PRO A 191 -33.93 26.44 6.93
N GLY A 192 -35.09 27.09 6.70
CA GLY A 192 -35.21 28.14 5.70
C GLY A 192 -35.67 27.67 4.33
N PHE A 193 -35.84 26.37 4.12
CA PHE A 193 -36.28 25.82 2.84
C PHE A 193 -37.35 24.74 3.06
N SER A 194 -38.61 25.09 2.80
CA SER A 194 -39.80 24.24 2.87
C SER A 194 -40.21 23.78 1.47
N VAL A 195 -40.72 22.53 1.38
CA VAL A 195 -41.03 21.91 0.09
C VAL A 195 -42.54 21.94 -0.16
N LEU A 196 -42.92 22.38 -1.35
CA LEU A 196 -44.30 22.36 -1.83
C LEU A 196 -44.55 21.11 -2.66
N THR A 197 -45.66 20.44 -2.38
CA THR A 197 -46.00 19.22 -3.06
C THR A 197 -47.42 19.31 -3.61
N CYS A 198 -47.52 19.30 -4.94
CA CYS A 198 -48.79 19.27 -5.67
C CYS A 198 -49.05 17.85 -6.19
N SER A 199 -50.25 17.32 -5.93
CA SER A 199 -50.59 15.91 -6.21
C SER A 199 -51.92 15.80 -6.94
N ALA A 200 -51.87 15.28 -8.17
CA ALA A 200 -53.06 14.80 -8.87
C ALA A 200 -53.20 13.31 -8.60
N PHE A 201 -54.39 12.88 -8.14
CA PHE A 201 -54.48 11.58 -7.48
C PHE A 201 -55.07 10.44 -8.32
N SER A 202 -56.20 10.65 -9.00
CA SER A 202 -56.81 9.58 -9.80
C SER A 202 -57.34 10.21 -11.08
N PHE A 203 -56.64 9.98 -12.18
CA PHE A 203 -57.01 10.64 -13.42
C PHE A 203 -56.63 9.76 -14.61
N TYR A 204 -57.30 10.05 -15.74
CA TYR A 204 -57.09 9.42 -17.03
C TYR A 204 -57.68 10.40 -18.02
N PRO A 205 -57.00 10.65 -19.16
CA PRO A 205 -55.87 9.92 -19.76
C PRO A 205 -54.56 10.20 -19.03
N PRO A 206 -53.46 9.52 -19.37
CA PRO A 206 -52.20 9.73 -18.61
C PRO A 206 -51.57 11.11 -18.75
N GLU A 207 -52.00 11.96 -19.68
CA GLU A 207 -51.39 13.28 -19.86
C GLU A 207 -51.92 14.29 -18.87
N LEU A 208 -51.08 14.57 -17.88
CA LEU A 208 -51.22 15.60 -16.86
C LEU A 208 -49.84 16.14 -16.59
N GLN A 209 -49.70 17.47 -16.63
CA GLN A 209 -48.44 18.20 -16.41
C GLN A 209 -48.67 19.18 -15.27
N LEU A 210 -47.73 19.23 -14.33
CA LEU A 210 -47.84 20.09 -13.15
C LEU A 210 -46.84 21.24 -13.20
N ARG A 211 -47.35 22.47 -13.01
CA ARG A 211 -46.56 23.69 -13.01
C ARG A 211 -46.80 24.45 -11.71
N PHE A 212 -45.79 25.19 -11.27
CA PHE A 212 -45.92 26.09 -10.14
C PHE A 212 -45.83 27.53 -10.58
N LEU A 213 -46.58 28.40 -9.90
CA LEU A 213 -46.55 29.83 -10.16
C LEU A 213 -46.19 30.54 -8.86
N ARG A 214 -45.25 31.49 -8.96
CA ARG A 214 -44.77 32.27 -7.81
C ARG A 214 -45.38 33.67 -7.86
N ASN A 215 -46.39 33.89 -7.00
CA ASN A 215 -47.08 35.21 -6.98
C ASN A 215 -47.51 35.55 -8.40
N GLY A 216 -48.07 34.57 -9.12
CA GLY A 216 -48.55 34.82 -10.49
C GLY A 216 -47.43 34.64 -11.50
N LEU A 217 -46.19 34.89 -11.09
CA LEU A 217 -45.02 34.72 -12.00
C LEU A 217 -44.73 33.22 -12.16
N ALA A 218 -43.96 32.84 -13.19
CA ALA A 218 -43.70 31.42 -13.46
C ALA A 218 -42.61 30.88 -12.52
N ALA A 219 -43.01 30.11 -11.50
CA ALA A 219 -42.02 29.49 -10.59
C ALA A 219 -41.29 28.37 -11.31
N GLY A 220 -42.02 27.60 -12.14
CA GLY A 220 -41.40 26.47 -12.86
C GLY A 220 -41.80 25.14 -12.24
N THR A 221 -41.78 24.07 -13.03
CA THR A 221 -42.13 22.73 -12.52
C THR A 221 -40.94 22.15 -11.78
N GLY A 222 -41.16 21.60 -10.59
CA GLY A 222 -40.06 20.95 -9.85
C GLY A 222 -40.05 19.46 -10.09
N GLN A 223 -39.23 18.72 -9.34
CA GLN A 223 -39.14 17.25 -9.50
C GLN A 223 -40.55 16.65 -9.38
N GLY A 224 -40.97 15.86 -10.38
CA GLY A 224 -42.33 15.29 -10.36
C GLY A 224 -42.33 13.78 -10.57
N ASP A 225 -43.15 13.06 -9.81
CA ASP A 225 -43.26 11.59 -9.97
C ASP A 225 -44.58 11.27 -10.69
N PHE A 226 -44.70 10.06 -11.27
CA PHE A 226 -45.89 9.71 -12.00
C PHE A 226 -45.99 8.19 -12.08
N GLY A 227 -47.18 7.65 -11.82
CA GLY A 227 -47.39 6.23 -11.71
C GLY A 227 -48.85 5.85 -11.76
N PRO A 228 -49.21 4.54 -11.81
CA PRO A 228 -50.61 4.15 -11.96
C PRO A 228 -51.35 3.97 -10.64
N ASN A 229 -52.62 3.58 -10.70
CA ASN A 229 -53.44 3.40 -9.47
C ASN A 229 -54.13 2.03 -9.50
N SER A 230 -53.65 1.10 -10.33
CA SER A 230 -54.23 -0.28 -10.41
C SER A 230 -55.62 -0.25 -11.07
N ASP A 231 -56.51 0.65 -10.62
CA ASP A 231 -57.88 0.74 -11.17
C ASP A 231 -57.83 1.30 -12.60
N GLY A 232 -56.64 1.72 -13.05
CA GLY A 232 -56.50 2.32 -14.40
C GLY A 232 -56.34 3.82 -14.29
N SER A 233 -56.75 4.41 -13.17
CA SER A 233 -56.56 5.86 -12.95
C SER A 233 -55.06 6.14 -12.75
N PHE A 234 -54.65 7.40 -12.89
CA PHE A 234 -53.19 7.71 -12.79
C PHE A 234 -52.94 8.64 -11.61
N HIS A 235 -51.69 8.65 -11.16
CA HIS A 235 -51.29 9.53 -10.01
C HIS A 235 -49.96 10.21 -10.34
N ALA A 236 -49.90 11.52 -10.17
CA ALA A 236 -48.67 12.28 -10.39
C ALA A 236 -48.57 13.35 -9.32
N SER A 237 -47.34 13.72 -8.97
CA SER A 237 -47.09 14.71 -7.94
C SER A 237 -45.73 15.34 -8.18
N SER A 238 -45.65 16.67 -8.01
CA SER A 238 -44.43 17.46 -8.19
C SER A 238 -44.10 18.21 -6.91
N SER A 239 -42.81 18.32 -6.62
CA SER A 239 -42.31 18.97 -5.43
C SER A 239 -41.38 20.12 -5.83
N LEU A 240 -41.17 21.05 -4.90
CA LEU A 240 -40.36 22.24 -5.18
C LEU A 240 -39.82 22.81 -3.87
N THR A 241 -38.53 23.21 -3.87
CA THR A 241 -37.89 23.80 -2.69
C THR A 241 -38.10 25.32 -2.72
N VAL A 242 -38.88 25.84 -1.76
CA VAL A 242 -39.15 27.26 -1.67
C VAL A 242 -38.61 27.71 -0.32
N LYS A 243 -38.40 29.02 -0.18
CA LYS A 243 -37.92 29.55 1.10
C LYS A 243 -39.06 29.47 2.13
N SER A 244 -38.74 29.03 3.35
CA SER A 244 -39.77 28.92 4.39
C SER A 244 -40.43 30.28 4.59
N GLY A 245 -41.75 30.29 4.64
CA GLY A 245 -42.48 31.54 4.71
C GLY A 245 -42.98 32.05 3.38
N ASP A 246 -42.52 31.48 2.26
CA ASP A 246 -43.02 31.78 0.92
C ASP A 246 -44.10 30.82 0.43
N GLU A 247 -44.63 29.97 1.32
CA GLU A 247 -45.60 28.97 0.86
C GLU A 247 -46.88 29.61 0.29
N HIS A 248 -47.41 30.64 0.97
CA HIS A 248 -48.62 31.32 0.51
C HIS A 248 -48.47 32.06 -0.82
N HIS A 249 -47.26 32.16 -1.37
CA HIS A 249 -47.02 32.88 -2.63
C HIS A 249 -46.98 31.95 -3.85
N TYR A 250 -47.47 30.72 -3.73
CA TYR A 250 -47.28 29.71 -4.75
C TYR A 250 -48.59 29.01 -5.10
N CYS A 251 -48.84 28.86 -6.41
CA CYS A 251 -50.01 28.19 -6.95
C CYS A 251 -49.56 27.01 -7.81
N CYS A 252 -50.47 26.05 -7.97
CA CYS A 252 -50.21 24.89 -8.83
C CYS A 252 -51.16 24.97 -10.01
N ILE A 253 -50.60 24.93 -11.22
CA ILE A 253 -51.34 25.04 -12.46
C ILE A 253 -51.19 23.72 -13.20
N VAL A 254 -52.32 23.07 -13.48
CA VAL A 254 -52.31 21.72 -14.03
C VAL A 254 -53.10 21.73 -15.31
N GLN A 255 -52.54 21.16 -16.37
CA GLN A 255 -53.23 21.01 -17.66
C GLN A 255 -53.45 19.53 -17.87
N HIS A 256 -54.70 19.08 -17.74
CA HIS A 256 -55.01 17.69 -17.93
C HIS A 256 -55.67 17.46 -19.28
N ALA A 257 -55.47 16.24 -19.80
CA ALA A 257 -56.00 15.78 -21.08
C ALA A 257 -55.70 16.73 -22.22
N GLY A 258 -54.61 17.50 -22.10
CA GLY A 258 -54.32 18.49 -23.13
C GLY A 258 -55.43 19.50 -23.32
N LEU A 259 -56.09 19.88 -22.24
CA LEU A 259 -57.03 20.98 -22.31
C LEU A 259 -56.27 22.29 -22.27
N ALA A 260 -56.74 23.25 -23.08
CA ALA A 260 -56.19 24.59 -23.02
C ALA A 260 -56.33 25.17 -21.62
N GLN A 261 -57.54 25.21 -21.09
CA GLN A 261 -57.75 25.74 -19.75
C GLN A 261 -57.11 24.82 -18.72
N PRO A 262 -56.38 25.36 -17.78
CA PRO A 262 -55.78 24.53 -16.73
C PRO A 262 -56.42 24.82 -15.39
N LEU A 263 -56.26 23.92 -14.42
CA LEU A 263 -56.83 24.04 -13.09
C LEU A 263 -55.84 24.74 -12.16
N ARG A 264 -56.39 25.47 -11.16
CA ARG A 264 -55.62 26.29 -10.21
C ARG A 264 -55.75 25.76 -8.78
N VAL A 265 -54.65 25.22 -8.24
CA VAL A 265 -54.58 24.59 -6.92
C VAL A 265 -53.91 25.54 -5.93
N GLU A 266 -54.59 25.80 -4.82
CA GLU A 266 -54.07 26.62 -3.72
C GLU A 266 -54.05 25.80 -2.45
N LEU A 267 -52.89 25.77 -1.77
CA LEU A 267 -52.73 25.01 -0.52
C LEU A 267 -53.77 25.40 0.54
N ILE B 1 -28.52 -8.01 -18.53
CA ILE B 1 -28.09 -6.86 -17.69
C ILE B 1 -28.96 -6.82 -16.41
N GLN B 2 -28.56 -6.01 -15.43
CA GLN B 2 -29.34 -5.89 -14.17
C GLN B 2 -29.69 -4.41 -13.92
N ARG B 3 -30.90 -4.14 -13.45
CA ARG B 3 -31.33 -2.73 -13.18
C ARG B 3 -31.81 -2.61 -11.73
N THR B 4 -31.35 -1.58 -11.00
CA THR B 4 -31.81 -1.36 -9.62
C THR B 4 -33.20 -0.78 -9.64
N PRO B 5 -34.13 -1.22 -8.76
CA PRO B 5 -35.51 -0.75 -8.81
C PRO B 5 -35.73 0.63 -8.20
N LYS B 6 -36.70 1.38 -8.73
CA LYS B 6 -37.02 2.70 -8.20
C LYS B 6 -38.43 2.64 -7.63
N ILE B 7 -38.57 3.00 -6.36
CA ILE B 7 -39.78 2.71 -5.59
C ILE B 7 -40.46 4.02 -5.19
N GLN B 8 -41.75 4.11 -5.51
CA GLN B 8 -42.55 5.29 -5.14
C GLN B 8 -43.77 4.84 -4.36
N VAL B 9 -44.06 5.51 -3.24
CA VAL B 9 -45.21 5.12 -2.42
C VAL B 9 -46.18 6.28 -2.31
N TYR B 10 -47.44 6.02 -2.65
CA TYR B 10 -48.48 7.03 -2.66
C TYR B 10 -49.82 6.39 -2.39
N SER B 11 -50.86 7.23 -2.34
CA SER B 11 -52.23 6.72 -2.10
C SER B 11 -53.09 6.94 -3.36
N ARG B 12 -54.06 6.06 -3.60
CA ARG B 12 -54.92 6.17 -4.80
C ARG B 12 -55.75 7.46 -4.71
N HIS B 13 -56.18 7.83 -3.51
CA HIS B 13 -57.02 9.05 -3.33
C HIS B 13 -56.38 9.95 -2.27
N PRO B 14 -56.72 11.26 -2.21
CA PRO B 14 -56.19 12.13 -1.18
C PRO B 14 -56.26 11.50 0.21
N ALA B 15 -55.22 11.71 1.02
CA ALA B 15 -55.17 11.07 2.36
C ALA B 15 -56.05 11.92 3.29
N GLU B 16 -56.99 11.27 3.99
CA GLU B 16 -57.82 11.95 5.01
C GLU B 16 -58.06 10.91 6.12
N ASN B 17 -57.77 11.26 7.38
CA ASN B 17 -57.83 10.26 8.44
C ASN B 17 -59.24 9.76 8.70
N GLY B 18 -59.38 8.46 8.92
CA GLY B 18 -60.69 7.90 9.18
C GLY B 18 -61.53 7.68 7.94
N LYS B 19 -60.91 7.64 6.76
CA LYS B 19 -61.63 7.50 5.49
C LYS B 19 -60.91 6.47 4.62
N SER B 20 -61.69 5.51 4.11
CA SER B 20 -61.11 4.39 3.37
C SER B 20 -60.37 4.87 2.13
N ASN B 21 -59.21 4.26 1.88
CA ASN B 21 -58.35 4.62 0.78
C ASN B 21 -57.54 3.39 0.39
N PHE B 22 -56.54 3.59 -0.48
CA PHE B 22 -55.67 2.55 -0.98
C PHE B 22 -54.22 3.01 -0.95
N LEU B 23 -53.31 2.15 -0.50
CA LEU B 23 -51.88 2.38 -0.57
C LEU B 23 -51.29 1.67 -1.80
N ASN B 24 -50.56 2.43 -2.61
CA ASN B 24 -49.82 1.96 -3.79
C ASN B 24 -48.34 2.08 -3.53
N CYS B 25 -47.62 1.03 -3.86
CA CYS B 25 -46.18 1.07 -3.96
C CYS B 25 -45.85 0.68 -5.39
N TYR B 26 -45.48 1.67 -6.19
CA TYR B 26 -45.20 1.48 -7.60
C TYR B 26 -43.71 1.26 -7.70
N VAL B 27 -43.33 0.04 -8.00
CA VAL B 27 -41.94 -0.34 -8.10
C VAL B 27 -41.62 -0.44 -9.59
N SER B 28 -40.54 0.20 -10.03
CA SER B 28 -40.35 0.38 -11.46
C SER B 28 -38.88 0.34 -11.87
N GLY B 29 -38.68 0.12 -13.17
CA GLY B 29 -37.39 0.16 -13.81
C GLY B 29 -36.37 -0.88 -13.39
N PHE B 30 -36.81 -2.11 -13.08
CA PHE B 30 -35.90 -3.14 -12.60
C PHE B 30 -35.72 -4.28 -13.60
N HIS B 31 -34.67 -5.07 -13.40
CA HIS B 31 -34.42 -6.19 -14.34
C HIS B 31 -33.27 -6.99 -13.75
N PRO B 32 -33.39 -8.32 -13.53
CA PRO B 32 -34.53 -9.14 -13.97
C PRO B 32 -35.84 -8.99 -13.18
N SER B 33 -36.73 -9.94 -13.53
CA SER B 33 -38.16 -9.87 -13.28
C SER B 33 -38.53 -10.13 -11.82
N ASP B 34 -37.85 -11.06 -11.17
CA ASP B 34 -38.21 -11.44 -9.80
C ASP B 34 -37.92 -10.28 -8.85
N ILE B 35 -38.94 -9.84 -8.14
CA ILE B 35 -38.80 -8.77 -7.18
C ILE B 35 -39.66 -9.10 -5.97
N GLU B 36 -39.22 -8.66 -4.79
CA GLU B 36 -39.85 -9.03 -3.54
C GLU B 36 -40.37 -7.78 -2.85
N VAL B 37 -41.69 -7.59 -2.84
CA VAL B 37 -42.31 -6.37 -2.32
C VAL B 37 -43.26 -6.72 -1.18
N ASP B 38 -43.13 -5.99 -0.08
CA ASP B 38 -44.05 -6.09 1.06
C ASP B 38 -44.41 -4.69 1.52
N LEU B 39 -45.69 -4.35 1.51
CA LEU B 39 -46.09 -3.13 2.20
C LEU B 39 -46.12 -3.43 3.69
N LEU B 40 -45.84 -2.40 4.50
CA LEU B 40 -45.62 -2.55 5.93
C LEU B 40 -46.42 -1.52 6.72
N LYS B 41 -47.11 -2.02 7.75
CA LYS B 41 -47.96 -1.26 8.68
C LYS B 41 -47.17 -1.17 9.99
N ASN B 42 -46.46 -0.05 10.16
CA ASN B 42 -45.55 0.19 11.28
C ASN B 42 -44.49 -0.93 11.40
N GLY B 43 -44.14 -1.54 10.27
CA GLY B 43 -43.18 -2.64 10.20
C GLY B 43 -43.73 -4.06 10.10
N GLU B 44 -44.98 -4.25 9.66
CA GLU B 44 -45.60 -5.56 9.60
C GLU B 44 -46.28 -5.84 8.26
N ARG B 45 -45.92 -6.96 7.64
CA ARG B 45 -46.46 -7.33 6.34
C ARG B 45 -47.95 -7.56 6.43
N ILE B 46 -48.71 -6.81 5.64
CA ILE B 46 -50.14 -6.98 5.59
C ILE B 46 -50.41 -8.11 4.61
N GLU B 47 -51.03 -9.19 5.07
CA GLU B 47 -51.29 -10.30 4.15
C GLU B 47 -52.31 -9.95 3.10
N LYS B 48 -53.18 -8.96 3.39
CA LYS B 48 -54.17 -8.51 2.42
C LYS B 48 -53.52 -7.47 1.51
N VAL B 49 -52.59 -7.96 0.69
CA VAL B 49 -51.85 -7.17 -0.28
C VAL B 49 -51.96 -7.88 -1.61
N GLU B 50 -52.31 -7.13 -2.66
CA GLU B 50 -52.40 -7.64 -4.01
C GLU B 50 -51.41 -6.91 -4.91
N HIS B 51 -50.98 -7.57 -5.99
CA HIS B 51 -50.08 -6.95 -6.94
C HIS B 51 -50.71 -7.07 -8.32
N SER B 52 -50.11 -6.42 -9.30
CA SER B 52 -50.61 -6.53 -10.67
C SER B 52 -49.75 -7.50 -11.46
N ASP B 53 -49.97 -7.53 -12.76
CA ASP B 53 -49.13 -8.33 -13.63
C ASP B 53 -47.77 -7.63 -13.82
N LEU B 54 -46.70 -8.41 -13.75
CA LEU B 54 -45.39 -7.98 -14.22
C LEU B 54 -45.52 -7.50 -15.67
N SER B 55 -45.31 -6.19 -15.91
CA SER B 55 -45.21 -5.64 -17.27
C SER B 55 -43.86 -4.96 -17.42
N PHE B 56 -43.52 -4.52 -18.65
CA PHE B 56 -42.30 -3.75 -18.89
C PHE B 56 -42.58 -2.51 -19.74
N SER B 57 -41.69 -1.50 -19.63
CA SER B 57 -41.73 -0.25 -20.40
C SER B 57 -40.76 -0.28 -21.59
N LYS B 58 -40.60 0.85 -22.30
CA LYS B 58 -39.91 0.87 -23.60
C LYS B 58 -38.43 0.50 -23.50
N ASP B 59 -37.77 0.88 -22.40
CA ASP B 59 -36.37 0.52 -22.13
C ASP B 59 -36.23 -0.89 -21.57
N TRP B 60 -37.31 -1.68 -21.68
CA TRP B 60 -37.40 -3.08 -21.30
C TRP B 60 -37.36 -3.32 -19.79
N SER B 61 -37.46 -2.29 -18.97
CA SER B 61 -37.42 -2.49 -17.53
C SER B 61 -38.82 -2.73 -16.97
N PHE B 62 -38.91 -3.67 -16.03
CA PHE B 62 -40.17 -4.16 -15.45
C PHE B 62 -40.71 -3.20 -14.39
N TYR B 63 -42.03 -3.22 -14.19
CA TYR B 63 -42.72 -2.45 -13.16
C TYR B 63 -43.91 -3.24 -12.63
N LEU B 64 -44.26 -2.97 -11.37
CA LEU B 64 -45.26 -3.73 -10.64
C LEU B 64 -45.95 -2.77 -9.68
N LEU B 65 -47.23 -2.99 -9.43
CA LEU B 65 -47.93 -2.17 -8.45
C LEU B 65 -48.44 -3.04 -7.32
N TYR B 66 -47.86 -2.87 -6.12
CA TYR B 66 -48.43 -3.50 -4.94
C TYR B 66 -49.36 -2.53 -4.26
N TYR B 67 -50.48 -3.03 -3.78
CA TYR B 67 -51.47 -2.13 -3.19
C TYR B 67 -52.31 -2.88 -2.17
N THR B 68 -52.87 -2.11 -1.25
CA THR B 68 -53.74 -2.65 -0.22
C THR B 68 -54.76 -1.61 0.24
N GLU B 69 -55.91 -2.07 0.70
CA GLU B 69 -56.89 -1.15 1.24
C GLU B 69 -56.53 -0.78 2.67
N PHE B 70 -56.77 0.47 3.05
CA PHE B 70 -56.48 0.92 4.42
C PHE B 70 -57.29 2.15 4.75
N THR B 71 -57.22 2.55 6.02
CA THR B 71 -57.82 3.79 6.49
C THR B 71 -56.70 4.53 7.21
N PRO B 72 -56.37 5.76 6.82
CA PRO B 72 -55.23 6.43 7.46
C PRO B 72 -55.61 6.82 8.89
N THR B 73 -54.72 6.47 9.81
CA THR B 73 -54.79 6.90 11.19
C THR B 73 -53.62 7.86 11.43
N GLU B 74 -53.71 8.62 12.51
CA GLU B 74 -52.80 9.75 12.69
C GLU B 74 -51.40 9.29 13.04
N LYS B 75 -51.25 8.09 13.59
CA LYS B 75 -50.06 7.68 14.31
C LYS B 75 -49.21 6.65 13.58
N ASP B 76 -49.60 6.23 12.39
CA ASP B 76 -48.97 5.09 11.75
C ASP B 76 -48.39 5.52 10.41
N GLU B 77 -47.11 5.28 10.24
CA GLU B 77 -46.43 5.47 8.97
C GLU B 77 -46.37 4.12 8.27
N TYR B 78 -47.09 4.02 7.17
CA TYR B 78 -47.01 2.89 6.27
C TYR B 78 -45.78 3.07 5.38
N ALA B 79 -45.19 1.95 4.95
CA ALA B 79 -43.99 2.03 4.12
C ALA B 79 -43.95 0.81 3.19
N CYS B 80 -42.91 0.75 2.37
CA CYS B 80 -42.80 -0.31 1.38
C CYS B 80 -41.39 -0.84 1.38
N ARG B 81 -41.26 -2.16 1.59
CA ARG B 81 -39.98 -2.89 1.52
C ARG B 81 -39.87 -3.54 0.15
N VAL B 82 -38.77 -3.27 -0.54
CA VAL B 82 -38.49 -3.91 -1.81
C VAL B 82 -37.11 -4.56 -1.72
N ASN B 83 -37.03 -5.80 -2.13
CA ASN B 83 -35.76 -6.51 -2.22
C ASN B 83 -35.61 -7.01 -3.65
N HIS B 84 -34.44 -6.79 -4.20
CA HIS B 84 -34.19 -7.17 -5.57
C HIS B 84 -32.77 -7.70 -5.63
N VAL B 85 -32.50 -8.50 -6.66
CA VAL B 85 -31.19 -9.11 -6.79
C VAL B 85 -30.10 -8.06 -6.76
N THR B 86 -30.44 -6.83 -7.17
CA THR B 86 -29.51 -5.72 -7.25
C THR B 86 -29.29 -4.99 -5.93
N LEU B 87 -30.11 -5.28 -4.92
CA LEU B 87 -30.04 -4.61 -3.62
C LEU B 87 -29.29 -5.46 -2.61
N SER B 88 -28.23 -4.89 -2.02
CA SER B 88 -27.52 -5.59 -0.94
C SER B 88 -28.47 -5.88 0.21
N GLN B 89 -28.98 -4.84 0.82
CA GLN B 89 -30.00 -4.99 1.83
C GLN B 89 -31.33 -4.45 1.29
N PRO B 90 -32.44 -5.03 1.72
CA PRO B 90 -33.77 -4.54 1.27
C PRO B 90 -33.95 -3.04 1.52
N LYS B 91 -34.40 -2.33 0.48
CA LYS B 91 -34.75 -0.91 0.62
C LYS B 91 -36.14 -0.72 1.23
N ILE B 92 -36.31 0.40 1.94
CA ILE B 92 -37.58 0.78 2.54
C ILE B 92 -37.87 2.23 2.15
N VAL B 93 -39.14 2.52 1.89
CA VAL B 93 -39.58 3.87 1.57
C VAL B 93 -40.83 4.17 2.39
N LYS B 94 -40.85 5.29 3.09
CA LYS B 94 -42.02 5.64 3.88
C LYS B 94 -43.01 6.41 3.01
N TRP B 95 -44.29 6.30 3.38
CA TRP B 95 -45.36 6.97 2.65
C TRP B 95 -45.58 8.36 3.24
N ASP B 96 -45.17 9.38 2.48
CA ASP B 96 -45.50 10.75 2.82
C ASP B 96 -46.93 11.05 2.43
N ARG B 97 -47.75 11.53 3.38
CA ARG B 97 -49.11 11.91 3.00
C ARG B 97 -49.13 13.05 1.99
N ASP B 98 -47.99 13.70 1.74
CA ASP B 98 -47.91 14.73 0.73
C ASP B 98 -48.24 14.18 -0.66
N MET B 99 -47.49 13.18 -1.12
CA MET B 99 -47.75 12.55 -2.43
C MET B 99 -48.90 11.52 -2.33
N HIS C 4 -25.17 -50.68 24.51
CA HIS C 4 -25.19 -51.52 23.29
C HIS C 4 -26.48 -51.24 22.51
N LEU C 5 -27.54 -51.98 22.82
CA LEU C 5 -28.84 -51.79 22.10
C LEU C 5 -29.46 -50.47 22.54
N SER C 6 -29.97 -49.68 21.58
CA SER C 6 -30.54 -48.35 21.90
C SER C 6 -31.74 -48.06 21.02
N LEU C 7 -32.89 -47.71 21.62
CA LEU C 7 -34.08 -47.31 20.84
C LEU C 7 -34.02 -45.79 20.68
N LEU C 8 -33.85 -45.29 19.46
CA LEU C 8 -33.68 -43.82 19.29
C LEU C 8 -34.61 -43.26 18.22
N TYR C 9 -35.17 -42.07 18.46
CA TYR C 9 -36.03 -41.41 17.50
C TYR C 9 -35.37 -40.12 17.01
N HIS C 10 -35.34 -39.95 15.69
CA HIS C 10 -34.72 -38.83 14.99
C HIS C 10 -35.84 -37.98 14.45
N LEU C 11 -36.10 -36.85 15.10
CA LEU C 11 -37.20 -35.95 14.73
C LEU C 11 -36.67 -34.72 14.01
N THR C 12 -37.32 -34.33 12.91
CA THR C 12 -36.90 -33.14 12.17
C THR C 12 -38.12 -32.37 11.69
N ALA C 13 -38.15 -31.08 11.99
CA ALA C 13 -39.17 -30.16 11.54
C ALA C 13 -38.51 -29.02 10.78
N VAL C 14 -39.11 -28.58 9.68
CA VAL C 14 -38.56 -27.48 8.90
C VAL C 14 -39.59 -26.37 8.77
N SER C 15 -39.15 -25.14 9.02
CA SER C 15 -40.11 -24.03 9.12
C SER C 15 -40.72 -23.70 7.77
N SER C 16 -39.95 -23.81 6.69
CA SER C 16 -40.46 -23.57 5.34
C SER C 16 -40.15 -24.79 4.51
N PRO C 17 -40.93 -25.85 4.65
CA PRO C 17 -40.65 -27.09 3.90
C PRO C 17 -40.90 -26.91 2.42
N ALA C 18 -40.28 -27.78 1.65
CA ALA C 18 -40.44 -27.75 0.21
C ALA C 18 -41.90 -28.04 -0.17
N PRO C 19 -42.31 -27.69 -1.39
CA PRO C 19 -43.68 -28.01 -1.84
C PRO C 19 -43.91 -29.52 -1.91
N GLY C 20 -45.01 -29.97 -1.32
CA GLY C 20 -45.31 -31.38 -1.32
C GLY C 20 -44.43 -32.24 -0.43
N THR C 21 -43.55 -31.65 0.32
CA THR C 21 -42.66 -32.25 1.29
C THR C 21 -43.26 -32.16 2.69
N PRO C 22 -43.13 -33.19 3.51
CA PRO C 22 -43.58 -33.09 4.90
C PRO C 22 -42.79 -32.03 5.67
N ALA C 23 -43.50 -31.24 6.46
CA ALA C 23 -42.82 -30.30 7.35
C ALA C 23 -42.30 -30.92 8.63
N PHE C 24 -42.48 -32.22 8.85
CA PHE C 24 -42.05 -32.91 10.06
C PHE C 24 -41.96 -34.39 9.76
N TRP C 25 -40.90 -35.02 10.24
CA TRP C 25 -40.75 -36.46 9.98
C TRP C 25 -39.91 -37.12 11.08
N VAL C 26 -40.18 -38.40 11.30
CA VAL C 26 -39.50 -39.16 12.34
C VAL C 26 -38.95 -40.46 11.77
N SER C 27 -37.78 -40.88 12.28
CA SER C 27 -37.26 -42.23 12.06
C SER C 27 -36.93 -42.83 13.41
N GLY C 28 -37.47 -44.02 13.69
CA GLY C 28 -37.15 -44.76 14.90
C GLY C 28 -36.11 -45.82 14.60
N TRP C 29 -35.13 -45.97 15.49
CA TRP C 29 -33.99 -46.83 15.24
C TRP C 29 -33.78 -47.79 16.41
N LEU C 30 -33.66 -49.07 16.08
CA LEU C 30 -33.16 -50.13 16.95
C LEU C 30 -31.72 -50.44 16.54
N GLY C 31 -30.74 -50.09 17.37
CA GLY C 31 -29.35 -50.25 17.02
C GLY C 31 -29.01 -49.46 15.76
N PRO C 32 -28.52 -50.14 14.72
CA PRO C 32 -28.26 -49.44 13.46
C PRO C 32 -29.33 -49.71 12.41
N GLN C 33 -30.54 -50.05 12.83
CA GLN C 33 -31.59 -50.48 11.91
C GLN C 33 -32.83 -49.62 12.12
N GLN C 34 -33.34 -49.04 11.04
CA GLN C 34 -34.57 -48.25 11.13
C GLN C 34 -35.77 -49.18 11.27
N TYR C 35 -36.60 -48.92 12.24
CA TYR C 35 -37.82 -49.70 12.35
C TYR C 35 -39.09 -48.88 12.17
N LEU C 36 -39.06 -47.57 12.40
CA LEU C 36 -40.24 -46.71 12.34
C LEU C 36 -40.04 -45.65 11.27
N SER C 37 -41.16 -45.13 10.74
CA SER C 37 -41.15 -43.98 9.86
C SER C 37 -42.47 -43.24 10.05
N TYR C 38 -42.40 -41.91 10.08
CA TYR C 38 -43.56 -41.06 10.29
C TYR C 38 -43.37 -39.81 9.45
N ASN C 39 -44.47 -39.13 9.14
CA ASN C 39 -44.35 -37.76 8.63
C ASN C 39 -45.69 -37.05 8.79
N SER C 40 -45.64 -35.73 8.62
CA SER C 40 -46.83 -34.91 8.81
C SER C 40 -47.88 -35.24 7.77
N LEU C 41 -47.45 -35.63 6.57
CA LEU C 41 -48.35 -36.01 5.48
C LEU C 41 -49.17 -37.26 5.79
N ARG C 42 -48.52 -38.43 5.86
CA ARG C 42 -49.26 -39.66 6.15
C ARG C 42 -49.74 -39.72 7.59
N GLY C 43 -49.06 -39.04 8.51
CA GLY C 43 -49.48 -38.98 9.90
C GLY C 43 -49.66 -40.32 10.59
N GLU C 44 -48.94 -41.36 10.14
CA GLU C 44 -49.15 -42.71 10.65
C GLU C 44 -47.80 -43.38 10.78
N ALA C 45 -47.54 -44.01 11.92
CA ALA C 45 -46.25 -44.66 12.17
C ALA C 45 -46.26 -46.04 11.55
N GLU C 46 -45.47 -46.23 10.52
CA GLU C 46 -45.41 -47.45 9.72
C GLU C 46 -44.08 -48.17 9.91
N PRO C 47 -44.09 -49.50 9.90
CA PRO C 47 -42.82 -50.26 10.05
C PRO C 47 -41.93 -50.18 8.82
N CYS C 48 -40.66 -50.50 9.05
CA CYS C 48 -39.63 -50.47 8.04
C CYS C 48 -38.92 -51.82 7.94
N GLY C 49 -38.28 -52.03 6.79
CA GLY C 49 -37.40 -53.18 6.65
C GLY C 49 -38.03 -54.50 7.07
N ALA C 50 -37.36 -55.22 7.98
CA ALA C 50 -37.84 -56.53 8.41
C ALA C 50 -38.69 -56.44 9.65
N TRP C 51 -39.03 -55.24 10.06
CA TRP C 51 -39.90 -55.07 11.20
C TRP C 51 -41.35 -55.04 10.76
N VAL C 52 -41.58 -55.19 9.45
CA VAL C 52 -42.98 -55.23 8.92
C VAL C 52 -43.56 -56.62 9.22
N TRP C 53 -42.70 -57.59 9.57
CA TRP C 53 -43.16 -58.96 9.86
C TRP C 53 -43.11 -59.19 11.38
N GLU C 54 -42.75 -58.15 12.14
CA GLU C 54 -42.69 -58.27 13.61
C GLU C 54 -44.10 -58.56 14.15
N ASN C 55 -44.21 -59.31 15.24
CA ASN C 55 -45.54 -59.68 15.79
C ASN C 55 -46.07 -58.51 16.64
N GLN C 56 -45.46 -57.33 16.50
CA GLN C 56 -45.97 -56.14 17.24
C GLN C 56 -47.45 -55.93 16.97
N VAL C 57 -48.24 -55.77 18.04
CA VAL C 57 -49.72 -55.64 17.87
C VAL C 57 -50.01 -54.28 17.22
N SER C 58 -51.17 -54.15 16.57
CA SER C 58 -51.55 -52.85 15.96
C SER C 58 -51.60 -51.77 17.06
N TRP C 59 -52.18 -52.11 18.21
CA TRP C 59 -52.22 -51.15 19.35
C TRP C 59 -50.83 -50.52 19.52
N TYR C 60 -49.78 -51.34 19.52
CA TYR C 60 -48.45 -50.81 19.74
C TYR C 60 -48.20 -49.66 18.75
N TRP C 61 -48.39 -49.96 17.48
CA TRP C 61 -48.15 -48.99 16.43
C TRP C 61 -49.13 -47.82 16.48
N GLU C 62 -50.34 -48.03 17.01
CA GLU C 62 -51.25 -46.90 17.19
C GLU C 62 -50.73 -45.95 18.28
N LYS C 63 -50.28 -46.52 19.40
CA LYS C 63 -49.70 -45.72 20.48
C LYS C 63 -48.52 -44.87 19.99
N GLU C 64 -47.61 -45.50 19.24
CA GLU C 64 -46.54 -44.72 18.64
C GLU C 64 -47.06 -43.61 17.73
N THR C 65 -48.03 -43.91 16.86
CA THR C 65 -48.52 -42.85 15.99
C THR C 65 -49.11 -41.68 16.79
N THR C 66 -49.84 -41.96 17.88
CA THR C 66 -50.39 -40.85 18.66
C THR C 66 -49.28 -40.04 19.35
N ASP C 67 -48.29 -40.72 19.92
CA ASP C 67 -47.14 -40.00 20.50
C ASP C 67 -46.50 -39.07 19.48
N LEU C 68 -46.23 -39.58 18.26
CA LEU C 68 -45.62 -38.75 17.22
C LEU C 68 -46.56 -37.63 16.75
N ARG C 69 -47.87 -37.81 16.85
CA ARG C 69 -48.73 -36.67 16.55
C ARG C 69 -48.54 -35.54 17.56
N ILE C 70 -48.44 -35.89 18.85
CA ILE C 70 -48.14 -34.90 19.89
C ILE C 70 -46.79 -34.21 19.64
N LYS C 71 -45.77 -35.00 19.28
CA LYS C 71 -44.47 -34.41 18.96
C LYS C 71 -44.53 -33.53 17.71
N GLU C 72 -45.25 -33.96 16.67
CA GLU C 72 -45.49 -33.10 15.51
C GLU C 72 -46.01 -31.73 15.95
N LYS C 73 -46.99 -31.74 16.86
CA LYS C 73 -47.52 -30.48 17.39
C LYS C 73 -46.43 -29.66 18.07
N LEU C 74 -45.75 -30.23 19.08
CA LEU C 74 -44.74 -29.45 19.81
C LEU C 74 -43.70 -28.85 18.87
N PHE C 75 -43.19 -29.67 17.95
CA PHE C 75 -42.14 -29.23 17.03
C PHE C 75 -42.60 -28.07 16.16
N LEU C 76 -43.79 -28.18 15.56
CA LEU C 76 -44.22 -27.09 14.68
C LEU C 76 -44.53 -25.84 15.49
N GLU C 77 -44.98 -26.02 16.74
CA GLU C 77 -45.22 -24.93 17.67
C GLU C 77 -43.96 -24.16 17.95
N ALA C 78 -42.83 -24.86 17.94
CA ALA C 78 -41.57 -24.22 18.26
C ALA C 78 -41.27 -23.07 17.31
N PHE C 79 -41.39 -23.31 15.99
CA PHE C 79 -41.09 -22.27 15.02
C PHE C 79 -41.88 -21.01 15.28
N LYS C 80 -43.16 -21.16 15.65
CA LYS C 80 -43.96 -19.98 15.97
C LYS C 80 -43.33 -19.25 17.15
N ALA C 81 -43.09 -19.96 18.25
CA ALA C 81 -42.51 -19.31 19.44
C ALA C 81 -41.09 -18.77 19.23
N LEU C 82 -40.44 -19.12 18.12
CA LEU C 82 -39.08 -18.64 17.90
C LEU C 82 -39.05 -17.14 17.59
N GLY C 83 -39.91 -16.69 16.69
CA GLY C 83 -39.79 -15.35 16.14
C GLY C 83 -38.63 -15.25 15.15
N GLY C 84 -38.30 -14.01 14.80
CA GLY C 84 -37.32 -13.74 13.77
C GLY C 84 -37.69 -14.30 12.40
N LYS C 85 -36.81 -14.14 11.42
CA LYS C 85 -37.08 -14.66 10.08
C LYS C 85 -36.44 -16.03 9.95
N GLY C 86 -37.08 -16.86 9.13
CA GLY C 86 -36.58 -18.19 8.87
C GLY C 86 -35.37 -18.20 7.96
N PRO C 87 -35.05 -19.37 7.43
CA PRO C 87 -35.72 -20.64 7.69
C PRO C 87 -35.15 -21.25 8.96
N TYR C 88 -35.84 -22.25 9.46
CA TYR C 88 -35.44 -23.00 10.63
C TYR C 88 -35.48 -24.49 10.34
N THR C 89 -34.55 -25.22 10.96
CA THR C 89 -34.54 -26.68 10.93
C THR C 89 -34.35 -27.16 12.35
N LEU C 90 -35.43 -27.58 13.01
CA LEU C 90 -35.37 -28.12 14.37
C LEU C 90 -35.25 -29.65 14.35
N GLN C 91 -34.21 -30.17 14.99
CA GLN C 91 -33.95 -31.61 15.08
C GLN C 91 -33.96 -32.06 16.53
N GLY C 92 -34.29 -33.33 16.71
CA GLY C 92 -34.41 -33.91 18.03
C GLY C 92 -33.95 -35.35 18.03
N LEU C 93 -33.18 -35.69 19.05
CA LEU C 93 -32.65 -37.04 19.29
C LEU C 93 -33.22 -37.45 20.63
N LEU C 94 -34.25 -38.30 20.61
CA LEU C 94 -34.88 -38.75 21.84
C LEU C 94 -34.83 -40.25 21.89
N GLY C 95 -34.37 -40.82 22.99
CA GLY C 95 -34.21 -42.26 23.05
C GLY C 95 -33.77 -42.75 24.40
N CYS C 96 -33.33 -44.00 24.44
CA CYS C 96 -32.78 -44.60 25.64
C CYS C 96 -31.92 -45.79 25.24
N GLU C 97 -30.85 -46.00 26.00
CA GLU C 97 -29.90 -47.07 25.74
C GLU C 97 -29.95 -48.09 26.85
N LEU C 98 -29.97 -49.34 26.46
CA LEU C 98 -29.86 -50.41 27.42
C LEU C 98 -28.42 -50.39 27.91
N GLY C 99 -28.24 -49.97 29.16
CA GLY C 99 -26.94 -49.98 29.76
C GLY C 99 -26.50 -51.40 30.07
N PRO C 100 -25.28 -51.54 30.61
CA PRO C 100 -24.73 -52.89 30.80
C PRO C 100 -25.53 -53.77 31.74
N ASP C 101 -26.13 -53.17 32.78
CA ASP C 101 -26.81 -53.87 33.86
C ASP C 101 -28.32 -53.69 33.83
N ASN C 102 -28.92 -53.94 32.66
CA ASN C 102 -30.35 -53.75 32.38
C ASN C 102 -30.88 -52.42 32.93
N THR C 103 -30.13 -51.35 32.67
CA THR C 103 -30.51 -50.00 33.08
C THR C 103 -30.73 -49.13 31.85
N SER C 104 -31.80 -48.31 31.91
CA SER C 104 -32.12 -47.35 30.86
C SER C 104 -31.36 -46.04 31.04
N VAL C 105 -30.65 -45.62 30.00
CA VAL C 105 -30.00 -44.31 29.96
C VAL C 105 -30.84 -43.43 29.02
N PRO C 106 -31.53 -42.41 29.49
CA PRO C 106 -32.35 -41.60 28.59
C PRO C 106 -31.45 -40.75 27.71
N THR C 107 -32.01 -40.27 26.61
CA THR C 107 -31.32 -39.33 25.72
C THR C 107 -32.33 -38.31 25.22
N ALA C 108 -32.04 -37.03 25.36
CA ALA C 108 -33.02 -36.04 24.91
C ALA C 108 -32.27 -34.75 24.55
N LYS C 109 -31.80 -34.69 23.30
CA LYS C 109 -31.02 -33.58 22.75
C LYS C 109 -31.76 -32.93 21.59
N PHE C 110 -31.58 -31.62 21.40
CA PHE C 110 -32.24 -30.88 20.33
C PHE C 110 -31.30 -29.88 19.68
N ALA C 111 -31.37 -29.80 18.35
CA ALA C 111 -30.45 -28.98 17.57
C ALA C 111 -31.20 -28.04 16.62
N LEU C 112 -30.92 -26.75 16.73
CA LEU C 112 -31.53 -25.70 15.94
C LEU C 112 -30.58 -25.22 14.86
N ASN C 113 -30.98 -25.39 13.60
CA ASN C 113 -30.16 -25.02 12.46
C ASN C 113 -28.83 -25.75 12.50
N GLY C 114 -28.84 -26.98 13.03
CA GLY C 114 -27.63 -27.78 13.05
C GLY C 114 -26.71 -27.50 14.20
N GLU C 115 -27.16 -26.71 15.17
CA GLU C 115 -26.38 -26.33 16.34
C GLU C 115 -27.10 -26.84 17.56
N GLU C 116 -26.51 -27.79 18.28
CA GLU C 116 -27.13 -28.31 19.50
C GLU C 116 -27.37 -27.22 20.54
N PHE C 117 -28.64 -26.97 20.86
CA PHE C 117 -28.99 -25.87 21.73
C PHE C 117 -29.90 -26.22 22.88
N MET C 118 -30.45 -27.44 22.95
CA MET C 118 -31.48 -27.70 23.96
C MET C 118 -31.42 -29.13 24.45
N ASN C 119 -31.86 -29.33 25.68
CA ASN C 119 -31.91 -30.66 26.21
C ASN C 119 -33.19 -30.80 27.01
N PHE C 120 -33.48 -32.00 27.46
CA PHE C 120 -34.56 -32.17 28.42
C PHE C 120 -34.00 -32.56 29.78
N ASP C 121 -34.23 -31.72 30.79
CA ASP C 121 -33.81 -32.01 32.16
C ASP C 121 -34.95 -32.81 32.76
N LEU C 122 -34.66 -34.09 33.08
CA LEU C 122 -35.68 -34.93 33.73
C LEU C 122 -36.03 -34.39 35.10
N LYS C 123 -35.04 -33.93 35.86
CA LYS C 123 -35.31 -33.20 37.10
C LYS C 123 -35.99 -31.88 36.73
N GLN C 124 -37.19 -31.64 37.26
CA GLN C 124 -38.09 -30.48 37.05
C GLN C 124 -38.88 -30.62 35.75
N GLY C 125 -38.67 -31.69 34.98
CA GLY C 125 -39.44 -31.92 33.76
C GLY C 125 -39.42 -30.77 32.80
N THR C 126 -38.28 -30.12 32.67
CA THR C 126 -38.22 -28.89 31.88
C THR C 126 -37.20 -29.00 30.76
N TRP C 127 -37.45 -28.29 29.67
CA TRP C 127 -36.43 -28.20 28.63
C TRP C 127 -35.36 -27.21 29.07
N GLY C 128 -34.11 -27.62 28.99
CA GLY C 128 -33.02 -26.76 29.40
C GLY C 128 -32.22 -26.25 28.21
N GLY C 129 -31.51 -25.14 28.43
CA GLY C 129 -30.71 -24.51 27.40
C GLY C 129 -30.53 -23.05 27.67
N ASP C 130 -29.43 -22.47 27.20
CA ASP C 130 -29.16 -21.07 27.42
C ASP C 130 -29.11 -20.25 26.15
N TRP C 131 -28.97 -20.89 24.99
CA TRP C 131 -29.19 -20.18 23.75
C TRP C 131 -30.56 -19.52 23.83
N PRO C 132 -30.73 -18.33 23.27
CA PRO C 132 -32.03 -17.66 23.41
C PRO C 132 -33.20 -18.46 22.86
N GLU C 133 -33.03 -19.09 21.70
CA GLU C 133 -34.08 -19.92 21.13
C GLU C 133 -34.45 -21.06 22.06
N ALA C 134 -33.46 -21.62 22.78
CA ALA C 134 -33.75 -22.62 23.80
C ALA C 134 -34.72 -22.08 24.83
N LEU C 135 -34.47 -20.88 25.33
CA LEU C 135 -35.40 -20.28 26.26
C LEU C 135 -36.79 -20.14 25.64
N ALA C 136 -36.90 -19.61 24.42
CA ALA C 136 -38.22 -19.39 23.84
C ALA C 136 -39.00 -20.69 23.66
N ILE C 137 -38.42 -21.62 22.89
CA ILE C 137 -39.06 -22.92 22.68
C ILE C 137 -39.35 -23.60 24.01
N SER C 138 -38.45 -23.49 24.97
CA SER C 138 -38.63 -24.18 26.23
C SER C 138 -39.81 -23.62 27.02
N GLN C 139 -39.91 -22.31 27.12
CA GLN C 139 -41.07 -21.71 27.76
C GLN C 139 -42.38 -22.11 27.06
N ARG C 140 -42.40 -22.00 25.72
CA ARG C 140 -43.59 -22.35 24.95
C ARG C 140 -44.02 -23.81 25.20
N TRP C 141 -43.06 -24.74 25.14
CA TRP C 141 -43.37 -26.15 25.42
C TRP C 141 -43.74 -26.38 26.87
N GLN C 142 -43.16 -25.60 27.80
CA GLN C 142 -43.50 -25.69 29.21
C GLN C 142 -44.95 -25.25 29.47
N GLN C 143 -45.51 -24.42 28.59
CA GLN C 143 -46.90 -23.95 28.69
C GLN C 143 -47.90 -24.85 27.95
N GLN C 144 -47.50 -26.03 27.49
CA GLN C 144 -48.43 -26.91 26.81
C GLN C 144 -49.13 -27.83 27.81
N ASP C 145 -50.05 -28.65 27.31
CA ASP C 145 -50.85 -29.61 28.09
C ASP C 145 -49.99 -30.77 28.58
N LYS C 146 -49.43 -30.61 29.79
CA LYS C 146 -48.59 -31.65 30.39
C LYS C 146 -47.54 -32.17 29.41
N ALA C 147 -47.09 -31.34 28.45
CA ALA C 147 -46.06 -31.79 27.53
C ALA C 147 -44.84 -32.27 28.27
N ALA C 148 -44.56 -31.65 29.41
CA ALA C 148 -43.49 -32.10 30.29
C ALA C 148 -43.69 -33.56 30.70
N ASN C 149 -44.90 -33.91 31.16
CA ASN C 149 -45.17 -35.28 31.62
C ASN C 149 -45.12 -36.28 30.48
N LYS C 150 -45.58 -35.89 29.30
CA LYS C 150 -45.46 -36.76 28.13
C LYS C 150 -44.00 -37.02 27.78
N GLU C 151 -43.16 -35.99 27.73
CA GLU C 151 -41.72 -36.21 27.52
C GLU C 151 -41.09 -37.04 28.64
N LEU C 152 -41.46 -36.78 29.90
CA LEU C 152 -40.91 -37.55 31.02
C LEU C 152 -41.22 -39.03 30.86
N THR C 153 -42.46 -39.35 30.51
CA THR C 153 -42.85 -40.73 30.35
C THR C 153 -42.19 -41.37 29.13
N PHE C 154 -42.09 -40.62 28.02
CA PHE C 154 -41.44 -41.18 26.85
C PHE C 154 -39.98 -41.47 27.13
N LEU C 155 -39.38 -40.79 28.10
CA LEU C 155 -37.98 -41.10 28.37
C LEU C 155 -37.80 -42.11 29.50
N LEU C 156 -38.63 -42.09 30.54
CA LEU C 156 -38.32 -42.90 31.71
C LEU C 156 -39.11 -44.20 31.79
N PHE C 157 -40.20 -44.34 31.03
CA PHE C 157 -41.01 -45.56 30.97
C PHE C 157 -41.22 -46.14 29.57
N SER C 158 -41.77 -45.34 28.65
CA SER C 158 -42.20 -45.86 27.35
C SER C 158 -41.03 -46.40 26.53
N CYS C 159 -39.95 -45.62 26.41
CA CYS C 159 -38.79 -46.07 25.65
C CYS C 159 -38.18 -47.35 26.23
N PRO C 160 -37.95 -47.48 27.54
CA PRO C 160 -37.37 -48.75 28.04
C PRO C 160 -38.24 -49.96 27.76
N HIS C 161 -39.56 -49.83 27.96
CA HIS C 161 -40.50 -50.92 27.75
C HIS C 161 -40.53 -51.32 26.27
N ARG C 162 -40.62 -50.34 25.39
CA ARG C 162 -40.58 -50.64 23.96
C ARG C 162 -39.27 -51.32 23.58
N LEU C 163 -38.16 -50.89 24.18
CA LEU C 163 -36.85 -51.48 23.89
C LEU C 163 -36.85 -52.96 24.28
N ARG C 164 -37.28 -53.27 25.52
CA ARG C 164 -37.31 -54.66 25.99
C ARG C 164 -38.11 -55.56 25.06
N GLU C 165 -39.31 -55.13 24.67
CA GLU C 165 -40.10 -55.95 23.74
C GLU C 165 -39.42 -56.13 22.38
N HIS C 166 -39.00 -55.02 21.77
CA HIS C 166 -38.38 -55.11 20.46
C HIS C 166 -37.20 -56.07 20.47
N LEU C 167 -36.58 -56.28 21.65
CA LEU C 167 -35.49 -57.27 21.70
C LEU C 167 -36.03 -58.70 21.62
N GLU C 168 -37.26 -58.95 22.07
CA GLU C 168 -37.81 -60.30 21.91
C GLU C 168 -38.23 -60.56 20.47
N ARG C 169 -39.15 -59.75 19.95
CA ARG C 169 -39.78 -60.09 18.67
C ARG C 169 -38.87 -59.93 17.45
N GLY C 170 -37.84 -59.09 17.50
CA GLY C 170 -37.03 -58.85 16.31
C GLY C 170 -35.52 -59.00 16.47
N ARG C 171 -35.07 -59.79 17.46
CA ARG C 171 -33.64 -59.99 17.71
C ARG C 171 -32.92 -60.56 16.49
N GLY C 172 -33.57 -61.47 15.77
CA GLY C 172 -32.99 -62.04 14.57
C GLY C 172 -32.67 -61.01 13.50
N ASN C 173 -33.43 -59.93 13.45
CA ASN C 173 -33.19 -58.88 12.46
C ASN C 173 -31.84 -58.20 12.70
N LEU C 174 -31.40 -58.13 13.95
CA LEU C 174 -30.18 -57.39 14.22
C LEU C 174 -28.94 -58.24 13.97
N GLU C 175 -29.04 -59.57 14.11
CA GLU C 175 -27.95 -60.52 13.91
C GLU C 175 -27.86 -61.09 12.47
N TRP C 176 -28.48 -60.41 11.49
CA TRP C 176 -28.27 -60.68 10.06
C TRP C 176 -26.77 -60.70 9.73
N LYS C 177 -26.35 -61.64 8.86
CA LYS C 177 -24.94 -61.70 8.43
C LYS C 177 -24.81 -62.02 6.94
N GLU C 178 -24.41 -61.04 6.13
CA GLU C 178 -24.17 -61.20 4.68
C GLU C 178 -22.72 -60.80 4.31
N PRO C 179 -21.90 -61.75 3.83
CA PRO C 179 -20.44 -61.47 3.63
C PRO C 179 -20.15 -60.77 2.31
N PRO C 180 -19.02 -60.03 2.22
CA PRO C 180 -18.75 -59.17 1.06
C PRO C 180 -18.20 -59.91 -0.15
N SER C 181 -18.57 -59.44 -1.35
CA SER C 181 -17.95 -59.93 -2.60
C SER C 181 -16.87 -58.95 -3.07
N MET C 182 -15.60 -59.39 -3.07
CA MET C 182 -14.41 -58.56 -3.25
C MET C 182 -13.99 -58.42 -4.70
N ARG C 183 -13.05 -57.48 -4.90
CA ARG C 183 -12.41 -57.21 -6.19
C ARG C 183 -11.25 -56.24 -5.97
N LEU C 184 -10.00 -56.70 -6.17
CA LEU C 184 -8.80 -55.87 -5.94
C LEU C 184 -8.24 -55.43 -7.29
N LYS C 185 -8.89 -54.42 -7.88
CA LYS C 185 -8.47 -53.92 -9.22
C LYS C 185 -7.22 -53.04 -9.09
N ALA C 186 -6.52 -52.80 -10.20
CA ALA C 186 -5.32 -51.93 -10.19
C ALA C 186 -5.47 -50.84 -11.25
N ARG C 187 -5.21 -49.58 -10.87
CA ARG C 187 -5.32 -48.45 -11.82
C ARG C 187 -4.00 -47.66 -11.82
N PRO C 188 -3.40 -47.36 -12.99
CA PRO C 188 -2.18 -46.56 -13.02
C PRO C 188 -2.49 -45.12 -12.62
N SER C 189 -2.03 -44.71 -11.42
CA SER C 189 -2.29 -43.34 -10.94
C SER C 189 -1.52 -42.32 -11.79
N SER C 190 -0.22 -42.54 -12.00
CA SER C 190 0.62 -41.61 -12.80
C SER C 190 1.91 -42.34 -13.19
N PRO C 191 2.63 -41.91 -14.26
CA PRO C 191 3.89 -42.55 -14.60
C PRO C 191 4.74 -42.74 -13.34
N GLY C 192 5.09 -43.99 -13.03
CA GLY C 192 5.94 -44.28 -11.86
C GLY C 192 5.14 -44.82 -10.69
N PHE C 193 3.81 -44.71 -10.73
CA PHE C 193 2.96 -45.16 -9.59
C PHE C 193 1.66 -45.77 -10.10
N SER C 194 0.97 -46.52 -9.23
CA SER C 194 -0.32 -47.15 -9.60
C SER C 194 -1.23 -47.23 -8.36
N VAL C 195 -2.50 -46.82 -8.50
CA VAL C 195 -3.45 -46.87 -7.36
C VAL C 195 -4.19 -48.22 -7.37
N LEU C 196 -4.08 -49.00 -6.28
CA LEU C 196 -4.78 -50.31 -6.19
C LEU C 196 -6.12 -50.10 -5.47
N THR C 197 -7.22 -50.53 -6.08
CA THR C 197 -8.55 -50.30 -5.46
C THR C 197 -9.14 -51.63 -5.02
N CYS C 198 -9.38 -51.77 -3.71
CA CYS C 198 -9.99 -52.99 -3.18
C CYS C 198 -11.42 -52.67 -2.82
N SER C 199 -12.37 -53.44 -3.34
CA SER C 199 -13.78 -53.08 -3.28
C SER C 199 -14.59 -54.23 -2.69
N ALA C 200 -15.17 -54.00 -1.50
CA ALA C 200 -16.17 -54.88 -0.89
C ALA C 200 -17.57 -54.40 -1.27
N PHE C 201 -18.42 -55.31 -1.77
CA PHE C 201 -19.61 -54.89 -2.49
C PHE C 201 -20.95 -55.05 -1.80
N SER C 202 -21.27 -56.17 -1.16
CA SER C 202 -22.59 -56.27 -0.52
C SER C 202 -22.41 -57.03 0.79
N PHE C 203 -22.58 -56.34 1.91
CA PHE C 203 -22.34 -57.02 3.18
C PHE C 203 -23.16 -56.39 4.29
N TYR C 204 -23.26 -57.13 5.39
CA TYR C 204 -23.92 -56.73 6.64
C TYR C 204 -23.39 -57.66 7.72
N PRO C 205 -23.00 -57.17 8.91
CA PRO C 205 -23.15 -55.84 9.49
C PRO C 205 -22.20 -54.87 8.80
N PRO C 206 -22.27 -53.56 9.06
CA PRO C 206 -21.44 -52.63 8.28
C PRO C 206 -19.96 -52.70 8.59
N GLU C 207 -19.55 -53.31 9.71
CA GLU C 207 -18.16 -53.27 10.15
C GLU C 207 -17.31 -54.20 9.28
N LEU C 208 -16.44 -53.61 8.44
CA LEU C 208 -15.53 -54.34 7.57
C LEU C 208 -14.20 -53.64 7.58
N GLN C 209 -13.11 -54.41 7.72
CA GLN C 209 -11.77 -53.82 7.77
C GLN C 209 -10.92 -54.32 6.62
N LEU C 210 -10.35 -53.38 5.89
CA LEU C 210 -9.49 -53.72 4.78
C LEU C 210 -8.05 -53.40 5.15
N ARG C 211 -7.14 -54.21 4.63
CA ARG C 211 -5.73 -54.05 4.95
C ARG C 211 -4.99 -54.47 3.70
N PHE C 212 -4.08 -53.67 3.23
CA PHE C 212 -3.21 -54.11 2.15
C PHE C 212 -2.02 -54.88 2.72
N LEU C 213 -1.55 -55.90 1.97
CA LEU C 213 -0.32 -56.64 2.27
C LEU C 213 0.64 -56.54 1.10
N ARG C 214 1.93 -56.30 1.45
CA ARG C 214 3.08 -56.16 0.57
C ARG C 214 3.97 -57.40 0.64
N ASN C 215 3.81 -58.30 -0.34
CA ASN C 215 4.61 -59.55 -0.37
C ASN C 215 4.52 -60.20 1.02
N GLY C 216 3.31 -60.24 1.59
CA GLY C 216 3.11 -60.84 2.91
C GLY C 216 3.53 -60.04 4.12
N LEU C 217 4.14 -58.86 3.94
CA LEU C 217 4.49 -57.98 5.04
C LEU C 217 3.33 -57.01 5.30
N ALA C 218 3.36 -56.35 6.46
CA ALA C 218 2.28 -55.44 6.79
C ALA C 218 2.40 -54.19 5.92
N ALA C 219 1.33 -53.84 5.22
CA ALA C 219 1.21 -52.55 4.57
C ALA C 219 0.05 -51.77 5.16
N GLY C 220 -0.08 -50.50 4.80
CA GLY C 220 -1.11 -49.66 5.42
C GLY C 220 -2.39 -49.61 4.61
N THR C 221 -3.54 -49.75 5.27
CA THR C 221 -4.83 -49.61 4.56
C THR C 221 -4.92 -48.17 4.10
N GLY C 222 -5.29 -47.95 2.83
CA GLY C 222 -5.29 -46.58 2.30
C GLY C 222 -6.63 -45.89 2.45
N GLN C 223 -6.82 -44.78 1.74
CA GLN C 223 -8.08 -43.99 1.85
C GLN C 223 -9.31 -44.89 1.66
N GLY C 224 -10.10 -45.08 2.71
CA GLY C 224 -11.32 -45.86 2.60
C GLY C 224 -12.58 -45.00 2.63
N ASP C 225 -13.48 -45.29 1.69
CA ASP C 225 -14.82 -44.68 1.61
C ASP C 225 -15.89 -45.76 1.67
N PHE C 226 -17.01 -45.41 2.29
CA PHE C 226 -17.95 -46.41 2.78
C PHE C 226 -19.36 -45.83 2.75
N GLY C 227 -20.33 -46.66 2.36
CA GLY C 227 -21.70 -46.20 2.18
C GLY C 227 -22.76 -47.29 2.13
N PRO C 228 -24.03 -46.90 2.07
CA PRO C 228 -25.11 -47.91 2.09
C PRO C 228 -25.67 -48.28 0.72
N ASN C 229 -26.57 -49.27 0.73
CA ASN C 229 -27.24 -49.74 -0.46
C ASN C 229 -28.74 -49.71 -0.24
N SER C 230 -29.48 -49.82 -1.35
CA SER C 230 -30.94 -49.78 -1.24
C SER C 230 -31.49 -50.88 -0.35
N ASP C 231 -30.79 -52.03 -0.24
CA ASP C 231 -31.33 -53.17 0.51
C ASP C 231 -30.74 -53.29 1.90
N GLY C 232 -30.15 -52.22 2.43
CA GLY C 232 -29.56 -52.32 3.75
C GLY C 232 -28.18 -52.94 3.78
N SER C 233 -27.72 -53.52 2.67
CA SER C 233 -26.33 -53.92 2.59
C SER C 233 -25.44 -52.69 2.34
N PHE C 234 -24.15 -52.90 2.49
CA PHE C 234 -23.17 -51.82 2.46
C PHE C 234 -22.10 -52.07 1.41
N HIS C 235 -21.45 -50.97 1.03
CA HIS C 235 -20.33 -51.03 0.05
C HIS C 235 -19.16 -50.24 0.63
N ALA C 236 -17.96 -50.79 0.53
CA ALA C 236 -16.74 -50.16 1.03
C ALA C 236 -15.66 -50.29 -0.02
N SER C 237 -14.74 -49.33 -0.06
CA SER C 237 -13.65 -49.41 -1.02
C SER C 237 -12.48 -48.60 -0.48
N SER C 238 -11.28 -49.15 -0.63
CA SER C 238 -10.06 -48.53 -0.16
C SER C 238 -9.08 -48.39 -1.32
N SER C 239 -8.31 -47.30 -1.31
CA SER C 239 -7.30 -47.13 -2.36
C SER C 239 -5.92 -46.99 -1.73
N LEU C 240 -4.91 -47.41 -2.52
CA LEU C 240 -3.49 -47.33 -2.14
C LEU C 240 -2.65 -47.02 -3.37
N THR C 241 -1.64 -46.17 -3.20
CA THR C 241 -0.76 -45.74 -4.28
C THR C 241 0.56 -46.51 -4.13
N VAL C 242 0.82 -47.44 -5.05
CA VAL C 242 2.04 -48.24 -5.03
C VAL C 242 2.80 -48.02 -6.34
N LYS C 243 4.10 -48.32 -6.23
CA LYS C 243 5.03 -48.11 -7.37
C LYS C 243 4.53 -48.82 -8.63
N SER C 244 4.78 -48.20 -9.77
CA SER C 244 4.40 -48.78 -11.05
C SER C 244 5.20 -50.05 -11.32
N GLY C 245 4.50 -51.15 -11.63
CA GLY C 245 5.14 -52.43 -11.81
C GLY C 245 5.19 -53.32 -10.59
N ASP C 246 4.93 -52.73 -9.42
CA ASP C 246 4.87 -53.51 -8.16
C ASP C 246 3.39 -53.69 -7.81
N GLU C 247 2.52 -53.64 -8.83
CA GLU C 247 1.07 -53.86 -8.60
C GLU C 247 0.90 -55.26 -8.00
N HIS C 248 1.67 -56.23 -8.49
CA HIS C 248 1.63 -57.61 -7.94
C HIS C 248 2.37 -57.61 -6.60
N HIS C 249 2.48 -58.77 -5.95
CA HIS C 249 3.09 -58.82 -4.58
C HIS C 249 2.20 -58.02 -3.63
N TYR C 250 0.93 -57.86 -4.00
CA TYR C 250 -0.04 -57.10 -3.16
C TYR C 250 -1.32 -57.90 -3.02
N CYS C 251 -1.73 -58.15 -1.76
CA CYS C 251 -2.97 -58.92 -1.52
C CYS C 251 -3.86 -58.16 -0.53
N CYS C 252 -5.12 -57.91 -0.89
CA CYS C 252 -6.00 -57.18 -0.01
C CYS C 252 -6.63 -58.17 0.95
N ILE C 253 -6.39 -57.99 2.24
CA ILE C 253 -6.98 -58.86 3.26
C ILE C 253 -8.19 -58.15 3.87
N VAL C 254 -9.35 -58.78 3.75
CA VAL C 254 -10.64 -58.24 4.20
C VAL C 254 -11.11 -59.06 5.38
N GLN C 255 -11.60 -58.37 6.42
CA GLN C 255 -12.08 -59.06 7.64
C GLN C 255 -13.53 -58.61 7.92
N HIS C 256 -14.50 -59.47 7.62
CA HIS C 256 -15.92 -59.14 7.86
C HIS C 256 -16.55 -60.27 8.70
N ALA C 257 -17.65 -59.97 9.40
CA ALA C 257 -18.31 -60.97 10.26
C ALA C 257 -18.70 -62.20 9.43
N GLY C 258 -19.03 -61.98 8.14
CA GLY C 258 -19.43 -63.10 7.26
C GLY C 258 -18.36 -64.16 7.16
N LEU C 259 -17.08 -63.76 7.09
CA LEU C 259 -15.98 -64.74 6.92
C LEU C 259 -15.22 -64.91 8.24
N ALA C 260 -15.22 -66.12 8.81
CA ALA C 260 -14.48 -66.38 10.06
C ALA C 260 -12.98 -66.26 9.80
N GLN C 261 -12.49 -66.93 8.75
CA GLN C 261 -11.05 -66.82 8.39
C GLN C 261 -10.86 -65.60 7.47
N PRO C 262 -9.92 -64.68 7.74
CA PRO C 262 -9.79 -63.47 6.94
C PRO C 262 -9.53 -63.82 5.47
N LEU C 263 -10.22 -63.11 4.58
CA LEU C 263 -10.14 -63.45 3.17
C LEU C 263 -8.99 -62.71 2.50
N ARG C 264 -8.32 -63.37 1.55
CA ARG C 264 -7.20 -62.74 0.81
C ARG C 264 -7.65 -62.49 -0.64
N VAL C 265 -7.56 -61.23 -1.10
CA VAL C 265 -7.97 -60.89 -2.49
C VAL C 265 -6.73 -60.59 -3.31
N GLU C 266 -6.73 -60.93 -4.60
CA GLU C 266 -5.55 -60.71 -5.46
C GLU C 266 -5.96 -59.95 -6.72
N LEU C 267 -4.99 -59.32 -7.41
CA LEU C 267 -5.28 -58.53 -8.62
C LEU C 267 -5.88 -59.44 -9.70
N GLU C 268 -6.82 -58.91 -10.49
CA GLU C 268 -7.48 -59.73 -11.56
C GLU C 268 -6.99 -59.26 -12.93
N SER C 269 -6.64 -60.20 -13.81
CA SER C 269 -6.15 -59.84 -15.16
C SER C 269 -7.34 -59.49 -16.07
N ILE D 1 -25.42 -23.97 11.80
CA ILE D 1 -24.26 -23.98 10.87
C ILE D 1 -24.72 -24.47 9.50
N GLN D 2 -23.88 -24.31 8.48
CA GLN D 2 -24.22 -24.79 7.11
C GLN D 2 -23.11 -25.76 6.68
N ARG D 3 -23.45 -27.02 6.43
CA ARG D 3 -22.41 -28.04 6.11
C ARG D 3 -22.46 -28.40 4.62
N THR D 4 -21.30 -28.38 3.95
CA THR D 4 -21.22 -28.76 2.51
C THR D 4 -21.38 -30.27 2.39
N PRO D 5 -22.04 -30.79 1.33
CA PRO D 5 -22.29 -32.23 1.21
C PRO D 5 -21.10 -33.08 0.72
N LYS D 6 -20.99 -34.32 1.18
CA LYS D 6 -19.95 -35.25 0.74
C LYS D 6 -20.60 -36.28 -0.19
N ILE D 7 -20.12 -36.38 -1.42
CA ILE D 7 -20.79 -37.16 -2.47
C ILE D 7 -19.94 -38.36 -2.87
N GLN D 8 -20.50 -39.58 -2.75
CA GLN D 8 -19.82 -40.79 -3.21
C GLN D 8 -20.72 -41.56 -4.17
N VAL D 9 -20.17 -42.01 -5.29
CA VAL D 9 -20.93 -42.75 -6.30
C VAL D 9 -20.30 -44.11 -6.48
N TYR D 10 -21.10 -45.17 -6.31
CA TYR D 10 -20.63 -46.54 -6.44
C TYR D 10 -21.77 -47.43 -6.92
N SER D 11 -21.46 -48.68 -7.23
CA SER D 11 -22.43 -49.64 -7.72
C SER D 11 -22.72 -50.71 -6.66
N ARG D 12 -23.92 -51.29 -6.74
CA ARG D 12 -24.39 -52.18 -5.66
C ARG D 12 -23.64 -53.50 -5.60
N HIS D 13 -23.42 -54.14 -6.74
CA HIS D 13 -22.69 -55.40 -6.89
C HIS D 13 -21.55 -55.20 -7.88
N PRO D 14 -20.50 -56.01 -7.80
CA PRO D 14 -19.26 -55.71 -8.51
C PRO D 14 -19.50 -55.32 -9.96
N ALA D 15 -18.96 -54.15 -10.34
CA ALA D 15 -19.23 -53.54 -11.64
C ALA D 15 -18.93 -54.53 -12.74
N GLU D 16 -19.95 -55.03 -13.41
CA GLU D 16 -19.71 -55.93 -14.52
C GLU D 16 -20.57 -55.49 -15.69
N ASN D 17 -19.93 -55.35 -16.86
CA ASN D 17 -20.60 -54.89 -18.07
C ASN D 17 -21.68 -55.86 -18.53
N GLY D 18 -22.80 -55.30 -19.00
CA GLY D 18 -23.86 -56.12 -19.52
C GLY D 18 -24.72 -56.76 -18.48
N LYS D 19 -24.42 -56.56 -17.20
CA LYS D 19 -25.10 -57.23 -16.10
C LYS D 19 -25.81 -56.20 -15.24
N SER D 20 -27.10 -56.42 -14.98
CA SER D 20 -27.89 -55.42 -14.27
C SER D 20 -27.36 -55.24 -12.85
N ASN D 21 -27.30 -53.98 -12.42
CA ASN D 21 -26.73 -53.56 -11.15
C ASN D 21 -27.49 -52.33 -10.68
N PHE D 22 -26.99 -51.69 -9.65
CA PHE D 22 -27.62 -50.49 -9.13
C PHE D 22 -26.54 -49.43 -9.00
N LEU D 23 -26.84 -48.23 -9.50
CA LEU D 23 -25.97 -47.10 -9.28
C LEU D 23 -26.51 -46.36 -8.06
N ASN D 24 -25.65 -46.17 -7.06
CA ASN D 24 -25.97 -45.42 -5.86
C ASN D 24 -25.11 -44.16 -5.85
N CYS D 25 -25.75 -43.03 -5.50
CA CYS D 25 -25.10 -41.78 -5.17
C CYS D 25 -25.47 -41.44 -3.72
N TYR D 26 -24.49 -41.57 -2.83
CA TYR D 26 -24.69 -41.36 -1.40
C TYR D 26 -24.20 -39.96 -1.02
N VAL D 27 -25.14 -39.10 -0.61
CA VAL D 27 -24.81 -37.74 -0.20
C VAL D 27 -24.91 -37.65 1.32
N SER D 28 -23.87 -37.15 1.97
CA SER D 28 -23.85 -37.25 3.43
C SER D 28 -23.24 -36.01 4.09
N GLY D 29 -23.56 -35.85 5.36
CA GLY D 29 -22.99 -34.77 6.15
C GLY D 29 -23.35 -33.36 5.73
N PHE D 30 -24.57 -33.15 5.28
CA PHE D 30 -24.94 -31.81 4.83
C PHE D 30 -25.97 -31.20 5.78
N HIS D 31 -26.14 -29.86 5.68
CA HIS D 31 -27.06 -29.07 6.47
C HIS D 31 -27.22 -27.65 5.93
N PRO D 32 -28.43 -27.19 5.60
CA PRO D 32 -29.76 -27.75 5.83
C PRO D 32 -30.19 -28.96 4.99
N SER D 33 -31.48 -29.30 5.15
CA SER D 33 -32.02 -30.59 4.71
C SER D 33 -32.28 -30.64 3.21
N ASP D 34 -32.69 -29.51 2.62
CA ASP D 34 -33.00 -29.47 1.18
C ASP D 34 -31.75 -29.70 0.37
N ILE D 35 -31.75 -30.73 -0.46
CA ILE D 35 -30.62 -31.02 -1.31
C ILE D 35 -31.19 -31.49 -2.63
N GLU D 36 -30.43 -31.28 -3.69
CA GLU D 36 -30.87 -31.58 -5.05
C GLU D 36 -29.91 -32.59 -5.65
N VAL D 37 -30.36 -33.83 -5.85
CA VAL D 37 -29.51 -34.87 -6.40
C VAL D 37 -30.13 -35.37 -7.68
N ASP D 38 -29.30 -35.49 -8.73
CA ASP D 38 -29.66 -36.03 -10.03
C ASP D 38 -28.62 -37.07 -10.42
N LEU D 39 -29.07 -38.28 -10.71
CA LEU D 39 -28.17 -39.20 -11.39
C LEU D 39 -28.17 -38.86 -12.88
N LEU D 40 -27.03 -39.10 -13.54
CA LEU D 40 -26.84 -38.70 -14.93
C LEU D 40 -26.26 -39.83 -15.76
N LYS D 41 -26.89 -40.08 -16.91
CA LYS D 41 -26.47 -41.07 -17.91
C LYS D 41 -25.92 -40.29 -19.11
N ASN D 42 -24.59 -40.20 -19.20
CA ASN D 42 -23.90 -39.46 -20.26
C ASN D 42 -24.36 -38.01 -20.31
N GLY D 43 -24.76 -37.46 -19.16
CA GLY D 43 -25.23 -36.09 -19.06
C GLY D 43 -26.73 -35.88 -19.03
N GLU D 44 -27.52 -36.91 -18.72
CA GLU D 44 -28.98 -36.82 -18.74
C GLU D 44 -29.61 -37.33 -17.45
N ARG D 45 -30.57 -36.55 -16.92
CA ARG D 45 -31.28 -36.93 -15.71
C ARG D 45 -32.13 -38.16 -15.97
N ILE D 46 -31.87 -39.22 -15.21
CA ILE D 46 -32.65 -40.45 -15.34
C ILE D 46 -33.93 -40.24 -14.54
N GLU D 47 -35.08 -40.36 -15.22
CA GLU D 47 -36.36 -40.09 -14.60
C GLU D 47 -36.73 -41.20 -13.60
N LYS D 48 -36.22 -42.42 -13.84
CA LYS D 48 -36.44 -43.54 -12.93
C LYS D 48 -35.30 -43.57 -11.91
N VAL D 49 -35.35 -42.65 -10.95
CA VAL D 49 -34.37 -42.57 -9.86
C VAL D 49 -35.15 -42.56 -8.55
N GLU D 50 -34.79 -43.47 -7.64
CA GLU D 50 -35.43 -43.61 -6.34
C GLU D 50 -34.41 -43.31 -5.24
N HIS D 51 -34.87 -42.80 -4.10
CA HIS D 51 -33.99 -42.47 -2.99
C HIS D 51 -34.53 -42.99 -1.66
N SER D 52 -33.76 -42.74 -0.62
CA SER D 52 -34.16 -43.10 0.73
C SER D 52 -34.79 -41.91 1.43
N ASP D 53 -35.08 -42.11 2.71
CA ASP D 53 -35.58 -41.07 3.61
C ASP D 53 -34.42 -40.19 4.05
N LEU D 54 -34.65 -38.88 4.05
CA LEU D 54 -33.73 -37.97 4.73
C LEU D 54 -33.52 -38.36 6.19
N SER D 55 -32.34 -38.83 6.55
CA SER D 55 -32.03 -39.06 7.95
C SER D 55 -30.83 -38.21 8.31
N PHE D 56 -30.49 -38.19 9.58
CA PHE D 56 -29.29 -37.51 10.00
C PHE D 56 -28.45 -38.45 10.86
N SER D 57 -27.17 -38.13 10.93
CA SER D 57 -26.20 -38.86 11.71
C SER D 57 -26.04 -38.16 13.05
N LYS D 58 -25.07 -38.62 13.85
CA LYS D 58 -24.91 -38.15 15.24
C LYS D 58 -24.55 -36.67 15.35
N ASP D 59 -23.86 -36.07 14.36
CA ASP D 59 -23.51 -34.64 14.39
C ASP D 59 -24.61 -33.74 13.84
N TRP D 60 -25.83 -34.26 13.65
CA TRP D 60 -27.03 -33.59 13.16
C TRP D 60 -26.98 -33.25 11.65
N SER D 61 -26.01 -33.78 10.93
CA SER D 61 -25.94 -33.56 9.50
C SER D 61 -26.70 -34.67 8.77
N PHE D 62 -27.39 -34.29 7.69
CA PHE D 62 -28.24 -35.18 6.93
C PHE D 62 -27.47 -36.08 5.97
N TYR D 63 -28.06 -37.24 5.66
CA TYR D 63 -27.51 -38.17 4.68
C TYR D 63 -28.64 -38.83 3.90
N LEU D 64 -28.33 -39.20 2.66
CA LEU D 64 -29.29 -39.62 1.67
C LEU D 64 -28.67 -40.66 0.76
N LEU D 65 -29.48 -41.61 0.32
CA LEU D 65 -29.02 -42.57 -0.69
C LEU D 65 -29.94 -42.45 -1.90
N TYR D 66 -29.41 -41.98 -3.02
CA TYR D 66 -30.13 -42.07 -4.29
C TYR D 66 -29.65 -43.31 -5.02
N TYR D 67 -30.56 -44.03 -5.67
CA TYR D 67 -30.16 -45.24 -6.35
C TYR D 67 -31.07 -45.44 -7.56
N THR D 68 -30.56 -46.19 -8.53
CA THR D 68 -31.33 -46.52 -9.71
C THR D 68 -30.79 -47.84 -10.23
N GLU D 69 -31.64 -48.61 -10.89
CA GLU D 69 -31.19 -49.83 -11.54
C GLU D 69 -30.55 -49.44 -12.88
N PHE D 70 -29.51 -50.14 -13.28
CA PHE D 70 -28.86 -49.81 -14.55
C PHE D 70 -28.09 -51.02 -15.05
N THR D 71 -27.61 -50.93 -16.29
CA THR D 71 -26.74 -51.97 -16.85
C THR D 71 -25.50 -51.34 -17.47
N PRO D 72 -24.30 -51.65 -16.96
CA PRO D 72 -23.09 -51.00 -17.44
C PRO D 72 -22.76 -51.49 -18.83
N THR D 73 -22.30 -50.58 -19.69
CA THR D 73 -21.80 -50.95 -21.00
C THR D 73 -20.29 -50.74 -21.05
N GLU D 74 -19.69 -51.07 -22.19
CA GLU D 74 -18.28 -50.75 -22.39
C GLU D 74 -18.10 -49.23 -22.53
N LYS D 75 -18.87 -48.61 -23.42
CA LYS D 75 -18.81 -47.18 -23.70
C LYS D 75 -20.03 -46.51 -23.07
N ASP D 76 -19.80 -45.89 -21.90
CA ASP D 76 -20.91 -45.24 -21.14
C ASP D 76 -20.29 -44.57 -19.92
N GLU D 77 -20.92 -43.49 -19.44
CA GLU D 77 -20.42 -42.77 -18.28
C GLU D 77 -21.62 -42.35 -17.46
N TYR D 78 -21.62 -42.73 -16.18
CA TYR D 78 -22.65 -42.30 -15.27
C TYR D 78 -22.03 -41.42 -14.18
N ALA D 79 -22.81 -40.43 -13.76
CA ALA D 79 -22.31 -39.48 -12.78
C ALA D 79 -23.47 -39.00 -11.91
N CYS D 80 -23.14 -38.13 -10.95
CA CYS D 80 -24.09 -37.63 -9.96
C CYS D 80 -23.89 -36.14 -9.82
N ARG D 81 -24.98 -35.39 -10.04
CA ARG D 81 -25.07 -33.94 -9.87
C ARG D 81 -25.70 -33.64 -8.53
N VAL D 82 -25.01 -32.88 -7.70
CA VAL D 82 -25.59 -32.47 -6.43
C VAL D 82 -25.52 -30.96 -6.36
N ASN D 83 -26.62 -30.35 -5.97
CA ASN D 83 -26.68 -28.93 -5.67
C ASN D 83 -27.24 -28.76 -4.26
N HIS D 84 -26.59 -27.89 -3.51
CA HIS D 84 -26.96 -27.61 -2.14
C HIS D 84 -26.70 -26.13 -1.92
N VAL D 85 -27.31 -25.59 -0.86
CA VAL D 85 -27.15 -24.17 -0.55
C VAL D 85 -25.69 -23.76 -0.42
N THR D 86 -24.81 -24.68 -0.02
CA THR D 86 -23.40 -24.41 0.22
C THR D 86 -22.53 -24.44 -1.04
N LEU D 87 -23.06 -24.88 -2.17
CA LEU D 87 -22.32 -24.98 -3.41
C LEU D 87 -22.68 -23.81 -4.34
N SER D 88 -21.66 -23.05 -4.76
CA SER D 88 -21.85 -21.96 -5.72
C SER D 88 -22.46 -22.46 -7.03
N GLN D 89 -21.78 -23.42 -7.67
CA GLN D 89 -22.18 -24.20 -8.83
C GLN D 89 -22.43 -25.66 -8.44
N PRO D 90 -23.39 -26.33 -9.07
CA PRO D 90 -23.61 -27.75 -8.79
C PRO D 90 -22.34 -28.58 -8.94
N LYS D 91 -22.04 -29.40 -7.94
CA LYS D 91 -20.91 -30.32 -8.04
C LYS D 91 -21.30 -31.58 -8.81
N ILE D 92 -20.31 -32.16 -9.48
CA ILE D 92 -20.49 -33.37 -10.28
C ILE D 92 -19.45 -34.41 -9.87
N VAL D 93 -19.86 -35.68 -9.80
CA VAL D 93 -18.95 -36.77 -9.48
C VAL D 93 -19.21 -37.93 -10.42
N LYS D 94 -18.15 -38.42 -11.06
CA LYS D 94 -18.24 -39.56 -11.97
C LYS D 94 -18.07 -40.89 -11.25
N TRP D 95 -18.69 -41.91 -11.81
CA TRP D 95 -18.59 -43.27 -11.29
C TRP D 95 -17.45 -43.99 -11.99
N ASP D 96 -16.33 -44.15 -11.30
CA ASP D 96 -15.28 -45.07 -11.76
C ASP D 96 -15.61 -46.49 -11.30
N ARG D 97 -15.44 -47.46 -12.22
CA ARG D 97 -15.73 -48.87 -11.95
C ARG D 97 -14.89 -49.48 -10.84
N ASP D 98 -13.88 -48.75 -10.34
CA ASP D 98 -13.10 -49.22 -9.19
C ASP D 98 -14.01 -49.55 -8.01
N MET D 99 -14.78 -48.56 -7.57
CA MET D 99 -15.81 -48.68 -6.57
C MET D 99 -17.12 -49.22 -7.16
N HIS E 4 26.86 38.75 11.96
CA HIS E 4 27.41 39.99 12.55
C HIS E 4 28.21 40.75 11.50
N LEU E 5 29.33 41.36 11.91
CA LEU E 5 30.15 42.16 10.96
C LEU E 5 30.67 41.24 9.85
N SER E 6 30.68 41.73 8.61
CA SER E 6 31.15 40.93 7.46
C SER E 6 31.95 41.80 6.49
N LEU E 7 33.19 41.43 6.20
CA LEU E 7 34.00 42.18 5.20
C LEU E 7 33.85 41.45 3.86
N LEU E 8 33.27 42.11 2.85
CA LEU E 8 33.02 41.40 1.57
C LEU E 8 33.59 42.15 0.38
N TYR E 9 34.09 41.41 -0.62
CA TYR E 9 34.64 42.01 -1.83
C TYR E 9 33.82 41.57 -3.03
N HIS E 10 33.40 42.55 -3.81
CA HIS E 10 32.56 42.37 -4.99
C HIS E 10 33.44 42.60 -6.21
N LEU E 11 33.87 41.51 -6.82
CA LEU E 11 34.79 41.55 -7.95
C LEU E 11 34.03 41.32 -9.25
N THR E 12 34.34 42.10 -10.28
CA THR E 12 33.71 41.94 -11.59
C THR E 12 34.72 42.12 -12.70
N ALA E 13 34.76 41.15 -13.57
CA ALA E 13 35.55 41.21 -14.77
C ALA E 13 34.61 41.08 -15.96
N VAL E 14 34.85 41.87 -16.98
CA VAL E 14 34.11 41.79 -18.24
C VAL E 14 35.10 41.46 -19.33
N SER E 15 34.75 40.49 -20.18
CA SER E 15 35.67 39.99 -21.21
C SER E 15 35.82 41.00 -22.35
N SER E 16 34.75 41.76 -22.63
CA SER E 16 34.73 42.81 -23.64
C SER E 16 34.33 44.11 -22.94
N PRO E 17 35.27 44.79 -22.29
CA PRO E 17 34.90 46.00 -21.54
C PRO E 17 34.52 47.13 -22.48
N ALA E 18 33.75 48.08 -21.94
CA ALA E 18 33.40 49.26 -22.71
C ALA E 18 34.66 50.10 -22.96
N PRO E 19 34.62 51.01 -23.93
CA PRO E 19 35.79 51.89 -24.16
C PRO E 19 36.08 52.80 -22.97
N GLY E 20 37.35 52.81 -22.54
CA GLY E 20 37.74 53.65 -21.43
C GLY E 20 37.25 53.19 -20.07
N THR E 21 36.58 52.04 -20.00
CA THR E 21 36.01 51.27 -18.91
C THR E 21 37.01 50.22 -18.41
N PRO E 22 37.10 50.08 -17.10
CA PRO E 22 37.92 49.01 -16.53
C PRO E 22 37.33 47.65 -16.89
N ALA E 23 38.20 46.74 -17.33
CA ALA E 23 37.77 45.36 -17.51
C ALA E 23 37.72 44.61 -16.19
N PHE E 24 37.98 45.29 -15.07
CA PHE E 24 37.95 44.66 -13.77
C PHE E 24 37.77 45.74 -12.70
N TRP E 25 36.94 45.44 -11.72
CA TRP E 25 36.76 46.38 -10.62
C TRP E 25 36.23 45.65 -9.39
N VAL E 26 36.59 46.17 -8.22
CA VAL E 26 36.24 45.59 -6.93
C VAL E 26 35.60 46.67 -6.08
N SER E 27 34.61 46.29 -5.26
CA SER E 27 34.10 47.15 -4.19
C SER E 27 34.13 46.36 -2.89
N GLY E 28 34.89 46.85 -1.93
CA GLY E 28 34.99 46.21 -0.63
C GLY E 28 34.02 46.85 0.35
N TRP E 29 33.37 46.01 1.14
CA TRP E 29 32.26 46.42 1.98
C TRP E 29 32.48 45.94 3.41
N LEU E 30 32.36 46.85 4.37
CA LEU E 30 32.29 46.50 5.80
C LEU E 30 30.81 46.57 6.17
N GLY E 31 30.20 45.41 6.36
CA GLY E 31 28.77 45.37 6.56
C GLY E 31 28.05 45.96 5.36
N PRO E 32 27.18 46.98 5.59
CA PRO E 32 26.49 47.62 4.46
C PRO E 32 27.11 48.95 4.02
N GLN E 33 28.41 49.13 4.28
CA GLN E 33 29.10 50.39 4.07
C GLN E 33 30.27 50.19 3.12
N GLN E 34 30.32 50.93 2.03
CA GLN E 34 31.45 50.76 1.13
C GLN E 34 32.69 51.42 1.69
N TYR E 35 33.75 50.63 1.85
CA TYR E 35 34.99 51.18 2.34
C TYR E 35 36.11 51.11 1.32
N LEU E 36 36.07 50.19 0.36
CA LEU E 36 37.15 50.00 -0.59
C LEU E 36 36.65 50.26 -2.00
N SER E 37 37.58 50.52 -2.91
CA SER E 37 37.33 50.62 -4.34
C SER E 37 38.61 50.29 -5.12
N TYR E 38 38.47 49.58 -6.24
CA TYR E 38 39.61 49.24 -7.09
C TYR E 38 39.16 49.29 -8.55
N ASN E 39 40.11 49.42 -9.47
CA ASN E 39 39.80 49.14 -10.87
C ASN E 39 41.10 48.85 -11.61
N SER E 40 40.96 48.26 -12.81
CA SER E 40 42.12 47.94 -13.64
C SER E 40 42.79 49.22 -14.16
N LEU E 41 41.99 50.25 -14.42
CA LEU E 41 42.55 51.51 -14.92
C LEU E 41 43.50 52.13 -13.92
N ARG E 42 42.96 52.55 -12.76
CA ARG E 42 43.78 53.18 -11.72
C ARG E 42 44.76 52.20 -11.08
N GLY E 43 44.44 50.91 -11.15
CA GLY E 43 45.29 49.87 -10.62
C GLY E 43 45.64 50.12 -9.18
N GLU E 44 44.80 50.90 -8.49
CA GLU E 44 45.05 51.34 -7.11
C GLU E 44 43.77 51.34 -6.29
N ALA E 45 43.86 50.75 -5.09
CA ALA E 45 42.77 50.60 -4.14
C ALA E 45 42.71 51.83 -3.24
N GLU E 46 41.63 52.63 -3.36
CA GLU E 46 41.44 53.87 -2.62
C GLU E 46 40.25 53.74 -1.68
N PRO E 47 40.32 54.30 -0.46
CA PRO E 47 39.14 54.27 0.43
C PRO E 47 38.01 55.17 -0.03
N CYS E 48 36.83 54.88 0.53
CA CYS E 48 35.59 55.57 0.20
C CYS E 48 34.97 56.16 1.46
N GLY E 49 34.06 57.10 1.22
CA GLY E 49 33.27 57.69 2.31
C GLY E 49 34.16 58.18 3.44
N ALA E 50 33.84 57.76 4.67
CA ALA E 50 34.54 58.23 5.86
C ALA E 50 35.70 57.33 6.26
N TRP E 51 36.11 56.44 5.40
CA TRP E 51 37.26 55.60 5.66
C TRP E 51 38.54 56.24 5.16
N VAL E 52 38.45 57.45 4.61
CA VAL E 52 39.65 58.18 4.25
C VAL E 52 40.29 58.81 5.49
N TRP E 53 39.52 58.95 6.59
CA TRP E 53 40.06 59.58 7.79
C TRP E 53 40.51 58.56 8.84
N GLU E 54 40.26 57.27 8.67
CA GLU E 54 40.71 56.31 9.68
C GLU E 54 42.22 56.14 9.61
N ASN E 55 42.85 56.12 10.78
CA ASN E 55 44.30 55.98 10.84
C ASN E 55 44.65 54.54 10.49
N GLN E 56 45.39 54.35 9.40
CA GLN E 56 45.82 53.03 8.97
C GLN E 56 47.31 53.04 8.63
N VAL E 57 47.96 51.88 8.87
CA VAL E 57 49.37 51.74 8.51
C VAL E 57 49.55 52.13 7.04
N SER E 58 50.67 52.80 6.73
CA SER E 58 50.85 53.32 5.37
C SER E 58 50.91 52.19 4.34
N TRP E 59 51.54 51.06 4.71
CA TRP E 59 51.63 49.92 3.82
C TRP E 59 50.28 49.24 3.59
N TYR E 60 49.31 49.44 4.50
CA TYR E 60 48.01 48.75 4.45
C TYR E 60 47.34 48.85 3.08
N TRP E 61 47.11 50.08 2.59
CA TRP E 61 46.44 50.23 1.31
C TRP E 61 47.27 49.68 0.16
N GLU E 62 48.58 49.60 0.33
CA GLU E 62 49.37 48.91 -0.69
C GLU E 62 49.09 47.41 -0.70
N LYS E 63 49.02 46.78 0.49
CA LYS E 63 48.66 45.36 0.59
C LYS E 63 47.33 45.08 -0.09
N GLU E 64 46.32 45.89 0.21
CA GLU E 64 45.04 45.77 -0.48
C GLU E 64 45.19 45.88 -1.98
N THR E 65 45.92 46.90 -2.46
CA THR E 65 46.08 47.05 -3.91
C THR E 65 46.80 45.85 -4.53
N THR E 66 47.80 45.28 -3.85
CA THR E 66 48.50 44.11 -4.38
C THR E 66 47.61 42.86 -4.45
N ASP E 67 46.81 42.63 -3.39
CA ASP E 67 45.79 41.57 -3.43
C ASP E 67 44.85 41.73 -4.61
N LEU E 68 44.28 42.92 -4.77
CA LEU E 68 43.35 43.13 -5.88
C LEU E 68 44.04 43.08 -7.22
N ARG E 69 45.32 43.41 -7.31
CA ARG E 69 46.01 43.21 -8.58
C ARG E 69 46.14 41.72 -8.91
N ILE E 70 46.43 40.89 -7.89
CA ILE E 70 46.46 39.43 -8.06
C ILE E 70 45.11 38.89 -8.53
N LYS E 71 44.03 39.34 -7.88
CA LYS E 71 42.70 38.92 -8.30
C LYS E 71 42.38 39.44 -9.69
N GLU E 72 42.78 40.68 -10.01
CA GLU E 72 42.69 41.17 -11.38
C GLU E 72 43.34 40.20 -12.37
N LYS E 73 44.54 39.72 -12.04
CA LYS E 73 45.22 38.73 -12.88
C LYS E 73 44.37 37.50 -13.10
N LEU E 74 43.96 36.85 -11.99
CA LEU E 74 43.19 35.61 -12.08
C LEU E 74 41.93 35.79 -12.90
N PHE E 75 41.18 36.87 -12.62
CA PHE E 75 39.93 37.11 -13.34
C PHE E 75 40.18 37.28 -14.83
N LEU E 76 41.24 38.01 -15.21
CA LEU E 76 41.43 38.15 -16.64
C LEU E 76 41.92 36.85 -17.26
N GLU E 77 42.67 36.04 -16.50
CA GLU E 77 43.12 34.74 -17.01
C GLU E 77 41.94 33.78 -17.22
N ALA E 78 40.87 34.00 -16.44
CA ALA E 78 39.67 33.18 -16.57
C ALA E 78 39.11 33.29 -17.98
N PHE E 79 38.94 34.51 -18.48
CA PHE E 79 38.42 34.67 -19.84
C PHE E 79 39.25 33.89 -20.87
N LYS E 80 40.56 33.76 -20.68
CA LYS E 80 41.35 32.93 -21.59
C LYS E 80 40.99 31.45 -21.47
N ALA E 81 41.03 30.91 -20.25
CA ALA E 81 40.73 29.48 -20.06
C ALA E 81 39.28 29.11 -20.41
N LEU E 82 38.41 30.10 -20.63
CA LEU E 82 37.04 29.80 -21.02
C LEU E 82 36.98 29.19 -22.42
N GLY E 83 37.64 29.80 -23.40
CA GLY E 83 37.35 29.37 -24.75
C GLY E 83 35.96 29.90 -25.15
N GLY E 84 35.43 29.38 -26.24
CA GLY E 84 34.15 29.88 -26.73
C GLY E 84 34.15 31.36 -27.16
N LYS E 85 32.92 31.82 -27.45
CA LYS E 85 32.65 33.18 -27.90
C LYS E 85 32.26 34.01 -26.69
N GLY E 86 32.57 35.30 -26.75
CA GLY E 86 32.14 36.20 -25.70
C GLY E 86 30.67 36.58 -25.85
N PRO E 87 30.22 37.57 -25.07
CA PRO E 87 30.95 38.24 -23.97
C PRO E 87 30.77 37.46 -22.66
N TYR E 88 31.59 37.72 -21.65
CA TYR E 88 31.47 37.07 -20.36
C TYR E 88 31.47 38.15 -19.29
N THR E 89 30.76 37.89 -18.19
CA THR E 89 30.84 38.76 -17.01
C THR E 89 31.06 37.82 -15.85
N LEU E 90 32.31 37.71 -15.43
CA LEU E 90 32.67 36.89 -14.28
C LEU E 90 32.59 37.75 -13.02
N GLN E 91 31.83 37.27 -12.01
CA GLN E 91 31.65 37.98 -10.74
C GLN E 91 32.17 37.13 -9.59
N GLY E 92 32.46 37.82 -8.50
CA GLY E 92 33.04 37.19 -7.33
C GLY E 92 32.62 37.84 -6.02
N LEU E 93 32.31 37.00 -5.05
CA LEU E 93 31.98 37.37 -3.68
C LEU E 93 33.06 36.71 -2.82
N LEU E 94 33.99 37.49 -2.31
CA LEU E 94 35.00 36.94 -1.43
C LEU E 94 34.96 37.65 -0.09
N GLY E 95 34.90 36.90 0.99
CA GLY E 95 34.78 37.61 2.26
C GLY E 95 34.88 36.71 3.46
N CYS E 96 34.51 37.29 4.61
CA CYS E 96 34.54 36.59 5.89
C CYS E 96 33.60 37.27 6.88
N GLU E 97 32.95 36.45 7.72
CA GLU E 97 32.04 36.94 8.75
C GLU E 97 32.62 36.58 10.10
N LEU E 98 32.91 37.59 10.92
CA LEU E 98 33.39 37.43 12.29
C LEU E 98 32.21 37.07 13.15
N GLY E 99 32.10 35.82 13.56
CA GLY E 99 31.04 35.41 14.44
C GLY E 99 31.26 35.85 15.87
N PRO E 100 30.27 35.52 16.72
CA PRO E 100 30.33 35.97 18.14
C PRO E 100 31.54 35.44 18.89
N ASP E 101 32.08 34.30 18.48
CA ASP E 101 33.10 33.56 19.20
C ASP E 101 34.49 33.67 18.55
N ASN E 102 34.87 34.87 18.11
CA ASN E 102 36.11 35.15 17.37
C ASN E 102 36.40 34.12 16.29
N THR E 103 35.37 33.69 15.56
CA THR E 103 35.46 32.64 14.56
C THR E 103 35.10 33.16 13.17
N SER E 104 36.08 33.20 12.27
CA SER E 104 35.76 33.60 10.91
C SER E 104 35.13 32.45 10.11
N VAL E 105 34.01 32.78 9.45
CA VAL E 105 33.35 31.94 8.46
C VAL E 105 33.59 32.57 7.10
N PRO E 106 34.40 31.97 6.23
CA PRO E 106 34.69 32.59 4.93
C PRO E 106 33.52 32.49 3.96
N THR E 107 33.62 33.23 2.86
CA THR E 107 32.65 33.25 1.76
C THR E 107 33.42 33.26 0.44
N ALA E 108 33.09 32.35 -0.47
CA ALA E 108 33.86 32.29 -1.71
C ALA E 108 32.96 31.76 -2.83
N LYS E 109 32.24 32.68 -3.47
CA LYS E 109 31.34 32.34 -4.57
C LYS E 109 31.70 33.09 -5.85
N PHE E 110 31.46 32.46 -6.99
CA PHE E 110 31.74 33.07 -8.28
C PHE E 110 30.62 32.78 -9.24
N ALA E 111 30.21 33.79 -10.00
CA ALA E 111 29.06 33.67 -10.89
C ALA E 111 29.42 34.12 -12.31
N LEU E 112 29.23 33.22 -13.27
CA LEU E 112 29.57 33.48 -14.67
C LEU E 112 28.29 33.82 -15.43
N ASN E 113 28.25 35.02 -16.00
CA ASN E 113 27.05 35.52 -16.67
C ASN E 113 25.83 35.50 -15.76
N GLY E 114 26.07 35.74 -14.48
CA GLY E 114 24.99 35.81 -13.52
C GLY E 114 24.55 34.50 -12.94
N GLU E 115 25.28 33.41 -13.19
CA GLU E 115 24.87 32.10 -12.72
C GLU E 115 25.92 31.57 -11.76
N GLU E 116 25.54 31.37 -10.49
CA GLU E 116 26.51 30.85 -9.52
C GLU E 116 27.07 29.54 -10.06
N PHE E 117 28.33 29.56 -10.43
CA PHE E 117 28.90 28.43 -11.09
C PHE E 117 30.18 27.98 -10.43
N MET E 118 30.67 28.71 -9.45
CA MET E 118 31.96 28.33 -8.88
C MET E 118 32.03 28.75 -7.43
N ASN E 119 32.87 28.06 -6.69
CA ASN E 119 33.11 28.45 -5.32
C ASN E 119 34.55 28.12 -5.03
N PHE E 120 35.02 28.46 -3.83
CA PHE E 120 36.30 27.94 -3.35
C PHE E 120 36.04 26.94 -2.23
N ASP E 121 36.39 25.68 -2.45
CA ASP E 121 36.15 24.62 -1.47
C ASP E 121 37.39 24.42 -0.60
N LEU E 122 37.27 24.71 0.70
CA LEU E 122 38.35 24.46 1.65
C LEU E 122 38.59 22.99 1.86
N LYS E 123 37.54 22.17 1.77
CA LYS E 123 37.69 20.74 1.93
C LYS E 123 38.51 20.09 0.83
N GLN E 124 38.79 20.81 -0.25
CA GLN E 124 39.61 20.30 -1.34
C GLN E 124 40.77 21.24 -1.63
N GLY E 125 40.85 22.37 -0.93
CA GLY E 125 41.89 23.38 -1.16
C GLY E 125 41.93 23.86 -2.59
N THR E 126 40.80 23.88 -3.28
CA THR E 126 40.79 24.34 -4.68
C THR E 126 39.45 24.98 -5.01
N TRP E 127 39.42 25.69 -6.13
CA TRP E 127 38.15 26.21 -6.61
C TRP E 127 37.29 25.07 -7.13
N GLY E 128 36.07 24.96 -6.61
CA GLY E 128 35.17 23.89 -6.96
C GLY E 128 33.95 24.28 -7.79
N GLY E 129 33.40 23.29 -8.46
CA GLY E 129 32.28 23.49 -9.37
C GLY E 129 32.34 22.40 -10.41
N ASP E 130 31.18 22.07 -10.96
CA ASP E 130 31.10 21.03 -11.97
C ASP E 130 30.62 21.54 -13.31
N TRP E 131 30.08 22.76 -13.37
CA TRP E 131 29.84 23.40 -14.65
C TRP E 131 31.09 23.34 -15.50
N PRO E 132 31.00 23.18 -16.81
CA PRO E 132 32.24 23.02 -17.59
C PRO E 132 33.21 24.18 -17.41
N GLU E 133 32.68 25.40 -17.40
CA GLU E 133 33.52 26.59 -17.20
C GLU E 133 34.23 26.59 -15.85
N ALA E 134 33.54 26.14 -14.78
CA ALA E 134 34.17 25.99 -13.46
C ALA E 134 35.38 25.05 -13.53
N LEU E 135 35.22 23.91 -14.17
CA LEU E 135 36.36 23.01 -14.36
C LEU E 135 37.51 23.70 -15.07
N ALA E 136 37.21 24.42 -16.16
CA ALA E 136 38.28 25.09 -16.91
C ALA E 136 39.01 26.12 -16.08
N ILE E 137 38.26 27.12 -15.57
CA ILE E 137 38.83 28.19 -14.76
C ILE E 137 39.57 27.65 -13.54
N SER E 138 39.01 26.65 -12.86
CA SER E 138 39.68 26.11 -11.68
C SER E 138 40.98 25.42 -12.06
N GLN E 139 40.97 24.63 -13.13
CA GLN E 139 42.20 24.01 -13.58
C GLN E 139 43.26 25.08 -13.86
N ARG E 140 42.85 26.14 -14.57
CA ARG E 140 43.77 27.22 -14.90
C ARG E 140 44.33 27.89 -13.65
N TRP E 141 43.45 28.29 -12.73
CA TRP E 141 43.89 28.96 -11.51
C TRP E 141 44.72 28.05 -10.63
N GLN E 142 44.42 26.75 -10.61
CA GLN E 142 45.23 25.82 -9.85
C GLN E 142 46.62 25.69 -10.42
N GLN E 143 46.79 25.93 -11.72
CA GLN E 143 48.12 25.90 -12.30
C GLN E 143 48.80 27.27 -12.32
N GLN E 144 48.16 28.30 -11.80
CA GLN E 144 48.73 29.65 -11.81
C GLN E 144 49.37 29.92 -10.45
N ASP E 145 50.72 29.89 -10.39
CA ASP E 145 51.52 30.43 -9.28
C ASP E 145 51.12 29.97 -7.88
N LYS E 146 50.50 28.79 -7.74
CA LYS E 146 50.01 28.30 -6.42
C LYS E 146 49.04 29.32 -5.78
N ALA E 147 48.26 30.01 -6.63
CA ALA E 147 47.23 30.95 -6.17
C ALA E 147 46.30 30.30 -5.16
N ALA E 148 46.25 28.96 -5.13
CA ALA E 148 45.50 28.26 -4.09
C ALA E 148 45.87 28.78 -2.73
N ASN E 149 47.17 28.93 -2.47
CA ASN E 149 47.62 29.50 -1.19
C ASN E 149 47.23 30.97 -1.06
N LYS E 150 47.17 31.70 -2.16
CA LYS E 150 46.68 33.08 -2.13
C LYS E 150 45.22 33.17 -1.67
N GLU E 151 44.31 32.41 -2.29
CA GLU E 151 42.92 32.42 -1.84
C GLU E 151 42.79 31.84 -0.44
N LEU E 152 43.55 30.80 -0.12
CA LEU E 152 43.51 30.22 1.22
C LEU E 152 43.90 31.22 2.33
N THR E 153 45.01 31.98 2.16
CA THR E 153 45.34 32.97 3.19
C THR E 153 44.40 34.18 3.13
N PHE E 154 43.99 34.60 1.93
CA PHE E 154 43.09 35.76 1.79
C PHE E 154 41.74 35.53 2.43
N LEU E 155 41.30 34.29 2.54
CA LEU E 155 40.04 34.01 3.20
C LEU E 155 40.22 33.58 4.63
N LEU E 156 41.36 32.98 4.96
CA LEU E 156 41.48 32.32 6.24
C LEU E 156 42.15 33.18 7.31
N PHE E 157 42.97 34.16 6.92
CA PHE E 157 43.58 35.04 7.92
C PHE E 157 43.47 36.51 7.52
N SER E 158 43.85 36.85 6.29
CA SER E 158 43.95 38.25 5.90
C SER E 158 42.62 38.96 6.07
N CYS E 159 41.53 38.35 5.59
CA CYS E 159 40.22 38.95 5.73
C CYS E 159 39.79 39.11 7.19
N PRO E 160 39.88 38.09 8.06
CA PRO E 160 39.46 38.32 9.46
C PRO E 160 40.29 39.36 10.20
N HIS E 161 41.61 39.33 10.02
CA HIS E 161 42.48 40.32 10.66
C HIS E 161 42.20 41.71 10.09
N ARG E 162 42.04 41.82 8.77
CA ARG E 162 41.65 43.10 8.17
C ARG E 162 40.33 43.60 8.75
N LEU E 163 39.38 42.69 8.99
CA LEU E 163 38.09 43.03 9.57
C LEU E 163 38.25 43.62 10.97
N ARG E 164 38.89 42.87 11.87
CA ARG E 164 39.09 43.35 13.25
C ARG E 164 39.86 44.68 13.31
N GLU E 165 40.87 44.85 12.44
CA GLU E 165 41.55 46.13 12.34
C GLU E 165 40.62 47.27 11.96
N HIS E 166 39.85 47.08 10.88
CA HIS E 166 38.87 48.08 10.47
C HIS E 166 37.91 48.38 11.59
N LEU E 167 37.70 47.40 12.47
CA LEU E 167 36.82 47.59 13.62
C LEU E 167 37.42 48.54 14.63
N GLU E 168 38.73 48.42 14.88
CA GLU E 168 39.33 49.32 15.87
C GLU E 168 39.51 50.72 15.30
N ARG E 169 40.28 50.85 14.21
CA ARG E 169 40.58 52.20 13.73
C ARG E 169 39.37 52.95 13.16
N GLY E 170 38.31 52.28 12.75
CA GLY E 170 37.18 53.00 12.14
C GLY E 170 35.86 52.74 12.80
N ARG E 171 35.90 52.36 14.08
CA ARG E 171 34.69 51.99 14.80
C ARG E 171 33.62 53.07 14.73
N GLY E 172 34.03 54.33 14.74
CA GLY E 172 33.09 55.42 14.61
C GLY E 172 32.32 55.39 13.30
N ASN E 173 32.99 54.94 12.23
CA ASN E 173 32.29 54.86 10.96
C ASN E 173 31.21 53.81 10.99
N LEU E 174 31.42 52.72 11.72
CA LEU E 174 30.48 51.61 11.70
C LEU E 174 29.31 51.82 12.64
N GLU E 175 29.44 52.67 13.65
CA GLU E 175 28.34 52.93 14.55
C GLU E 175 27.45 54.07 14.09
N TRP E 176 27.55 54.46 12.82
CA TRP E 176 26.74 55.52 12.25
C TRP E 176 25.27 55.35 12.63
N LYS E 177 24.64 56.44 13.06
CA LYS E 177 23.22 56.47 13.37
C LYS E 177 22.68 57.80 12.84
N GLU E 178 21.89 57.73 11.78
CA GLU E 178 21.25 58.90 11.17
C GLU E 178 19.75 58.69 11.25
N PRO E 179 19.02 59.50 12.00
CA PRO E 179 17.58 59.27 12.15
C PRO E 179 16.83 59.69 10.90
N PRO E 180 15.68 59.08 10.61
CA PRO E 180 14.98 59.41 9.37
C PRO E 180 14.19 60.71 9.47
N SER E 181 14.03 61.37 8.32
CA SER E 181 13.04 62.43 8.16
C SER E 181 11.84 61.79 7.47
N MET E 182 10.72 61.69 8.18
CA MET E 182 9.58 60.89 7.74
C MET E 182 8.55 61.69 6.93
N VAL E 195 -4.87 56.17 -2.11
CA VAL E 195 -3.64 55.44 -1.85
C VAL E 195 -2.67 56.26 -1.01
N LEU E 196 -2.16 55.64 0.06
CA LEU E 196 -1.19 56.25 0.97
C LEU E 196 0.24 55.75 0.72
N THR E 197 1.21 56.69 0.71
CA THR E 197 2.64 56.40 0.55
C THR E 197 3.46 57.12 1.63
N CYS E 198 4.09 56.35 2.54
CA CYS E 198 4.93 56.88 3.63
C CYS E 198 6.39 56.84 3.20
N SER E 199 7.11 57.96 3.37
CA SER E 199 8.45 58.13 2.81
C SER E 199 9.44 58.63 3.86
N ALA E 200 10.38 57.77 4.26
CA ALA E 200 11.55 58.17 5.06
C ALA E 200 12.71 58.47 4.13
N PHE E 201 13.34 59.62 4.33
CA PHE E 201 14.14 60.21 3.26
C PHE E 201 15.65 59.98 3.42
N SER E 202 16.21 60.20 4.62
CA SER E 202 17.65 60.03 4.86
C SER E 202 17.86 59.35 6.20
N PHE E 203 18.28 58.10 6.19
CA PHE E 203 18.43 57.32 7.41
C PHE E 203 19.54 56.29 7.24
N TYR E 204 20.00 55.78 8.39
CA TYR E 204 21.01 54.74 8.57
C TYR E 204 20.90 54.22 10.00
N PRO E 205 20.95 52.90 10.26
CA PRO E 205 21.35 51.79 9.40
C PRO E 205 20.28 51.45 8.37
N PRO E 206 20.61 50.59 7.40
CA PRO E 206 19.64 50.28 6.32
C PRO E 206 18.43 49.52 6.80
N GLU E 207 18.42 49.04 8.05
CA GLU E 207 17.28 48.35 8.62
C GLU E 207 16.26 49.38 9.08
N LEU E 208 15.14 49.49 8.37
CA LEU E 208 14.04 50.40 8.71
C LEU E 208 12.73 49.71 8.40
N GLN E 209 11.77 49.84 9.29
CA GLN E 209 10.50 49.13 9.19
C GLN E 209 9.36 50.12 9.04
N LEU E 210 8.51 49.90 8.04
CA LEU E 210 7.35 50.74 7.81
C LEU E 210 6.10 49.90 7.96
N GLN E 223 3.14 48.10 -1.02
CA GLN E 223 4.22 48.28 -1.97
C GLN E 223 5.46 48.95 -1.35
N GLY E 224 6.57 48.24 -1.20
CA GLY E 224 7.75 48.76 -0.52
C GLY E 224 8.90 49.03 -1.49
N ASP E 225 9.48 50.23 -1.39
CA ASP E 225 10.66 50.61 -2.15
C ASP E 225 11.77 51.07 -1.21
N PHE E 226 13.02 50.78 -1.59
CA PHE E 226 14.16 50.99 -0.71
C PHE E 226 15.39 51.27 -1.57
N GLY E 227 16.22 52.24 -1.15
CA GLY E 227 17.37 52.65 -1.94
C GLY E 227 18.41 53.46 -1.16
N PRO E 228 19.57 53.73 -1.77
CA PRO E 228 20.62 54.46 -1.06
C PRO E 228 20.67 55.92 -1.44
N ASN E 229 21.39 56.73 -0.67
CA ASN E 229 21.42 58.20 -0.93
C ASN E 229 22.82 58.63 -1.35
N SER E 230 22.97 59.90 -1.78
CA SER E 230 24.28 60.41 -2.24
C SER E 230 25.31 60.34 -1.12
N ASP E 231 24.90 60.60 0.13
CA ASP E 231 25.83 60.60 1.28
C ASP E 231 26.06 59.16 1.78
N GLY E 232 25.43 58.18 1.13
CA GLY E 232 25.54 56.79 1.59
C GLY E 232 24.42 56.46 2.55
N SER E 233 23.47 57.39 2.72
CA SER E 233 22.30 57.12 3.61
C SER E 233 21.29 56.22 2.87
N PHE E 234 20.10 56.06 3.43
CA PHE E 234 19.11 55.18 2.80
C PHE E 234 17.75 55.89 2.75
N HIS E 235 16.90 55.40 1.86
CA HIS E 235 15.55 55.91 1.63
C HIS E 235 14.59 54.72 1.59
N ALA E 236 13.41 54.89 2.18
CA ALA E 236 12.40 53.86 2.13
C ALA E 236 11.02 54.49 1.95
N SER E 237 10.13 53.79 1.26
CA SER E 237 8.78 54.31 1.01
C SER E 237 7.82 53.16 0.75
N SER E 238 6.64 53.21 1.39
CA SER E 238 5.64 52.16 1.29
C SER E 238 4.27 52.70 0.85
N SER E 239 3.55 51.89 0.06
CA SER E 239 2.19 52.21 -0.35
C SER E 239 1.21 51.07 0.00
N GLN E 255 9.92 51.94 12.46
CA GLN E 255 10.99 51.49 13.37
C GLN E 255 12.36 51.64 12.77
N HIS E 256 13.07 52.67 13.20
CA HIS E 256 14.43 52.84 12.78
C HIS E 256 15.36 52.55 13.95
N ALA E 257 16.61 52.24 13.62
CA ALA E 257 17.61 51.89 14.62
C ALA E 257 17.10 50.64 15.35
N ILE F 1 22.40 35.31 -17.83
CA ILE F 1 20.94 35.63 -17.79
C ILE F 1 20.74 37.10 -18.13
N GLN F 2 19.49 37.50 -18.41
CA GLN F 2 19.19 38.92 -18.73
C GLN F 2 18.14 39.43 -17.74
N ARG F 3 18.44 40.51 -17.03
CA ARG F 3 17.49 41.04 -16.01
C ARG F 3 17.10 42.48 -16.38
N THR F 4 15.80 42.76 -16.44
CA THR F 4 15.32 44.13 -16.76
C THR F 4 15.58 45.03 -15.55
N PRO F 5 16.12 46.26 -15.74
CA PRO F 5 16.44 47.13 -14.61
C PRO F 5 15.19 47.74 -13.95
N LYS F 6 15.14 47.74 -12.61
CA LYS F 6 14.04 48.37 -11.91
C LYS F 6 14.51 49.73 -11.39
N ILE F 7 13.78 50.77 -11.77
CA ILE F 7 14.20 52.16 -11.57
C ILE F 7 13.31 52.80 -10.51
N GLN F 8 13.93 53.43 -9.52
CA GLN F 8 13.23 54.19 -8.48
C GLN F 8 13.80 55.59 -8.45
N VAL F 9 12.92 56.59 -8.44
CA VAL F 9 13.33 57.99 -8.41
C VAL F 9 12.77 58.62 -7.15
N TYR F 10 13.65 59.22 -6.36
CA TYR F 10 13.23 59.84 -5.10
C TYR F 10 14.17 60.98 -4.77
N SER F 11 13.85 61.69 -3.72
CA SER F 11 14.60 62.85 -3.26
C SER F 11 15.32 62.54 -1.96
N ARG F 12 16.39 63.28 -1.71
CA ARG F 12 17.21 62.99 -0.53
C ARG F 12 16.45 63.29 0.76
N HIS F 13 15.72 64.40 0.79
CA HIS F 13 15.02 64.83 2.00
C HIS F 13 13.54 65.11 1.79
N SER F 20 17.34 73.61 -1.55
CA SER F 20 18.23 72.61 -2.13
C SER F 20 18.06 71.20 -1.55
N ASN F 21 18.15 70.20 -2.42
CA ASN F 21 17.99 68.78 -2.09
C ASN F 21 18.80 67.97 -3.12
N PHE F 22 18.61 66.65 -3.11
CA PHE F 22 19.26 65.74 -4.06
C PHE F 22 18.23 64.78 -4.63
N LEU F 23 18.21 64.68 -5.96
CA LEU F 23 17.39 63.71 -6.67
C LEU F 23 18.26 62.49 -6.94
N ASN F 24 17.77 61.33 -6.49
CA ASN F 24 18.43 60.05 -6.68
C ASN F 24 17.60 59.20 -7.64
N CYS F 25 18.29 58.58 -8.60
CA CYS F 25 17.75 57.58 -9.51
C CYS F 25 18.54 56.28 -9.24
N TYR F 26 17.86 55.32 -8.58
CA TYR F 26 18.45 54.05 -8.15
C TYR F 26 18.03 52.97 -9.15
N VAL F 27 19.01 52.43 -9.88
CA VAL F 27 18.79 51.37 -10.86
C VAL F 27 19.27 50.05 -10.28
N SER F 28 18.42 49.03 -10.31
CA SER F 28 18.78 47.80 -9.61
C SER F 28 18.33 46.56 -10.37
N GLY F 29 19.00 45.45 -10.07
CA GLY F 29 18.58 44.18 -10.63
C GLY F 29 18.68 44.02 -12.13
N PHE F 30 19.73 44.53 -12.75
CA PHE F 30 19.92 44.33 -14.18
C PHE F 30 21.15 43.45 -14.41
N HIS F 31 21.26 42.96 -15.64
CA HIS F 31 22.37 42.11 -16.06
C HIS F 31 22.34 41.99 -17.58
N PRO F 32 23.43 42.29 -18.31
CA PRO F 32 24.81 42.55 -17.90
C PRO F 32 25.02 43.95 -17.32
N SER F 33 26.30 44.27 -17.10
CA SER F 33 26.69 45.40 -16.27
C SER F 33 26.47 46.75 -16.95
N ASP F 34 26.68 46.82 -18.26
CA ASP F 34 26.60 48.09 -18.98
C ASP F 34 25.16 48.62 -18.98
N ILE F 35 25.00 49.85 -18.47
CA ILE F 35 23.71 50.50 -18.41
C ILE F 35 23.90 51.99 -18.66
N GLU F 36 22.89 52.63 -19.25
CA GLU F 36 22.96 54.03 -19.66
C GLU F 36 21.89 54.81 -18.92
N VAL F 37 22.30 55.70 -18.03
CA VAL F 37 21.35 56.47 -17.23
C VAL F 37 21.58 57.95 -17.45
N ASP F 38 20.48 58.68 -17.65
CA ASP F 38 20.49 60.15 -17.72
C ASP F 38 19.39 60.65 -16.82
N LEU F 39 19.76 61.50 -15.88
CA LEU F 39 18.76 62.24 -15.12
C LEU F 39 18.19 63.36 -15.96
N LEU F 40 16.93 63.70 -15.69
CA LEU F 40 16.17 64.65 -16.46
C LEU F 40 15.49 65.62 -15.50
N LYS F 41 15.63 66.91 -15.77
CA LYS F 41 15.01 67.96 -14.98
C LYS F 41 13.88 68.51 -15.86
N ASN F 42 12.67 68.01 -15.60
CA ASN F 42 11.47 68.31 -16.38
C ASN F 42 11.61 67.99 -17.88
N GLY F 43 12.37 66.95 -18.22
CA GLY F 43 12.53 66.55 -19.61
C GLY F 43 13.80 67.00 -20.31
N GLU F 44 14.83 67.42 -19.58
CA GLU F 44 16.11 67.84 -20.14
C GLU F 44 17.26 67.17 -19.39
N ARG F 45 18.12 66.44 -20.13
CA ARG F 45 19.22 65.70 -19.51
C ARG F 45 20.28 66.65 -18.93
N ILE F 46 20.55 66.50 -17.64
CA ILE F 46 21.50 67.32 -16.91
C ILE F 46 22.91 66.74 -17.02
N GLU F 47 23.89 67.55 -17.47
CA GLU F 47 25.30 67.11 -17.55
C GLU F 47 26.04 67.04 -16.21
N LYS F 48 25.59 67.74 -15.17
CA LYS F 48 26.23 67.66 -13.84
C LYS F 48 25.59 66.52 -13.04
N VAL F 49 25.94 65.28 -13.40
CA VAL F 49 25.39 64.10 -12.74
C VAL F 49 26.54 63.19 -12.33
N GLU F 50 26.50 62.73 -11.07
CA GLU F 50 27.46 61.81 -10.51
C GLU F 50 26.75 60.52 -10.13
N HIS F 51 27.50 59.42 -10.19
CA HIS F 51 26.99 58.12 -9.80
C HIS F 51 27.97 57.48 -8.83
N SER F 52 27.54 56.36 -8.26
CA SER F 52 28.36 55.61 -7.33
C SER F 52 29.11 54.54 -8.12
N ASP F 53 29.81 53.66 -7.42
CA ASP F 53 30.48 52.56 -8.09
C ASP F 53 29.47 51.47 -8.44
N LEU F 54 29.53 50.95 -9.67
CA LEU F 54 28.76 49.75 -10.00
C LEU F 54 29.07 48.56 -9.10
N SER F 55 28.09 48.14 -8.30
CA SER F 55 28.20 46.90 -7.52
C SER F 55 27.03 45.96 -7.86
N PHE F 56 27.07 44.78 -7.23
CA PHE F 56 26.00 43.80 -7.34
C PHE F 56 25.57 43.35 -5.96
N SER F 57 24.33 42.86 -5.88
CA SER F 57 23.71 42.39 -4.64
C SER F 57 23.91 40.90 -4.54
N LYS F 58 23.20 40.25 -3.60
CA LYS F 58 23.44 38.83 -3.33
C LYS F 58 23.09 37.95 -4.53
N ASP F 59 22.04 38.30 -5.30
CA ASP F 59 21.61 37.52 -6.47
C ASP F 59 22.44 37.77 -7.74
N TRP F 60 23.59 38.45 -7.62
CA TRP F 60 24.58 38.78 -8.64
C TRP F 60 24.08 39.81 -9.67
N SER F 61 22.92 40.45 -9.42
CA SER F 61 22.41 41.49 -10.31
C SER F 61 22.91 42.86 -9.86
N PHE F 62 23.28 43.71 -10.83
CA PHE F 62 23.95 44.97 -10.58
C PHE F 62 23.00 46.07 -10.15
N TYR F 63 23.53 47.04 -9.41
CA TYR F 63 22.80 48.26 -9.05
C TYR F 63 23.75 49.46 -9.02
N LEU F 64 23.17 50.62 -9.31
CA LEU F 64 23.86 51.89 -9.49
C LEU F 64 23.00 53.01 -8.94
N LEU F 65 23.66 54.01 -8.34
CA LEU F 65 22.96 55.20 -7.85
C LEU F 65 23.49 56.40 -8.60
N TYR F 66 22.66 56.99 -9.46
CA TYR F 66 22.94 58.28 -10.06
C TYR F 66 22.24 59.31 -9.19
N TYR F 67 22.90 60.43 -8.94
CA TYR F 67 22.28 61.42 -8.07
C TYR F 67 22.75 62.79 -8.50
N THR F 68 21.95 63.80 -8.19
CA THR F 68 22.33 65.18 -8.50
C THR F 68 21.67 66.14 -7.52
N GLU F 69 22.30 67.29 -7.32
CA GLU F 69 21.73 68.31 -6.40
C GLU F 69 20.74 69.19 -7.18
N PHE F 70 19.70 69.69 -6.51
CA PHE F 70 18.66 70.52 -7.20
C PHE F 70 17.84 71.26 -6.14
N THR F 71 16.85 72.03 -6.56
CA THR F 71 15.96 72.74 -5.60
C THR F 71 14.50 72.59 -6.05
N TYR F 78 10.76 66.34 -13.52
CA TYR F 78 11.89 65.54 -12.99
C TYR F 78 11.67 64.06 -13.34
N ALA F 79 12.61 63.46 -14.07
CA ALA F 79 12.51 62.06 -14.43
C ALA F 79 13.90 61.50 -14.64
N CYS F 80 13.95 60.22 -14.99
CA CYS F 80 15.19 59.51 -15.21
C CYS F 80 15.01 58.56 -16.38
N ARG F 81 15.88 58.69 -17.38
CA ARG F 81 15.90 57.80 -18.54
C ARG F 81 17.01 56.78 -18.40
N VAL F 82 16.65 55.51 -18.54
CA VAL F 82 17.59 54.41 -18.50
C VAL F 82 17.44 53.61 -19.79
N ASN F 83 18.56 53.24 -20.39
CA ASN F 83 18.56 52.33 -21.51
C ASN F 83 19.49 51.17 -21.19
N HIS F 84 19.02 49.95 -21.46
CA HIS F 84 19.71 48.69 -21.17
C HIS F 84 19.42 47.71 -22.31
N VAL F 85 20.24 46.65 -22.37
CA VAL F 85 20.12 45.64 -23.41
C VAL F 85 18.71 45.03 -23.44
N THR F 86 18.03 44.95 -22.29
CA THR F 86 16.69 44.36 -22.24
C THR F 86 15.58 45.37 -22.56
N LEU F 87 15.90 46.64 -22.68
CA LEU F 87 14.90 47.68 -22.93
C LEU F 87 14.82 48.05 -24.41
N SER F 88 13.63 47.82 -24.98
CA SER F 88 13.34 48.19 -26.36
C SER F 88 13.51 49.69 -26.59
N GLN F 89 12.74 50.51 -25.87
CA GLN F 89 12.85 51.97 -25.84
C GLN F 89 13.49 52.41 -24.53
N PRO F 90 14.26 53.50 -24.51
CA PRO F 90 14.74 53.99 -23.20
C PRO F 90 13.54 54.25 -22.31
N LYS F 91 13.52 53.61 -21.14
CA LYS F 91 12.43 53.88 -20.22
C LYS F 91 12.72 55.16 -19.44
N ILE F 92 11.65 55.85 -19.07
CA ILE F 92 11.74 57.08 -18.29
C ILE F 92 10.75 56.95 -17.12
N VAL F 93 11.16 57.45 -15.96
CA VAL F 93 10.32 57.46 -14.77
C VAL F 93 10.36 58.85 -14.16
N LYS F 94 9.18 59.41 -13.90
CA LYS F 94 9.06 60.75 -13.35
C LYS F 94 9.23 60.72 -11.84
N TRP F 95 9.79 61.80 -11.29
CA TRP F 95 9.99 61.88 -9.82
C TRP F 95 8.71 62.37 -9.14
N ASP F 96 8.29 61.67 -8.08
CA ASP F 96 7.11 62.13 -7.31
C ASP F 96 7.61 62.79 -6.02
N ARG F 97 7.18 64.01 -5.73
CA ARG F 97 7.67 64.73 -4.52
C ARG F 97 7.35 63.89 -3.29
N ASP F 98 6.21 63.18 -3.31
CA ASP F 98 5.85 62.28 -2.19
C ASP F 98 6.96 61.23 -2.01
N MET F 99 7.45 60.67 -3.12
CA MET F 99 8.56 59.68 -3.06
C MET F 99 9.77 60.34 -2.39
N GLU G 3 -22.11 4.60 24.36
CA GLU G 3 -21.94 3.12 24.44
C GLU G 3 -20.54 2.75 23.96
N GLU G 4 -19.68 3.73 23.70
CA GLU G 4 -18.28 3.42 23.32
C GLU G 4 -17.37 3.84 24.47
N TYR G 5 -16.53 2.94 24.97
CA TYR G 5 -15.70 3.27 26.15
C TYR G 5 -14.27 2.83 25.84
N LYS G 6 -13.31 3.59 26.37
CA LYS G 6 -11.88 3.20 26.25
C LYS G 6 -11.61 2.38 27.52
N VAL G 7 -11.16 1.14 27.38
CA VAL G 7 -11.01 0.24 28.50
C VAL G 7 -9.52 0.05 28.73
N VAL G 8 -9.07 0.23 29.97
CA VAL G 8 -7.70 -0.07 30.32
C VAL G 8 -7.66 -1.39 31.09
N LEU G 9 -7.18 -2.43 30.41
CA LEU G 9 -7.06 -3.79 30.92
C LEU G 9 -5.68 -3.97 31.52
N THR G 10 -5.63 -4.50 32.74
CA THR G 10 -4.41 -4.88 33.43
C THR G 10 -4.30 -6.41 33.45
N PHE G 11 -3.30 -6.93 32.73
CA PHE G 11 -3.11 -8.37 32.46
C PHE G 11 -2.71 -9.16 33.71
N GLY G 12 -3.20 -10.39 33.78
CA GLY G 12 -2.90 -11.28 34.89
C GLY G 12 -1.82 -12.29 34.56
N SER G 13 -1.83 -13.43 35.31
CA SER G 13 -0.79 -14.40 34.99
C SER G 13 -1.23 -15.31 33.85
N PRO G 14 -0.30 -15.86 33.12
CA PRO G 14 -0.67 -16.82 32.06
C PRO G 14 -1.60 -17.92 32.58
N MET G 15 -2.46 -18.43 31.68
CA MET G 15 -3.33 -19.58 31.93
C MET G 15 -2.74 -20.83 31.29
N SER G 16 -2.80 -21.97 31.98
CA SER G 16 -2.21 -23.21 31.45
C SER G 16 -2.88 -23.59 30.13
N PRO G 17 -2.12 -24.01 29.15
CA PRO G 17 -0.71 -24.33 29.22
C PRO G 17 0.23 -23.17 28.93
N ASN G 18 -0.19 -21.91 29.03
CA ASN G 18 0.71 -20.82 28.65
C ASN G 18 1.58 -20.42 29.84
N ALA G 19 2.79 -19.99 29.52
CA ALA G 19 3.71 -19.59 30.55
C ALA G 19 4.46 -18.38 30.01
N ASN G 20 5.06 -17.61 30.92
CA ASN G 20 5.75 -16.40 30.49
C ASN G 20 6.93 -16.67 29.56
N ASN G 21 7.43 -17.91 29.52
CA ASN G 21 8.61 -18.24 28.74
C ASN G 21 8.32 -19.15 27.57
N LYS G 22 7.04 -19.44 27.31
CA LYS G 22 6.56 -20.26 26.20
C LYS G 22 5.75 -19.40 25.26
N GLN G 23 5.59 -19.90 24.03
CA GLN G 23 4.67 -19.31 23.07
C GLN G 23 3.27 -19.21 23.68
N THR G 24 2.43 -18.34 23.11
CA THR G 24 1.03 -18.27 23.52
C THR G 24 0.27 -19.38 22.80
N TRP G 25 -0.37 -20.28 23.53
CA TRP G 25 -1.21 -21.28 22.86
C TRP G 25 -2.60 -20.70 22.69
N VAL G 26 -3.20 -20.99 21.55
CA VAL G 26 -4.50 -20.47 21.18
C VAL G 26 -5.26 -21.66 20.62
N ASN G 27 -6.58 -21.59 20.63
CA ASN G 27 -7.35 -22.70 20.11
C ASN G 27 -7.45 -22.64 18.59
N LYS G 28 -6.97 -23.71 17.88
CA LYS G 28 -6.89 -23.67 16.43
C LYS G 28 -8.23 -23.91 15.74
N PRO G 29 -8.88 -25.10 15.89
CA PRO G 29 -10.04 -25.41 15.03
C PRO G 29 -11.36 -25.00 15.65
N LEU G 30 -12.46 -25.28 14.97
CA LEU G 30 -13.77 -24.99 15.51
C LEU G 30 -14.42 -26.21 16.14
N ASP G 31 -13.71 -27.34 16.21
CA ASP G 31 -14.16 -28.56 16.88
C ASP G 31 -13.31 -28.81 18.13
N ALA G 32 -13.69 -29.85 18.87
CA ALA G 32 -13.07 -30.17 20.16
C ALA G 32 -12.82 -31.66 20.25
N PRO G 33 -11.92 -32.08 21.15
CA PRO G 33 -11.77 -33.51 21.43
C PRO G 33 -13.11 -34.15 21.73
N SER G 34 -13.25 -35.41 21.35
CA SER G 34 -14.48 -36.14 21.62
C SER G 34 -14.88 -35.99 23.08
N GLY G 35 -16.08 -35.47 23.32
CA GLY G 35 -16.56 -35.33 24.66
C GLY G 35 -16.32 -34.00 25.30
N HIS G 36 -15.69 -33.05 24.60
CA HIS G 36 -15.52 -31.68 25.09
C HIS G 36 -16.03 -30.72 24.04
N TYR G 37 -15.95 -29.44 24.37
CA TYR G 37 -16.59 -28.43 23.54
C TYR G 37 -15.72 -27.18 23.44
N ASN G 38 -16.02 -26.37 22.41
CA ASN G 38 -15.42 -25.07 22.31
C ASN G 38 -16.20 -24.03 23.10
N VAL G 39 -15.48 -22.98 23.48
CA VAL G 39 -16.10 -21.79 24.02
C VAL G 39 -16.65 -20.98 22.86
N LYS G 40 -17.92 -20.57 22.96
CA LYS G 40 -18.56 -19.80 21.90
C LYS G 40 -19.08 -18.49 22.49
N ILE G 41 -18.72 -17.37 21.89
CA ILE G 41 -19.34 -16.10 22.25
C ILE G 41 -20.47 -15.84 21.26
N ALA G 42 -21.71 -15.84 21.74
CA ALA G 42 -22.84 -16.00 20.85
C ALA G 42 -23.90 -14.94 21.09
N LYS G 43 -24.59 -14.62 20.00
CA LYS G 43 -25.82 -13.85 19.93
C LYS G 43 -27.03 -14.76 19.79
N ASP G 44 -26.94 -15.74 18.89
CA ASP G 44 -27.92 -16.81 18.72
C ASP G 44 -27.23 -17.99 18.06
N VAL G 45 -28.01 -19.04 17.73
CA VAL G 45 -27.38 -20.21 17.15
C VAL G 45 -26.74 -19.87 15.80
N ASP G 46 -27.24 -18.83 15.14
CA ASP G 46 -26.76 -18.42 13.83
C ASP G 46 -25.60 -17.46 13.89
N HIS G 47 -25.43 -16.74 15.00
CA HIS G 47 -24.40 -15.71 15.09
C HIS G 47 -23.57 -15.95 16.34
N TYR G 48 -22.42 -16.58 16.18
CA TYR G 48 -21.55 -16.87 17.32
C TYR G 48 -20.14 -17.01 16.77
N LEU G 49 -19.15 -16.79 17.64
CA LEU G 49 -17.74 -16.84 17.28
C LEU G 49 -17.00 -17.72 18.26
N THR G 50 -16.16 -18.62 17.73
CA THR G 50 -15.44 -19.55 18.59
C THR G 50 -14.21 -18.90 19.22
N MET G 51 -14.09 -19.06 20.54
CA MET G 51 -12.96 -18.53 21.26
C MET G 51 -11.69 -19.21 20.77
N GLN G 52 -10.73 -18.41 20.35
CA GLN G 52 -9.42 -18.88 19.97
C GLN G 52 -8.36 -18.47 20.98
N GLY G 53 -8.32 -17.18 21.31
CA GLY G 53 -7.30 -16.65 22.20
C GLY G 53 -7.90 -16.37 23.57
N PHE G 54 -7.23 -16.89 24.61
CA PHE G 54 -7.69 -16.72 25.97
C PHE G 54 -6.60 -16.12 26.85
N THR G 55 -6.98 -15.15 27.67
CA THR G 55 -6.02 -14.41 28.48
C THR G 55 -6.77 -13.82 29.67
N SER G 56 -6.20 -13.90 30.89
CA SER G 56 -6.95 -13.40 32.07
C SER G 56 -6.60 -11.96 32.43
N ILE G 57 -7.62 -11.19 32.72
CA ILE G 57 -7.48 -9.78 32.99
C ILE G 57 -7.63 -9.61 34.50
N ALA G 58 -6.61 -9.01 35.14
CA ALA G 58 -6.63 -8.80 36.59
C ALA G 58 -7.39 -7.55 36.98
N SER G 59 -7.43 -6.54 36.11
CA SER G 59 -8.16 -5.33 36.47
C SER G 59 -8.73 -4.72 35.22
N VAL G 60 -9.87 -4.03 35.37
CA VAL G 60 -10.49 -3.31 34.27
C VAL G 60 -10.83 -1.92 34.80
N ASP G 61 -10.31 -0.88 34.15
CA ASP G 61 -10.71 0.49 34.48
C ASP G 61 -11.44 1.11 33.29
N TRP G 62 -12.57 1.73 33.56
CA TRP G 62 -13.49 2.21 32.54
C TRP G 62 -13.34 3.71 32.33
N TYR G 63 -13.28 4.14 31.08
CA TYR G 63 -13.19 5.55 30.78
C TYR G 63 -14.09 5.85 29.62
N THR G 64 -14.48 7.12 29.51
CA THR G 64 -15.27 7.54 28.37
C THR G 64 -14.38 7.64 27.14
N ILE G 65 -14.97 8.01 26.01
CA ILE G 65 -14.20 8.10 24.79
C ILE G 65 -13.24 9.30 24.84
N ASP G 66 -13.32 10.11 25.92
CA ASP G 66 -12.43 11.23 26.17
C ASP G 66 -11.43 10.98 27.30
N PHE G 67 -11.37 9.75 27.83
CA PHE G 67 -10.52 9.41 28.98
C PHE G 67 -11.00 10.07 30.27
N GLN G 68 -12.30 10.31 30.39
CA GLN G 68 -12.90 10.74 31.64
C GLN G 68 -13.49 9.56 32.38
N PRO G 69 -13.27 9.39 33.68
CA PRO G 69 -13.64 8.13 34.36
C PRO G 69 -15.10 7.77 34.16
N SER G 70 -15.37 6.46 34.14
CA SER G 70 -16.71 5.91 34.04
C SER G 70 -16.84 4.78 35.06
N GLU G 71 -18.07 4.34 35.29
CA GLU G 71 -18.29 3.17 36.12
C GLU G 71 -18.60 1.98 35.22
N ALA G 72 -18.21 0.80 35.70
CA ALA G 72 -18.32 -0.47 34.99
C ALA G 72 -19.73 -0.67 34.48
N PRO G 73 -19.95 -0.67 33.16
CA PRO G 73 -21.31 -0.84 32.65
C PRO G 73 -21.91 -2.20 32.96
N ALA G 74 -23.16 -2.33 32.59
CA ALA G 74 -23.80 -3.60 32.78
C ALA G 74 -23.49 -4.47 31.57
N PRO G 75 -23.54 -5.78 31.78
CA PRO G 75 -23.27 -6.72 30.69
C PRO G 75 -24.11 -6.44 29.46
N ILE G 76 -23.50 -6.60 28.29
CA ILE G 76 -24.19 -6.44 27.01
C ILE G 76 -25.31 -7.46 26.95
N LYS G 77 -26.55 -7.00 26.90
CA LYS G 77 -27.62 -7.97 26.86
C LYS G 77 -27.70 -8.59 25.47
N GLY G 78 -27.92 -9.90 25.44
CA GLY G 78 -28.00 -10.66 24.21
C GLY G 78 -26.74 -11.41 23.82
N LEU G 79 -25.58 -11.03 24.35
CA LEU G 79 -24.32 -11.72 24.08
C LEU G 79 -23.99 -12.58 25.30
N GLN G 80 -23.55 -13.80 25.05
CA GLN G 80 -23.16 -14.66 26.17
C GLN G 80 -22.08 -15.64 25.73
N VAL G 81 -21.29 -16.08 26.71
CA VAL G 81 -20.27 -17.12 26.42
C VAL G 81 -20.95 -18.47 26.71
N LEU G 82 -21.20 -19.27 25.69
CA LEU G 82 -21.97 -20.52 25.89
C LEU G 82 -21.07 -21.75 25.67
N VAL G 83 -20.93 -22.60 26.68
CA VAL G 83 -20.18 -23.89 26.49
C VAL G 83 -21.24 -24.97 26.32
N ASN G 84 -21.26 -25.66 25.17
CA ASN G 84 -22.34 -26.65 24.89
C ASN G 84 -23.68 -25.91 24.90
N ILE G 85 -24.57 -26.27 25.82
CA ILE G 85 -25.91 -25.60 25.91
C ILE G 85 -25.97 -24.83 27.24
N SER G 86 -24.85 -24.73 27.96
CA SER G 86 -24.84 -24.05 29.28
C SER G 86 -24.08 -22.72 29.19
N LYS G 87 -24.55 -21.70 29.92
CA LYS G 87 -23.87 -20.38 29.91
C LYS G 87 -22.73 -20.38 30.93
N LYS G 88 -21.68 -19.59 30.69
CA LYS G 88 -20.52 -19.56 31.56
C LYS G 88 -19.97 -18.16 31.83
N ALA G 89 -20.32 -17.16 31.01
CA ALA G 89 -19.81 -15.80 31.21
C ALA G 89 -20.72 -14.79 30.53
N ASP G 90 -20.65 -13.55 31.01
CA ASP G 90 -21.35 -12.41 30.43
C ASP G 90 -20.34 -11.57 29.66
N VAL G 91 -20.73 -11.08 28.48
CA VAL G 91 -19.88 -10.21 27.67
C VAL G 91 -20.13 -8.77 28.10
N TYR G 92 -19.08 -8.07 28.50
CA TYR G 92 -19.20 -6.69 28.92
C TYR G 92 -18.75 -5.68 27.87
N ALA G 93 -17.83 -6.05 26.99
CA ALA G 93 -17.42 -5.10 25.96
C ALA G 93 -16.83 -5.85 24.78
N VAL G 94 -17.05 -5.35 23.57
CA VAL G 94 -16.58 -6.03 22.37
C VAL G 94 -15.82 -5.05 21.51
N LYS G 95 -15.09 -5.58 20.54
CA LYS G 95 -14.37 -4.73 19.60
C LYS G 95 -13.93 -5.57 18.42
N GLN G 96 -14.02 -5.00 17.23
CA GLN G 96 -13.54 -5.71 16.05
C GLN G 96 -12.50 -4.88 15.31
N PHE G 97 -11.53 -5.57 14.73
CA PHE G 97 -10.41 -4.96 14.02
C PHE G 97 -10.39 -5.57 12.64
N VAL G 98 -10.70 -4.76 11.65
CA VAL G 98 -10.74 -5.19 10.26
C VAL G 98 -9.48 -4.72 9.53
N THR G 99 -8.64 -5.65 9.12
CA THR G 99 -7.37 -5.39 8.46
C THR G 99 -7.49 -5.93 7.04
N ALA G 100 -7.39 -5.07 6.03
CA ALA G 100 -7.52 -5.55 4.65
C ALA G 100 -6.22 -6.19 4.18
N GLN G 101 -6.20 -7.52 4.11
CA GLN G 101 -5.12 -8.32 3.50
C GLN G 101 -5.35 -8.33 1.98
N THR G 102 -4.47 -7.66 1.22
CA THR G 102 -4.54 -7.66 -0.27
C THR G 102 -5.98 -7.36 -0.67
N ASN G 103 -6.51 -7.95 -1.77
CA ASN G 103 -7.91 -7.79 -2.17
C ASN G 103 -8.65 -9.12 -2.06
N ASN G 104 -9.97 -9.03 -1.89
CA ASN G 104 -10.85 -10.19 -1.72
C ASN G 104 -10.49 -11.01 -0.48
N LYS G 105 -9.92 -10.35 0.51
CA LYS G 105 -9.54 -10.97 1.78
C LYS G 105 -9.48 -9.89 2.84
N HIS G 106 -10.13 -10.13 3.95
CA HIS G 106 -10.12 -9.28 5.12
C HIS G 106 -9.85 -10.14 6.35
N GLN G 107 -9.00 -9.65 7.25
CA GLN G 107 -8.75 -10.30 8.53
C GLN G 107 -9.56 -9.59 9.59
N VAL G 108 -10.47 -10.31 10.25
CA VAL G 108 -11.29 -9.75 11.33
C VAL G 108 -10.91 -10.40 12.64
N THR G 109 -10.36 -9.59 13.53
CA THR G 109 -10.04 -10.01 14.90
C THR G 109 -11.08 -9.40 15.84
N SER G 110 -11.66 -10.24 16.69
CA SER G 110 -12.72 -9.86 17.59
C SER G 110 -12.24 -10.08 19.01
N LEU G 111 -12.47 -9.08 19.84
CA LEU G 111 -12.12 -9.04 21.25
C LEU G 111 -13.39 -9.00 22.07
N PHE G 112 -13.47 -9.89 23.08
CA PHE G 112 -14.60 -9.97 23.98
C PHE G 112 -14.05 -9.87 25.38
N LEU G 113 -14.42 -8.80 26.08
CA LEU G 113 -14.16 -8.65 27.50
C LEU G 113 -15.35 -9.24 28.23
N VAL G 114 -15.16 -10.42 28.78
CA VAL G 114 -16.20 -11.18 29.43
C VAL G 114 -15.81 -11.30 30.89
N LYS G 115 -16.79 -11.66 31.71
CA LYS G 115 -16.57 -11.99 33.12
C LYS G 115 -17.21 -13.34 33.38
N VAL G 116 -16.44 -14.30 33.87
CA VAL G 116 -16.97 -15.65 34.06
C VAL G 116 -17.96 -15.67 35.22
N THR G 117 -19.07 -16.39 35.02
CA THR G 117 -20.12 -16.57 36.01
C THR G 117 -20.22 -17.97 36.57
N THR G 118 -19.56 -18.94 35.96
CA THR G 118 -19.59 -20.32 36.44
C THR G 118 -18.24 -20.92 36.07
N GLY G 119 -17.40 -21.26 37.05
CA GLY G 119 -16.12 -21.81 36.70
C GLY G 119 -16.29 -22.98 35.75
N PHE G 120 -15.32 -23.23 34.86
CA PHE G 120 -15.47 -24.36 33.96
C PHE G 120 -14.10 -24.77 33.41
N GLN G 121 -14.10 -25.89 32.69
CA GLN G 121 -12.91 -26.48 32.09
C GLN G 121 -13.27 -26.87 30.67
N VAL G 122 -12.32 -26.73 29.74
CA VAL G 122 -12.52 -27.28 28.40
C VAL G 122 -11.21 -27.77 27.85
N ASN G 123 -11.24 -28.89 27.16
CA ASN G 123 -10.08 -29.37 26.42
C ASN G 123 -10.23 -28.91 24.98
N ASN G 124 -9.28 -28.10 24.52
CA ASN G 124 -9.26 -27.63 23.14
C ASN G 124 -8.00 -28.08 22.43
N TYR G 125 -8.08 -28.07 21.10
CA TYR G 125 -6.93 -28.34 20.24
C TYR G 125 -6.18 -27.04 20.04
N LEU G 126 -5.04 -26.86 20.72
CA LEU G 126 -4.32 -25.60 20.75
C LEU G 126 -3.17 -25.56 19.73
N SER G 127 -2.86 -24.37 19.23
CA SER G 127 -1.74 -24.19 18.31
C SER G 127 -1.03 -22.86 18.63
N TYR G 128 -0.03 -22.49 17.83
CA TYR G 128 0.67 -21.24 18.09
C TYR G 128 1.05 -20.56 16.78
N PHE G 129 1.57 -19.35 16.94
CA PHE G 129 2.05 -18.59 15.80
C PHE G 129 3.54 -18.88 15.67
N TYR G 130 3.98 -19.07 14.44
CA TYR G 130 5.38 -19.32 14.21
C TYR G 130 5.69 -18.55 12.94
N ARG G 131 6.99 -18.38 12.71
CA ARG G 131 7.44 -17.68 11.52
C ARG G 131 8.84 -18.16 11.21
N ALA G 132 9.01 -18.82 10.06
CA ALA G 132 10.29 -19.45 9.80
C ALA G 132 11.28 -18.41 9.36
N SER G 133 12.54 -18.61 9.75
CA SER G 133 13.60 -17.77 9.21
C SER G 133 13.68 -17.95 7.70
N ALA G 134 14.15 -16.92 7.03
CA ALA G 134 14.30 -17.00 5.59
C ALA G 134 15.69 -16.49 5.21
N THR G 135 15.89 -16.27 3.92
CA THR G 135 17.17 -15.76 3.42
C THR G 135 16.94 -14.44 2.69
N GLY G 136 17.76 -13.43 3.03
CA GLY G 136 17.72 -12.15 2.38
C GLY G 136 16.48 -11.40 2.81
N ASP G 137 16.06 -10.44 1.97
CA ASP G 137 14.85 -9.73 2.29
C ASP G 137 13.57 -10.50 1.90
N ALA G 138 13.70 -11.80 1.72
CA ALA G 138 12.53 -12.63 1.48
C ALA G 138 11.54 -12.45 2.63
N THR G 139 10.28 -12.23 2.28
CA THR G 139 9.16 -12.04 3.22
C THR G 139 8.70 -13.35 3.84
N THR G 140 9.02 -13.60 5.10
CA THR G 140 8.52 -14.79 5.78
C THR G 140 7.18 -14.48 6.43
N ASN G 141 6.24 -15.42 6.35
CA ASN G 141 4.90 -15.14 6.85
C ASN G 141 4.75 -15.56 8.29
N LEU G 142 3.80 -14.91 8.96
CA LEU G 142 3.35 -15.31 10.28
C LEU G 142 2.24 -16.34 10.09
N LEU G 143 2.48 -17.57 10.54
CA LEU G 143 1.56 -18.68 10.28
C LEU G 143 1.11 -19.33 11.58
N VAL G 144 0.04 -20.15 11.45
CA VAL G 144 -0.43 -21.00 12.54
C VAL G 144 0.04 -22.40 12.26
N ARG G 145 0.52 -23.08 13.28
CA ARG G 145 0.95 -24.46 13.13
C ARG G 145 -0.24 -25.37 12.84
N GLY G 146 0.01 -26.42 12.07
CA GLY G 146 -1.02 -27.39 11.78
C GLY G 146 -1.24 -28.33 12.94
N ASP G 147 -0.14 -28.90 13.45
CA ASP G 147 -0.22 -29.80 14.58
C ASP G 147 -0.97 -29.10 15.70
N THR G 148 -1.98 -29.75 16.27
CA THR G 148 -2.61 -29.17 17.45
C THR G 148 -2.20 -29.98 18.68
N TYR G 149 -2.23 -29.34 19.82
CA TYR G 149 -1.89 -29.99 21.08
C TYR G 149 -3.13 -29.90 21.95
N THR G 150 -3.76 -31.04 22.25
CA THR G 150 -4.91 -31.04 23.14
C THR G 150 -4.49 -30.69 24.56
N ALA G 151 -5.20 -29.76 25.16
CA ALA G 151 -4.92 -29.40 26.55
C ALA G 151 -6.18 -28.80 27.17
N GLY G 152 -6.15 -28.72 28.49
CA GLY G 152 -7.27 -28.18 29.25
C GLY G 152 -7.05 -26.71 29.57
N ILE G 153 -8.10 -25.92 29.41
CA ILE G 153 -8.13 -24.51 29.77
C ILE G 153 -9.15 -24.38 30.89
N SER G 154 -8.72 -23.73 31.98
CA SER G 154 -9.55 -23.58 33.17
C SER G 154 -9.94 -22.12 33.38
N PHE G 155 -11.22 -21.86 33.62
CA PHE G 155 -11.71 -20.51 33.89
C PHE G 155 -12.28 -20.46 35.30
N THR G 156 -11.76 -19.55 36.11
CA THR G 156 -12.18 -19.39 37.48
C THR G 156 -13.32 -18.39 37.51
N GLN G 157 -14.28 -18.65 38.37
CA GLN G 157 -15.49 -17.84 38.44
C GLN G 157 -15.23 -16.40 38.88
N GLY G 158 -16.05 -15.50 38.35
CA GLY G 158 -15.97 -14.10 38.69
C GLY G 158 -14.78 -13.37 38.12
N GLY G 159 -13.88 -14.09 37.45
CA GLY G 159 -12.72 -13.46 36.88
C GLY G 159 -13.00 -12.81 35.54
N TRP G 160 -12.20 -11.79 35.22
CA TRP G 160 -12.26 -11.15 33.94
C TRP G 160 -11.38 -11.87 32.94
N TYR G 161 -11.84 -11.89 31.70
CA TYR G 161 -11.13 -12.57 30.63
C TYR G 161 -11.26 -11.82 29.29
N LEU G 162 -10.16 -11.83 28.53
CA LEU G 162 -10.15 -11.31 27.19
C LEU G 162 -10.06 -12.52 26.25
N LEU G 163 -11.15 -12.73 25.50
CA LEU G 163 -11.27 -13.80 24.50
C LEU G 163 -11.18 -13.19 23.10
N THR G 164 -10.56 -13.92 22.16
CA THR G 164 -10.33 -13.42 20.79
C THR G 164 -10.69 -14.47 19.74
N ASN G 165 -11.21 -13.99 18.60
CA ASN G 165 -11.47 -14.81 17.41
C ASN G 165 -10.98 -14.05 16.19
N THR G 166 -10.07 -14.66 15.43
CA THR G 166 -9.63 -14.10 14.16
C THR G 166 -10.11 -14.96 13.00
N SER G 167 -10.68 -14.32 11.98
CA SER G 167 -11.18 -14.99 10.79
C SER G 167 -10.69 -14.27 9.54
N ILE G 168 -10.32 -15.02 8.51
CA ILE G 168 -9.97 -14.43 7.22
C ILE G 168 -11.23 -14.50 6.36
N VAL G 169 -11.86 -13.35 6.13
CA VAL G 169 -13.13 -13.22 5.43
C VAL G 169 -12.83 -13.12 3.94
N ASP G 170 -13.10 -14.21 3.22
CA ASP G 170 -12.82 -14.25 1.80
C ASP G 170 -14.00 -13.66 1.02
N GLY G 171 -13.73 -12.67 0.17
CA GLY G 171 -14.78 -12.18 -0.69
C GLY G 171 -15.43 -10.88 -0.28
N ALA G 172 -16.73 -10.79 -0.55
CA ALA G 172 -17.49 -9.59 -0.22
C ALA G 172 -17.66 -9.50 1.29
N MET G 173 -17.86 -8.27 1.76
CA MET G 173 -17.84 -7.97 3.19
C MET G 173 -19.18 -7.41 3.66
N PRO G 174 -19.72 -7.88 4.78
CA PRO G 174 -20.93 -7.25 5.34
C PRO G 174 -20.62 -5.86 5.87
N PRO G 175 -21.65 -5.07 6.19
CA PRO G 175 -21.40 -3.68 6.60
C PRO G 175 -21.20 -3.56 8.10
N GLY G 176 -21.80 -4.46 8.89
CA GLY G 176 -21.81 -4.31 10.33
C GLY G 176 -20.83 -5.22 11.03
N TRP G 177 -21.26 -5.80 12.15
CA TRP G 177 -20.40 -6.75 12.86
C TRP G 177 -20.21 -8.00 12.01
N VAL G 178 -18.96 -8.41 11.81
CA VAL G 178 -18.63 -9.59 11.02
C VAL G 178 -18.74 -10.83 11.90
N TRP G 179 -19.68 -11.72 11.58
CA TRP G 179 -19.92 -12.91 12.38
C TRP G 179 -19.30 -14.18 11.76
N ASN G 180 -18.29 -14.07 10.91
CA ASN G 180 -17.75 -15.28 10.27
C ASN G 180 -16.90 -16.07 11.24
N ASN G 181 -17.34 -17.27 11.59
CA ASN G 181 -16.59 -18.12 12.51
C ASN G 181 -15.68 -18.96 11.63
N VAL G 182 -14.45 -18.51 11.47
CA VAL G 182 -13.46 -19.23 10.68
C VAL G 182 -12.43 -19.75 11.65
N GLU G 183 -11.94 -20.95 11.37
CA GLU G 183 -10.85 -21.53 12.15
C GLU G 183 -9.54 -20.82 11.87
N LEU G 184 -8.56 -21.03 12.74
CA LEU G 184 -7.21 -20.56 12.43
C LEU G 184 -6.53 -21.44 11.38
N LYS G 185 -6.65 -21.03 10.11
CA LYS G 185 -6.17 -21.79 8.95
C LYS G 185 -4.65 -21.97 8.95
N THR G 186 -4.19 -23.22 8.81
CA THR G 186 -2.76 -23.50 8.65
C THR G 186 -2.32 -23.20 7.21
N ASN G 187 -1.03 -22.91 7.05
CA ASN G 187 -0.47 -22.49 5.76
C ASN G 187 -1.16 -21.25 5.24
N THR G 188 -1.81 -20.51 6.12
CA THR G 188 -2.33 -19.19 5.79
C THR G 188 -1.51 -18.15 6.56
N ALA G 189 -1.21 -17.04 5.86
CA ALA G 189 -0.49 -15.92 6.43
C ALA G 189 -1.44 -14.94 7.09
N TYR G 190 -1.04 -14.45 8.27
CA TYR G 190 -1.82 -13.54 9.10
C TYR G 190 -1.05 -12.25 9.33
N HIS G 191 -1.77 -11.13 9.23
CA HIS G 191 -1.23 -9.82 9.54
C HIS G 191 -1.48 -9.52 11.00
N MET G 192 -0.66 -8.64 11.57
CA MET G 192 -0.86 -8.22 12.94
C MET G 192 -1.88 -7.08 13.02
N ASP G 193 -2.66 -7.10 14.09
CA ASP G 193 -3.47 -5.96 14.47
C ASP G 193 -3.51 -5.94 15.98
N LYS G 194 -4.05 -4.86 16.55
CA LYS G 194 -4.02 -4.69 17.99
C LYS G 194 -4.66 -5.88 18.73
N GLY G 195 -5.58 -6.60 18.08
CA GLY G 195 -6.25 -7.73 18.68
C GLY G 195 -5.42 -8.97 18.79
N LEU G 196 -4.21 -8.94 18.23
CA LEU G 196 -3.31 -10.09 18.21
C LEU G 196 -1.96 -9.86 18.91
N VAL G 197 -1.66 -8.65 19.39
CA VAL G 197 -0.34 -8.38 19.96
C VAL G 197 -0.08 -9.16 21.23
N HIS G 198 -1.11 -9.58 21.94
CA HIS G 198 -0.92 -10.30 23.19
C HIS G 198 -0.86 -11.81 22.99
N LEU G 199 -0.86 -12.30 21.75
CA LEU G 199 -0.87 -13.74 21.48
C LEU G 199 0.42 -14.25 20.81
N ILE G 200 1.50 -13.45 20.81
CA ILE G 200 2.78 -14.01 20.41
C ILE G 200 3.41 -14.69 21.59
N MET G 201 3.63 -13.94 22.65
CA MET G 201 4.01 -14.57 23.89
C MET G 201 3.24 -13.88 25.00
N PRO G 202 2.88 -14.61 26.04
CA PRO G 202 2.15 -13.99 27.16
C PRO G 202 2.94 -12.80 27.66
N LEU G 203 2.26 -11.64 27.68
CA LEU G 203 2.81 -10.41 28.24
C LEU G 203 3.06 -10.57 29.73
N PRO G 204 4.06 -9.88 30.29
CA PRO G 204 4.33 -10.02 31.72
C PRO G 204 3.15 -9.48 32.52
N GLU G 205 2.95 -10.09 33.68
CA GLU G 205 1.87 -9.72 34.58
C GLU G 205 1.86 -8.21 34.83
N SER G 206 0.66 -7.66 34.96
CA SER G 206 0.39 -6.24 35.21
C SER G 206 0.64 -5.35 34.01
N THR G 207 1.02 -5.87 32.86
CA THR G 207 1.06 -5.04 31.66
C THR G 207 -0.32 -4.41 31.46
N GLN G 208 -0.37 -3.23 30.84
CA GLN G 208 -1.63 -2.53 30.60
C GLN G 208 -1.91 -2.35 29.11
N MET G 209 -3.17 -2.41 28.71
CA MET G 209 -3.52 -2.06 27.35
C MET G 209 -4.83 -1.30 27.38
N CYS G 210 -4.96 -0.27 26.57
CA CYS G 210 -6.25 0.40 26.41
C CYS G 210 -6.82 0.06 25.04
N TYR G 211 -8.10 -0.20 25.00
CA TYR G 211 -8.83 -0.54 23.79
C TYR G 211 -10.05 0.37 23.67
N GLU G 212 -10.42 0.74 22.45
CA GLU G 212 -11.66 1.50 22.23
C GLU G 212 -12.75 0.49 21.93
N MET G 213 -13.53 0.13 22.95
CA MET G 213 -14.51 -0.98 22.74
C MET G 213 -15.96 -0.46 22.78
N LEU G 214 -16.90 -1.30 22.32
CA LEU G 214 -18.33 -0.91 22.30
C LEU G 214 -19.09 -1.81 23.28
N THR G 215 -20.28 -1.38 23.72
CA THR G 215 -21.11 -2.21 24.62
C THR G 215 -22.40 -2.58 23.90
N SER G 216 -22.33 -2.80 22.59
CA SER G 216 -23.50 -3.15 21.78
C SER G 216 -23.09 -3.44 20.34
N ILE G 217 -23.89 -4.26 19.67
CA ILE G 217 -23.66 -4.63 18.27
C ILE G 217 -24.74 -4.11 17.31
N GLU H 3 -0.28 -14.94 -29.44
CA GLU H 3 -1.49 -14.09 -29.33
C GLU H 3 -1.09 -12.69 -28.86
N GLU H 4 -0.30 -12.59 -27.79
CA GLU H 4 0.12 -11.28 -27.25
C GLU H 4 0.90 -10.53 -28.32
N TYR H 5 0.65 -9.22 -28.47
CA TYR H 5 1.33 -8.43 -29.53
C TYR H 5 1.63 -7.07 -28.91
N LYS H 6 2.76 -6.47 -29.29
CA LYS H 6 3.04 -5.07 -28.85
C LYS H 6 2.59 -4.19 -30.01
N VAL H 7 1.65 -3.26 -29.77
CA VAL H 7 1.06 -2.51 -30.88
C VAL H 7 1.52 -1.06 -30.74
N VAL H 8 1.99 -0.50 -31.85
CA VAL H 8 2.36 0.92 -31.92
C VAL H 8 1.27 1.67 -32.69
N LEU H 9 0.51 2.47 -31.96
CA LEU H 9 -0.56 3.26 -32.54
C LEU H 9 -0.02 4.65 -32.86
N THR H 10 -0.23 5.10 -34.08
CA THR H 10 0.08 6.45 -34.54
C THR H 10 -1.23 7.22 -34.66
N PHE H 11 -1.44 8.16 -33.73
CA PHE H 11 -2.69 8.87 -33.58
C PHE H 11 -2.96 9.81 -34.75
N GLY H 12 -4.23 10.00 -35.06
CA GLY H 12 -4.66 10.91 -36.09
C GLY H 12 -5.15 12.20 -35.48
N SER H 13 -5.94 12.90 -36.21
CA SER H 13 -6.40 14.17 -35.64
C SER H 13 -7.63 13.95 -34.79
N PRO H 14 -7.92 14.88 -33.89
CA PRO H 14 -9.14 14.79 -33.08
C PRO H 14 -10.38 14.50 -33.91
N MET H 15 -11.30 13.76 -33.31
CA MET H 15 -12.61 13.55 -33.88
C MET H 15 -13.58 14.51 -33.22
N SER H 16 -14.44 15.12 -34.01
CA SER H 16 -15.37 16.08 -33.45
C SER H 16 -16.22 15.42 -32.38
N PRO H 17 -16.52 16.11 -31.31
CA PRO H 17 -16.26 17.53 -31.10
C PRO H 17 -14.92 17.82 -30.46
N ASN H 18 -13.91 16.96 -30.64
CA ASN H 18 -12.63 17.19 -29.98
C ASN H 18 -11.76 18.07 -30.85
N ALA H 19 -10.88 18.84 -30.21
CA ALA H 19 -9.95 19.70 -30.91
C ALA H 19 -8.61 19.68 -30.19
N ASN H 20 -7.56 20.05 -30.91
CA ASN H 20 -6.22 20.03 -30.32
C ASN H 20 -6.10 20.98 -29.15
N ASN H 21 -7.02 21.93 -29.04
CA ASN H 21 -6.99 23.01 -28.06
C ASN H 21 -8.16 22.95 -27.08
N LYS H 22 -8.90 21.87 -27.08
CA LYS H 22 -10.07 21.69 -26.23
C LYS H 22 -9.80 20.54 -25.29
N GLN H 23 -10.70 20.37 -24.33
CA GLN H 23 -10.76 19.12 -23.58
C GLN H 23 -11.09 17.95 -24.51
N THR H 24 -10.75 16.75 -24.03
CA THR H 24 -11.25 15.53 -24.65
C THR H 24 -12.64 15.27 -24.08
N TRP H 25 -13.62 15.12 -24.99
CA TRP H 25 -14.99 14.72 -24.66
C TRP H 25 -15.10 13.21 -24.72
N VAL H 26 -15.85 12.64 -23.78
CA VAL H 26 -16.06 11.20 -23.67
C VAL H 26 -17.52 10.95 -23.28
N ASN H 27 -18.02 9.76 -23.57
CA ASN H 27 -19.42 9.47 -23.30
C ASN H 27 -19.66 9.08 -21.83
N LYS H 28 -20.47 9.90 -21.10
CA LYS H 28 -20.61 9.66 -19.67
C LYS H 28 -21.55 8.48 -19.40
N PRO H 29 -22.82 8.56 -19.74
CA PRO H 29 -23.75 7.56 -19.22
C PRO H 29 -23.73 6.32 -20.07
N LEU H 30 -24.55 5.33 -19.72
CA LEU H 30 -24.73 4.15 -20.55
C LEU H 30 -26.03 4.23 -21.35
N ASP H 31 -26.73 5.35 -21.26
CA ASP H 31 -27.95 5.60 -22.01
C ASP H 31 -27.66 6.61 -23.13
N ALA H 32 -28.66 6.84 -23.97
CA ALA H 32 -28.49 7.65 -25.16
C ALA H 32 -29.59 8.71 -25.22
N PRO H 33 -29.33 9.83 -25.90
CA PRO H 33 -30.43 10.74 -26.19
C PRO H 33 -31.51 9.98 -26.95
N SER H 34 -32.75 10.39 -26.70
CA SER H 34 -33.91 9.73 -27.29
C SER H 34 -33.73 9.53 -28.80
N GLY H 35 -33.80 8.29 -29.24
CA GLY H 35 -33.63 8.01 -30.64
C GLY H 35 -32.25 7.61 -31.09
N HIS H 36 -31.27 7.53 -30.20
CA HIS H 36 -29.96 7.04 -30.59
C HIS H 36 -29.49 5.95 -29.60
N TYR H 37 -28.27 5.46 -29.83
CA TYR H 37 -27.73 4.35 -29.06
C TYR H 37 -26.27 4.60 -28.70
N ASN H 38 -25.78 3.88 -27.68
CA ASN H 38 -24.35 3.90 -27.39
C ASN H 38 -23.61 2.89 -28.25
N VAL H 39 -22.31 3.09 -28.37
CA VAL H 39 -21.46 2.09 -29.00
C VAL H 39 -21.16 0.97 -28.00
N LYS H 40 -21.28 -0.28 -28.45
CA LYS H 40 -21.00 -1.41 -27.57
C LYS H 40 -19.97 -2.35 -28.19
N ILE H 41 -18.94 -2.65 -27.43
CA ILE H 41 -18.01 -3.73 -27.78
C ILE H 41 -18.44 -4.94 -26.97
N ALA H 42 -18.88 -6.00 -27.65
CA ALA H 42 -19.55 -7.09 -26.97
C ALA H 42 -19.01 -8.42 -27.46
N LYS H 43 -19.06 -9.41 -26.56
CA LYS H 43 -18.92 -10.83 -26.90
C LYS H 43 -20.28 -11.53 -26.91
N ASP H 44 -21.11 -11.24 -25.91
CA ASP H 44 -22.46 -11.78 -25.80
C ASP H 44 -23.32 -10.73 -25.09
N VAL H 45 -24.59 -11.06 -24.84
CA VAL H 45 -25.51 -10.06 -24.27
C VAL H 45 -25.17 -9.70 -22.84
N ASP H 46 -24.51 -10.59 -22.12
CA ASP H 46 -24.13 -10.34 -20.73
C ASP H 46 -22.73 -9.76 -20.58
N HIS H 47 -21.91 -9.93 -21.61
CA HIS H 47 -20.49 -9.56 -21.61
C HIS H 47 -20.25 -8.56 -22.73
N TYR H 48 -20.35 -7.27 -22.37
CA TYR H 48 -20.18 -6.16 -23.29
C TYR H 48 -19.84 -4.92 -22.50
N LEU H 49 -19.19 -3.98 -23.19
CA LEU H 49 -18.75 -2.69 -22.64
C LEU H 49 -19.17 -1.53 -23.53
N THR H 50 -19.70 -0.49 -22.89
CA THR H 50 -20.13 0.71 -23.59
C THR H 50 -18.95 1.66 -23.82
N MET H 51 -18.80 2.13 -25.05
CA MET H 51 -17.72 3.03 -25.43
C MET H 51 -17.85 4.40 -24.75
N GLN H 52 -16.77 4.83 -24.10
CA GLN H 52 -16.68 6.16 -23.51
C GLN H 52 -15.69 7.08 -24.22
N GLY H 53 -14.46 6.62 -24.44
CA GLY H 53 -13.44 7.42 -25.06
C GLY H 53 -13.21 6.93 -26.49
N PHE H 54 -13.28 7.86 -27.43
CA PHE H 54 -13.12 7.55 -28.84
C PHE H 54 -11.95 8.35 -29.38
N THR H 55 -11.22 7.73 -30.31
CA THR H 55 -9.95 8.26 -30.76
C THR H 55 -9.68 7.64 -32.12
N SER H 56 -9.33 8.42 -33.13
CA SER H 56 -9.04 7.80 -34.42
C SER H 56 -7.53 7.58 -34.52
N ILE H 57 -7.14 6.40 -35.01
CA ILE H 57 -5.73 6.02 -35.13
C ILE H 57 -5.38 6.01 -36.60
N ALA H 58 -4.36 6.75 -36.98
CA ALA H 58 -4.01 6.82 -38.39
C ALA H 58 -3.19 5.62 -38.83
N SER H 59 -2.49 4.97 -37.90
CA SER H 59 -1.75 3.79 -38.35
C SER H 59 -1.43 2.85 -37.19
N VAL H 60 -1.33 1.57 -37.49
CA VAL H 60 -1.05 0.53 -36.50
C VAL H 60 0.13 -0.28 -37.00
N ASP H 61 1.17 -0.39 -36.19
CA ASP H 61 2.31 -1.24 -36.50
C ASP H 61 2.36 -2.38 -35.50
N TRP H 62 2.53 -3.60 -36.01
CA TRP H 62 2.45 -4.80 -35.18
C TRP H 62 3.83 -5.40 -34.94
N TYR H 63 4.11 -5.77 -33.67
CA TYR H 63 5.37 -6.39 -33.30
C TYR H 63 5.05 -7.56 -32.37
N THR H 64 5.97 -8.53 -32.34
CA THR H 64 5.85 -9.71 -31.47
C THR H 64 6.10 -9.32 -30.03
N ILE H 65 6.12 -10.30 -29.14
CA ILE H 65 6.36 -9.99 -27.74
C ILE H 65 7.82 -9.61 -27.46
N ASP H 66 8.72 -9.75 -28.44
CA ASP H 66 10.11 -9.31 -28.37
C ASP H 66 10.41 -8.09 -29.25
N PHE H 67 9.38 -7.41 -29.75
CA PHE H 67 9.50 -6.26 -30.67
C PHE H 67 10.06 -6.63 -32.04
N GLN H 68 9.83 -7.86 -32.50
CA GLN H 68 10.13 -8.30 -33.87
C GLN H 68 8.89 -8.17 -34.76
N PRO H 69 9.05 -7.65 -35.98
CA PRO H 69 7.87 -7.33 -36.79
C PRO H 69 6.96 -8.53 -36.93
N SER H 70 5.66 -8.26 -36.97
CA SER H 70 4.64 -9.26 -37.19
C SER H 70 3.71 -8.69 -38.24
N GLU H 71 2.82 -9.54 -38.70
CA GLU H 71 1.78 -9.09 -39.59
C GLU H 71 0.49 -8.99 -38.79
N ALA H 72 -0.36 -8.05 -39.23
CA ALA H 72 -1.61 -7.69 -38.57
C ALA H 72 -2.47 -8.92 -38.33
N PRO H 73 -2.73 -9.29 -37.09
CA PRO H 73 -3.51 -10.50 -36.85
C PRO H 73 -4.91 -10.40 -37.44
N ALA H 74 -5.61 -11.49 -37.38
CA ALA H 74 -6.96 -11.48 -37.89
C ALA H 74 -7.85 -10.89 -36.81
N PRO H 75 -9.03 -10.40 -37.19
CA PRO H 75 -9.99 -9.92 -36.18
C PRO H 75 -10.29 -10.95 -35.11
N ILE H 76 -10.34 -10.48 -33.86
CA ILE H 76 -10.65 -11.31 -32.70
C ILE H 76 -12.05 -11.86 -32.87
N LYS H 77 -12.16 -13.18 -33.05
CA LYS H 77 -13.46 -13.79 -33.24
C LYS H 77 -14.24 -13.79 -31.94
N GLY H 78 -15.54 -13.51 -32.02
CA GLY H 78 -16.37 -13.47 -30.85
C GLY H 78 -16.61 -12.10 -30.25
N LEU H 79 -15.79 -11.11 -30.62
CA LEU H 79 -15.92 -9.72 -30.21
C LEU H 79 -16.40 -8.90 -31.40
N GLN H 80 -17.37 -8.00 -31.16
CA GLN H 80 -17.84 -7.12 -32.23
C GLN H 80 -18.30 -5.79 -31.65
N VAL H 81 -18.25 -4.75 -32.49
CA VAL H 81 -18.71 -3.43 -32.12
C VAL H 81 -20.08 -3.29 -32.76
N LEU H 82 -21.10 -3.30 -31.92
CA LEU H 82 -22.51 -3.23 -32.30
C LEU H 82 -23.04 -1.89 -31.85
N VAL H 83 -23.83 -1.22 -32.69
CA VAL H 83 -24.46 0.03 -32.25
C VAL H 83 -25.80 -0.25 -31.59
N ASN H 84 -26.75 -0.82 -32.32
CA ASN H 84 -27.96 -1.21 -31.61
C ASN H 84 -28.15 -2.72 -31.71
N ILE H 85 -28.70 -3.11 -32.84
CA ILE H 85 -28.82 -4.52 -33.18
C ILE H 85 -27.93 -4.86 -34.35
N SER H 86 -27.32 -3.87 -34.97
CA SER H 86 -26.42 -4.06 -36.10
C SER H 86 -24.95 -3.86 -35.70
N LYS H 87 -24.08 -4.67 -36.29
CA LYS H 87 -22.65 -4.61 -36.08
C LYS H 87 -21.92 -3.64 -37.00
N LYS H 88 -21.02 -2.84 -36.41
CA LYS H 88 -20.35 -1.76 -37.13
C LYS H 88 -18.82 -1.86 -37.12
N ALA H 89 -18.21 -2.66 -36.25
CA ALA H 89 -16.75 -2.74 -36.30
C ALA H 89 -16.22 -4.06 -35.75
N ASP H 90 -15.01 -4.39 -36.20
CA ASP H 90 -14.26 -5.59 -35.78
C ASP H 90 -13.24 -5.22 -34.72
N VAL H 91 -13.12 -6.04 -33.69
CA VAL H 91 -12.09 -5.86 -32.67
C VAL H 91 -10.85 -6.67 -33.05
N TYR H 92 -9.69 -6.01 -33.16
CA TYR H 92 -8.44 -6.64 -33.54
C TYR H 92 -7.48 -6.91 -32.39
N ALA H 93 -7.56 -6.17 -31.29
CA ALA H 93 -6.71 -6.39 -30.12
C ALA H 93 -7.34 -5.73 -28.91
N VAL H 94 -7.16 -6.32 -27.74
CA VAL H 94 -7.66 -5.71 -26.50
C VAL H 94 -6.53 -5.67 -25.48
N LYS H 95 -6.77 -4.90 -24.42
CA LYS H 95 -5.87 -4.77 -23.29
C LYS H 95 -6.64 -4.14 -22.13
N GLN H 96 -6.40 -4.64 -20.94
CA GLN H 96 -7.01 -4.12 -19.74
C GLN H 96 -5.99 -3.69 -18.69
N PHE H 97 -6.37 -2.68 -17.91
CA PHE H 97 -5.52 -2.09 -16.89
C PHE H 97 -6.30 -2.05 -15.59
N VAL H 98 -5.98 -2.96 -14.66
CA VAL H 98 -6.70 -3.01 -13.36
C VAL H 98 -5.91 -2.21 -12.32
N THR H 99 -6.30 -0.95 -12.09
CA THR H 99 -5.63 -0.11 -11.08
C THR H 99 -6.41 -0.20 -9.79
N ALA H 100 -5.78 -0.67 -8.71
CA ALA H 100 -6.49 -0.85 -7.43
C ALA H 100 -6.58 0.49 -6.70
N GLN H 101 -7.73 1.18 -6.83
CA GLN H 101 -7.93 2.47 -6.13
C GLN H 101 -7.79 2.22 -4.62
N THR H 102 -8.53 1.24 -4.09
CA THR H 102 -8.42 0.88 -2.66
C THR H 102 -8.39 -0.63 -2.55
N ASN H 103 -8.61 -1.15 -1.33
CA ASN H 103 -8.68 -2.62 -1.14
C ASN H 103 -9.90 -3.15 -1.91
N ASN H 104 -11.01 -2.41 -1.87
CA ASN H 104 -12.24 -2.82 -2.60
C ASN H 104 -12.30 -2.08 -3.94
N LYS H 105 -12.26 -0.74 -3.90
CA LYS H 105 -12.33 0.04 -5.13
C LYS H 105 -11.21 -0.36 -6.09
N HIS H 106 -11.60 -0.68 -7.33
CA HIS H 106 -10.65 -0.97 -8.41
C HIS H 106 -11.06 -0.17 -9.64
N GLN H 107 -10.10 0.46 -10.29
CA GLN H 107 -10.36 1.13 -11.54
C GLN H 107 -9.87 0.23 -12.67
N VAL H 108 -10.79 -0.22 -13.51
CA VAL H 108 -10.46 -1.08 -14.65
C VAL H 108 -10.74 -0.27 -15.92
N THR H 109 -9.70 -0.05 -16.71
CA THR H 109 -9.79 0.62 -17.99
C THR H 109 -9.56 -0.40 -19.10
N SER H 110 -10.43 -0.41 -20.09
CA SER H 110 -10.41 -1.39 -21.15
C SER H 110 -10.20 -0.65 -22.47
N LEU H 111 -9.26 -1.12 -23.28
CA LEU H 111 -8.92 -0.53 -24.57
C LEU H 111 -9.21 -1.52 -25.68
N PHE H 112 -9.88 -1.07 -26.73
CA PHE H 112 -10.20 -1.89 -27.90
C PHE H 112 -9.69 -1.22 -29.16
N LEU H 113 -8.78 -1.88 -29.85
CA LEU H 113 -8.36 -1.43 -31.17
C LEU H 113 -9.34 -2.02 -32.18
N VAL H 114 -10.27 -1.19 -32.65
CA VAL H 114 -11.34 -1.65 -33.53
C VAL H 114 -11.07 -1.11 -34.94
N LYS H 115 -11.66 -1.76 -35.92
CA LYS H 115 -11.63 -1.32 -37.31
C LYS H 115 -13.07 -1.24 -37.79
N VAL H 116 -13.49 -0.03 -38.16
CA VAL H 116 -14.86 0.17 -38.60
C VAL H 116 -15.03 -0.51 -39.94
N THR H 117 -16.13 -1.26 -40.07
CA THR H 117 -16.52 -1.98 -41.26
C THR H 117 -17.75 -1.38 -41.92
N THR H 118 -18.46 -0.51 -41.21
CA THR H 118 -19.67 0.17 -41.70
C THR H 118 -19.73 1.53 -41.04
N GLY H 119 -19.51 2.62 -41.79
CA GLY H 119 -19.54 3.94 -41.19
C GLY H 119 -20.80 4.24 -40.41
N PHE H 120 -20.73 5.12 -39.40
CA PHE H 120 -21.94 5.41 -38.63
C PHE H 120 -21.81 6.71 -37.84
N GLN H 121 -22.92 7.11 -37.25
CA GLN H 121 -23.08 8.34 -36.49
C GLN H 121 -23.78 8.00 -35.18
N VAL H 122 -23.44 8.70 -34.11
CA VAL H 122 -24.19 8.55 -32.86
C VAL H 122 -24.28 9.89 -32.14
N ASN H 123 -25.42 10.15 -31.52
CA ASN H 123 -25.58 11.25 -30.58
C ASN H 123 -25.46 10.67 -29.18
N ASN H 124 -24.40 11.04 -28.46
CA ASN H 124 -24.16 10.59 -27.10
C ASN H 124 -24.14 11.79 -26.16
N TYR H 125 -24.34 11.51 -24.86
CA TYR H 125 -24.20 12.54 -23.83
C TYR H 125 -22.74 12.64 -23.38
N LEU H 126 -22.02 13.70 -23.76
CA LEU H 126 -20.59 13.74 -23.51
C LEU H 126 -20.26 14.58 -22.28
N SER H 127 -19.14 14.25 -21.65
CA SER H 127 -18.59 15.02 -20.54
C SER H 127 -17.07 15.02 -20.68
N TYR H 128 -16.39 15.62 -19.71
CA TYR H 128 -14.94 15.67 -19.76
C TYR H 128 -14.40 15.49 -18.36
N PHE H 129 -13.09 15.34 -18.27
CA PHE H 129 -12.42 15.21 -16.99
C PHE H 129 -11.97 16.58 -16.52
N TYR H 130 -12.09 16.83 -15.23
CA TYR H 130 -11.71 18.12 -14.65
C TYR H 130 -11.10 17.87 -13.28
N ARG H 131 -10.47 18.91 -12.75
CA ARG H 131 -9.89 18.85 -11.42
C ARG H 131 -9.79 20.27 -10.86
N ALA H 132 -10.50 20.53 -9.78
CA ALA H 132 -10.57 21.89 -9.28
C ALA H 132 -9.30 22.26 -8.53
N SER H 133 -8.90 23.51 -8.66
CA SER H 133 -7.81 23.99 -7.82
C SER H 133 -8.25 23.94 -6.35
N ALA H 134 -7.28 23.77 -5.47
CA ALA H 134 -7.49 23.82 -4.02
C ALA H 134 -6.37 24.68 -3.45
N THR H 135 -6.19 24.61 -2.13
CA THR H 135 -5.11 25.37 -1.47
C THR H 135 -4.21 24.42 -0.72
N GLY H 136 -2.95 24.80 -0.51
CA GLY H 136 -2.01 23.96 0.25
C GLY H 136 -1.77 22.62 -0.42
N ASP H 137 -1.68 21.54 0.36
CA ASP H 137 -1.38 20.20 -0.20
C ASP H 137 -2.69 19.40 -0.34
N ALA H 138 -3.83 20.10 -0.29
CA ALA H 138 -5.14 19.41 -0.38
C ALA H 138 -5.17 18.52 -1.64
N THR H 139 -5.49 17.25 -1.46
CA THR H 139 -5.55 16.31 -2.60
C THR H 139 -6.82 16.55 -3.37
N THR H 140 -6.75 17.26 -4.50
CA THR H 140 -7.93 17.49 -5.33
C THR H 140 -8.07 16.36 -6.34
N ASN H 141 -9.30 15.90 -6.53
CA ASN H 141 -9.53 14.68 -7.29
C ASN H 141 -9.74 14.93 -8.78
N LEU H 142 -9.47 13.89 -9.56
CA LEU H 142 -9.75 13.88 -10.98
C LEU H 142 -11.18 13.39 -11.15
N LEU H 143 -12.06 14.26 -11.63
CA LEU H 143 -13.48 13.95 -11.74
C LEU H 143 -14.00 14.13 -13.17
N VAL H 144 -15.20 13.57 -13.40
CA VAL H 144 -15.96 13.72 -14.63
C VAL H 144 -17.05 14.75 -14.38
N ARG H 145 -17.26 15.67 -15.31
CA ARG H 145 -18.33 16.63 -15.13
C ARG H 145 -19.68 15.94 -15.15
N GLY H 146 -20.62 16.43 -14.35
CA GLY H 146 -21.92 15.80 -14.30
C GLY H 146 -22.71 16.16 -15.53
N ASP H 147 -22.81 17.46 -15.81
CA ASP H 147 -23.52 17.95 -16.99
C ASP H 147 -23.02 17.28 -18.25
N THR H 148 -23.95 16.83 -19.07
CA THR H 148 -23.59 16.27 -20.35
C THR H 148 -23.95 17.26 -21.44
N TYR H 149 -23.25 17.14 -22.54
CA TYR H 149 -23.43 17.92 -23.76
C TYR H 149 -23.71 16.89 -24.86
N THR H 150 -24.95 16.87 -25.36
CA THR H 150 -25.31 15.94 -26.42
C THR H 150 -24.57 16.29 -27.68
N ALA H 151 -23.99 15.30 -28.36
CA ALA H 151 -23.33 15.65 -29.60
C ALA H 151 -23.18 14.43 -30.48
N GLY H 152 -22.87 14.68 -31.75
CA GLY H 152 -22.69 13.62 -32.73
C GLY H 152 -21.21 13.27 -32.88
N ILE H 153 -20.95 11.96 -32.91
CA ILE H 153 -19.62 11.38 -33.16
C ILE H 153 -19.72 10.51 -34.39
N SER H 154 -18.79 10.71 -35.33
CA SER H 154 -18.82 10.08 -36.64
C SER H 154 -17.68 9.08 -36.77
N PHE H 155 -17.99 7.87 -37.26
CA PHE H 155 -17.00 6.85 -37.51
C PHE H 155 -16.94 6.50 -38.99
N THR H 156 -15.75 6.61 -39.58
CA THR H 156 -15.52 6.40 -41.00
C THR H 156 -15.18 4.94 -41.27
N GLN H 157 -15.69 4.44 -42.37
CA GLN H 157 -15.49 3.04 -42.72
C GLN H 157 -14.03 2.74 -42.98
N GLY H 158 -13.58 1.57 -42.54
CA GLY H 158 -12.19 1.20 -42.74
C GLY H 158 -11.16 1.94 -41.91
N GLY H 159 -11.58 2.93 -41.12
CA GLY H 159 -10.64 3.65 -40.26
C GLY H 159 -10.43 2.87 -38.97
N TRP H 160 -9.24 3.03 -38.37
CA TRP H 160 -8.92 2.45 -37.07
C TRP H 160 -9.34 3.37 -35.91
N TYR H 161 -9.74 2.76 -34.81
CA TYR H 161 -10.21 3.56 -33.68
C TYR H 161 -9.81 2.87 -32.38
N LEU H 162 -9.51 3.68 -31.38
CA LEU H 162 -9.20 3.17 -30.05
C LEU H 162 -10.36 3.52 -29.12
N LEU H 163 -11.12 2.52 -28.69
CA LEU H 163 -12.26 2.76 -27.81
C LEU H 163 -11.94 2.35 -26.37
N THR H 164 -12.45 3.11 -25.40
CA THR H 164 -12.09 2.85 -24.01
C THR H 164 -13.31 2.90 -23.11
N ASN H 165 -13.26 2.06 -22.07
CA ASN H 165 -14.28 2.01 -21.02
C ASN H 165 -13.60 1.89 -19.65
N THR H 166 -13.97 2.77 -18.72
CA THR H 166 -13.49 2.67 -17.34
C THR H 166 -14.63 2.38 -16.37
N SER H 167 -14.40 1.44 -15.46
CA SER H 167 -15.36 1.04 -14.44
C SER H 167 -14.70 1.05 -13.06
N ILE H 168 -15.44 1.55 -12.07
CA ILE H 168 -15.03 1.49 -10.67
C ILE H 168 -15.72 0.31 -10.03
N VAL H 169 -14.98 -0.79 -9.86
CA VAL H 169 -15.47 -2.05 -9.28
C VAL H 169 -15.22 -2.00 -7.77
N ASP H 170 -16.30 -1.70 -7.00
CA ASP H 170 -16.25 -1.55 -5.54
C ASP H 170 -16.56 -2.89 -4.85
N GLY H 171 -15.54 -3.76 -4.78
CA GLY H 171 -15.73 -5.05 -4.10
C GLY H 171 -14.76 -6.11 -4.61
N ALA H 172 -15.24 -7.35 -4.75
CA ALA H 172 -14.35 -8.47 -5.18
C ALA H 172 -13.97 -8.31 -6.65
N MET H 173 -12.93 -9.01 -7.09
CA MET H 173 -12.45 -8.87 -8.49
C MET H 173 -12.43 -10.25 -9.18
N PRO H 174 -12.92 -10.38 -10.43
CA PRO H 174 -12.83 -11.64 -11.15
C PRO H 174 -11.39 -11.90 -11.57
N PRO H 175 -10.97 -13.18 -11.71
CA PRO H 175 -9.58 -13.48 -12.02
C PRO H 175 -9.16 -13.09 -13.43
N GLY H 176 -10.10 -13.11 -14.39
CA GLY H 176 -9.74 -12.82 -15.77
C GLY H 176 -10.23 -11.47 -16.25
N TRP H 177 -10.75 -11.40 -17.48
CA TRP H 177 -11.23 -10.13 -18.02
C TRP H 177 -12.46 -9.64 -17.27
N VAL H 178 -12.43 -8.40 -16.80
CA VAL H 178 -13.52 -7.81 -16.06
C VAL H 178 -14.54 -7.23 -17.04
N TRP H 179 -15.77 -7.73 -17.00
CA TRP H 179 -16.81 -7.26 -17.90
C TRP H 179 -17.77 -6.27 -17.27
N ASN H 180 -17.37 -5.59 -16.19
CA ASN H 180 -18.32 -4.70 -15.50
C ASN H 180 -18.53 -3.42 -16.28
N ASN H 181 -19.73 -3.23 -16.79
CA ASN H 181 -20.05 -2.04 -17.58
C ASN H 181 -20.58 -0.99 -16.61
N VAL H 182 -19.72 -0.11 -16.15
CA VAL H 182 -20.11 0.95 -15.25
C VAL H 182 -20.07 2.27 -16.02
N GLU H 183 -21.00 3.15 -15.70
CA GLU H 183 -20.94 4.48 -16.29
C GLU H 183 -19.77 5.27 -15.71
N LEU H 184 -19.38 6.32 -16.42
CA LEU H 184 -18.40 7.21 -15.83
C LEU H 184 -19.11 7.98 -14.73
N LYS H 185 -19.01 7.41 -13.53
CA LYS H 185 -19.69 7.91 -12.36
C LYS H 185 -19.33 9.36 -12.10
N THR H 186 -20.35 10.19 -11.98
CA THR H 186 -20.11 11.58 -11.65
C THR H 186 -19.76 11.69 -10.15
N ASN H 187 -19.00 12.74 -9.81
CA ASN H 187 -18.46 13.02 -8.46
C ASN H 187 -17.54 11.92 -7.89
N THR H 188 -17.09 11.00 -8.73
CA THR H 188 -16.16 9.95 -8.31
C THR H 188 -14.73 10.28 -8.73
N ALA H 189 -13.79 10.01 -7.83
CA ALA H 189 -12.39 10.21 -8.14
C ALA H 189 -11.84 9.02 -8.92
N TYR H 190 -11.04 9.35 -9.92
CA TYR H 190 -10.44 8.40 -10.84
C TYR H 190 -8.92 8.58 -10.81
N HIS H 191 -8.22 7.46 -10.84
CA HIS H 191 -6.78 7.46 -10.97
C HIS H 191 -6.39 7.32 -12.43
N MET H 192 -5.22 7.84 -12.78
CA MET H 192 -4.72 7.74 -14.14
C MET H 192 -4.09 6.36 -14.38
N ASP H 193 -4.22 5.87 -15.60
CA ASP H 193 -3.48 4.68 -16.00
C ASP H 193 -3.13 4.80 -17.49
N LYS H 194 -2.35 3.83 -17.98
CA LYS H 194 -1.91 3.90 -19.37
C LYS H 194 -3.12 4.00 -20.32
N GLY H 195 -4.27 3.49 -19.92
CA GLY H 195 -5.43 3.57 -20.78
C GLY H 195 -6.14 4.91 -20.85
N LEU H 196 -5.70 5.93 -20.07
CA LEU H 196 -6.43 7.20 -20.01
C LEU H 196 -5.61 8.42 -20.39
N VAL H 197 -4.31 8.31 -20.66
CA VAL H 197 -3.50 9.50 -20.92
C VAL H 197 -3.94 10.24 -22.20
N HIS H 198 -4.59 9.55 -23.13
CA HIS H 198 -4.99 10.21 -24.35
C HIS H 198 -6.39 10.84 -24.24
N LEU H 199 -7.00 10.81 -23.06
CA LEU H 199 -8.36 11.31 -22.85
C LEU H 199 -8.36 12.54 -21.95
N ILE H 200 -7.18 13.13 -21.69
CA ILE H 200 -7.14 14.39 -20.99
C ILE H 200 -7.32 15.53 -22.01
N MET H 201 -6.40 15.62 -22.96
CA MET H 201 -6.57 16.52 -24.10
C MET H 201 -6.13 15.72 -25.32
N PRO H 202 -6.74 15.98 -26.47
CA PRO H 202 -6.36 15.23 -27.68
C PRO H 202 -4.87 15.34 -27.92
N LEU H 203 -4.16 14.21 -27.82
CA LEU H 203 -2.69 14.22 -28.02
C LEU H 203 -2.37 14.71 -29.44
N PRO H 204 -1.22 15.37 -29.67
CA PRO H 204 -0.88 15.88 -30.99
C PRO H 204 -0.92 14.75 -32.02
N GLU H 205 -1.30 15.08 -33.25
CA GLU H 205 -1.36 14.07 -34.33
C GLU H 205 0.04 13.46 -34.53
N SER H 206 0.12 12.18 -34.92
CA SER H 206 1.40 11.49 -35.17
C SER H 206 2.04 11.03 -33.85
N THR H 207 1.39 11.30 -32.71
CA THR H 207 1.89 10.80 -31.42
C THR H 207 1.84 9.28 -31.45
N GLN H 208 2.89 8.61 -30.97
CA GLN H 208 2.93 7.13 -31.07
C GLN H 208 2.90 6.50 -29.68
N MET H 209 1.94 5.60 -29.43
CA MET H 209 1.87 4.89 -28.16
C MET H 209 1.98 3.41 -28.44
N CYS H 210 2.77 2.70 -27.65
CA CYS H 210 2.83 1.25 -27.75
C CYS H 210 2.12 0.66 -26.54
N TYR H 211 1.33 -0.38 -26.80
CA TYR H 211 0.59 -1.14 -25.78
C TYR H 211 0.89 -2.62 -25.93
N GLU H 212 0.96 -3.36 -24.80
CA GLU H 212 1.09 -4.82 -24.86
C GLU H 212 -0.31 -5.39 -24.77
N MET H 213 -0.84 -5.82 -25.91
CA MET H 213 -2.21 -6.24 -26.06
C MET H 213 -2.27 -7.75 -26.32
N LEU H 214 -3.47 -8.28 -26.12
CA LEU H 214 -3.79 -9.65 -26.44
C LEU H 214 -4.81 -9.64 -27.55
N THR H 215 -4.93 -10.79 -28.23
CA THR H 215 -5.80 -10.98 -29.37
C THR H 215 -6.85 -12.05 -29.07
N SER H 216 -7.24 -12.15 -27.79
CA SER H 216 -8.15 -13.16 -27.25
C SER H 216 -8.48 -12.81 -25.81
N ILE H 217 -9.64 -13.26 -25.33
CA ILE H 217 -9.93 -13.08 -23.90
C ILE H 217 -10.06 -14.38 -23.11
N GLU I 3 22.59 6.66 -33.12
CA GLU I 3 22.47 7.45 -31.87
C GLU I 3 21.01 7.56 -31.46
N GLU I 4 20.10 7.64 -32.43
CA GLU I 4 18.65 7.70 -32.10
C GLU I 4 18.21 6.31 -31.63
N TYR I 5 17.71 6.21 -30.40
CA TYR I 5 17.31 4.89 -29.85
C TYR I 5 15.89 5.03 -29.32
N LYS I 6 15.10 3.96 -29.43
CA LYS I 6 13.73 3.97 -28.83
C LYS I 6 13.90 3.45 -27.41
N VAL I 7 13.38 4.16 -26.42
CA VAL I 7 13.62 3.77 -25.03
C VAL I 7 12.28 3.39 -24.46
N VAL I 8 12.20 2.22 -23.83
CA VAL I 8 10.97 1.85 -23.12
C VAL I 8 11.23 1.95 -21.63
N LEU I 9 10.50 2.88 -21.00
CA LEU I 9 10.56 3.19 -19.59
C LEU I 9 9.51 2.39 -18.84
N THR I 10 9.94 1.78 -17.76
CA THR I 10 9.04 1.16 -16.80
C THR I 10 9.00 2.03 -15.57
N PHE I 11 7.85 2.64 -15.34
CA PHE I 11 7.67 3.61 -14.27
C PHE I 11 7.75 2.91 -12.93
N GLY I 12 8.24 3.64 -11.93
CA GLY I 12 8.35 3.12 -10.60
C GLY I 12 7.22 3.59 -9.71
N SER I 13 7.49 3.62 -8.45
CA SER I 13 6.49 4.14 -7.52
C SER I 13 6.64 5.65 -7.38
N PRO I 14 5.55 6.34 -7.05
CA PRO I 14 5.66 7.78 -6.83
C PRO I 14 6.77 8.12 -5.85
N MET I 15 7.42 9.25 -6.09
CA MET I 15 8.35 9.83 -5.12
C MET I 15 7.63 10.97 -4.41
N SER I 16 7.81 11.04 -3.09
CA SER I 16 7.09 12.03 -2.31
C SER I 16 7.48 13.45 -2.73
N PRO I 17 6.54 14.39 -2.75
CA PRO I 17 5.19 14.29 -2.19
C PRO I 17 4.10 13.73 -3.11
N ASN I 18 4.43 13.03 -4.20
CA ASN I 18 3.37 12.54 -5.07
C ASN I 18 2.95 11.15 -4.62
N ALA I 19 1.68 10.83 -4.86
CA ALA I 19 1.15 9.52 -4.51
C ALA I 19 0.26 9.07 -5.63
N ASN I 20 0.03 7.74 -5.67
CA ASN I 20 -0.79 7.16 -6.74
C ASN I 20 -2.20 7.75 -6.79
N ASN I 21 -2.65 8.31 -5.67
CA ASN I 21 -4.00 8.84 -5.49
C ASN I 21 -4.02 10.35 -5.29
N LYS I 22 -2.91 11.04 -5.55
CA LYS I 22 -2.77 12.49 -5.41
C LYS I 22 -2.57 13.07 -6.81
N GLN I 23 -2.72 14.39 -6.95
CA GLN I 23 -2.22 14.97 -8.19
C GLN I 23 -0.70 14.80 -8.30
N THR I 24 -0.18 14.94 -9.52
CA THR I 24 1.27 15.00 -9.68
C THR I 24 1.70 16.45 -9.39
N TRP I 25 2.61 16.61 -8.45
CA TRP I 25 3.20 17.91 -8.14
C TRP I 25 4.43 18.08 -9.03
N VAL I 26 4.67 19.31 -9.45
CA VAL I 26 5.81 19.64 -10.30
C VAL I 26 6.35 20.98 -9.84
N ASN I 27 7.61 21.26 -10.14
CA ASN I 27 8.23 22.52 -9.77
C ASN I 27 7.82 23.64 -10.73
N LYS I 28 7.12 24.68 -10.21
CA LYS I 28 6.57 25.73 -11.08
C LYS I 28 7.60 26.78 -11.48
N PRO I 29 8.20 27.51 -10.54
CA PRO I 29 8.94 28.71 -10.94
C PRO I 29 10.38 28.39 -11.30
N LEU I 30 11.18 29.40 -11.61
CA LEU I 30 12.58 29.16 -11.92
C LEU I 30 13.49 29.42 -10.75
N ASP I 31 12.94 29.84 -9.61
CA ASP I 31 13.67 30.11 -8.39
C ASP I 31 13.33 29.06 -7.34
N ALA I 32 14.00 29.17 -6.19
CA ALA I 32 13.88 28.18 -5.12
C ALA I 32 13.65 28.84 -3.78
N PRO I 33 13.04 28.14 -2.83
CA PRO I 33 13.05 28.63 -1.44
C PRO I 33 14.48 28.90 -0.98
N SER I 34 14.63 29.95 -0.18
CA SER I 34 15.93 30.36 0.34
C SER I 34 16.67 29.20 0.99
N GLY I 35 17.92 29.00 0.59
CA GLY I 35 18.72 27.95 1.17
C GLY I 35 18.71 26.66 0.41
N HIS I 36 17.95 26.59 -0.70
CA HIS I 36 17.94 25.45 -1.61
C HIS I 36 18.10 25.97 -3.03
N TYR I 37 18.09 25.04 -3.97
CA TYR I 37 18.30 25.37 -5.37
C TYR I 37 17.34 24.53 -6.20
N ASN I 38 17.16 24.92 -7.46
CA ASN I 38 16.43 24.06 -8.39
C ASN I 38 17.35 23.01 -8.97
N VAL I 39 16.74 21.94 -9.47
CA VAL I 39 17.48 20.99 -10.29
C VAL I 39 17.56 21.55 -11.71
N LYS I 40 18.78 21.60 -12.27
CA LYS I 40 19.02 22.16 -13.60
C LYS I 40 19.72 21.13 -14.47
N ILE I 41 19.17 20.89 -15.65
CA ILE I 41 19.80 20.09 -16.68
C ILE I 41 20.47 21.03 -17.66
N ALA I 42 21.80 20.97 -17.75
CA ALA I 42 22.59 22.01 -18.35
C ALA I 42 23.61 21.49 -19.33
N LYS I 43 23.85 22.33 -20.33
CA LYS I 43 24.98 22.23 -21.25
C LYS I 43 26.13 23.12 -20.77
N ASP I 44 25.81 24.38 -20.46
CA ASP I 44 26.73 25.36 -19.91
C ASP I 44 25.91 26.37 -19.10
N VAL I 45 26.58 27.44 -18.64
CA VAL I 45 25.88 28.43 -17.82
C VAL I 45 24.81 29.16 -18.61
N ASP I 46 24.99 29.27 -19.93
CA ASP I 46 24.03 29.96 -20.78
C ASP I 46 22.93 29.04 -21.31
N HIS I 47 23.17 27.74 -21.35
CA HIS I 47 22.24 26.78 -21.91
C HIS I 47 21.93 25.70 -20.88
N TYR I 48 20.84 25.89 -20.16
CA TYR I 48 20.39 24.98 -19.10
C TYR I 48 18.88 25.12 -19.04
N LEU I 49 18.23 24.08 -18.54
CA LEU I 49 16.77 23.99 -18.36
C LEU I 49 16.45 23.57 -16.94
N THR I 50 15.48 24.23 -16.33
CA THR I 50 15.11 23.95 -14.96
C THR I 50 14.15 22.78 -14.94
N MET I 51 14.38 21.83 -14.03
CA MET I 51 13.50 20.68 -13.88
C MET I 51 12.11 21.06 -13.34
N GLN I 52 11.08 20.66 -14.05
CA GLN I 52 9.73 20.84 -13.54
C GLN I 52 9.09 19.53 -13.11
N GLY I 53 9.12 18.51 -13.97
CA GLY I 53 8.48 17.26 -13.67
C GLY I 53 9.52 16.25 -13.25
N PHE I 54 9.28 15.63 -12.10
CA PHE I 54 10.16 14.58 -11.59
C PHE I 54 9.31 13.34 -11.41
N THR I 55 9.90 12.22 -11.79
CA THR I 55 9.18 10.96 -11.93
C THR I 55 10.23 9.86 -11.86
N SER I 56 10.00 8.83 -11.06
CA SER I 56 11.03 7.80 -10.92
C SER I 56 10.80 6.63 -11.87
N ILE I 57 11.89 6.20 -12.52
CA ILE I 57 11.88 5.14 -13.53
C ILE I 57 12.52 3.92 -12.91
N ALA I 58 11.77 2.81 -12.89
CA ALA I 58 12.28 1.58 -12.31
C ALA I 58 13.13 0.78 -13.30
N SER I 59 12.89 0.93 -14.59
CA SER I 59 13.77 0.18 -15.49
C SER I 59 13.78 0.81 -16.86
N VAL I 60 14.87 0.61 -17.60
CA VAL I 60 15.01 1.15 -18.95
C VAL I 60 15.48 0.04 -19.89
N ASP I 61 14.73 -0.18 -20.98
CA ASP I 61 15.10 -1.14 -22.01
C ASP I 61 15.36 -0.41 -23.32
N TRP I 62 16.48 -0.71 -23.95
CA TRP I 62 16.92 0.07 -25.09
C TRP I 62 16.73 -0.71 -26.38
N TYR I 63 16.25 -0.03 -27.42
CA TYR I 63 16.12 -0.65 -28.74
C TYR I 63 16.64 0.36 -29.74
N THR I 64 17.07 -0.14 -30.89
CA THR I 64 17.54 0.74 -31.96
C THR I 64 16.32 1.39 -32.59
N ILE I 65 16.53 2.18 -33.64
CA ILE I 65 15.42 2.91 -34.24
C ILE I 65 14.41 2.03 -34.97
N ASP I 66 14.71 0.73 -35.13
CA ASP I 66 13.81 -0.25 -35.72
C ASP I 66 13.24 -1.25 -34.71
N PHE I 67 13.38 -0.98 -33.41
CA PHE I 67 12.98 -1.89 -32.33
C PHE I 67 13.83 -3.18 -32.25
N GLN I 68 15.07 -3.10 -32.72
CA GLN I 68 15.94 -4.25 -32.49
C GLN I 68 16.72 -4.04 -31.19
N PRO I 69 16.81 -5.05 -30.32
CA PRO I 69 17.42 -4.81 -29.00
C PRO I 69 18.82 -4.20 -29.13
N SER I 70 19.15 -3.32 -28.18
CA SER I 70 20.44 -2.64 -28.13
C SER I 70 20.90 -2.57 -26.66
N GLU I 71 22.14 -2.14 -26.46
CA GLU I 71 22.66 -1.97 -25.11
C GLU I 71 22.67 -0.50 -24.70
N ALA I 72 22.46 -0.26 -23.40
CA ALA I 72 22.32 1.07 -22.82
C ALA I 72 23.48 1.97 -23.24
N PRO I 73 23.23 3.06 -23.99
CA PRO I 73 24.35 3.89 -24.45
C PRO I 73 25.09 4.54 -23.28
N ALA I 74 26.14 5.21 -23.65
CA ALA I 74 26.90 5.90 -22.63
C ALA I 74 26.27 7.25 -22.35
N PRO I 75 26.54 7.80 -21.16
CA PRO I 75 26.04 9.14 -20.83
C PRO I 75 26.51 10.19 -21.83
N ILE I 76 25.61 11.11 -22.16
CA ILE I 76 25.90 12.21 -23.09
C ILE I 76 26.87 13.18 -22.43
N LYS I 77 28.08 13.31 -22.97
CA LYS I 77 29.02 14.27 -22.37
C LYS I 77 28.59 15.67 -22.77
N GLY I 78 28.68 16.61 -21.84
CA GLY I 78 28.24 17.97 -22.06
C GLY I 78 26.87 18.29 -21.51
N LEU I 79 26.06 17.28 -21.21
CA LEU I 79 24.79 17.46 -20.53
C LEU I 79 24.99 16.96 -19.10
N GLN I 80 24.48 17.71 -18.13
CA GLN I 80 24.58 17.25 -16.75
C GLN I 80 23.45 17.80 -15.91
N VAL I 81 23.13 17.08 -14.84
CA VAL I 81 22.13 17.51 -13.87
C VAL I 81 22.91 18.02 -12.68
N LEU I 82 22.85 19.35 -12.51
CA LEU I 82 23.50 20.13 -11.47
C LEU I 82 22.43 20.70 -10.54
N VAL I 83 22.71 20.66 -9.24
CA VAL I 83 21.85 21.34 -8.28
C VAL I 83 22.35 22.77 -8.05
N ASN I 84 23.53 22.92 -7.48
CA ASN I 84 23.98 24.30 -7.33
C ASN I 84 25.23 24.52 -8.16
N ILE I 85 26.34 24.17 -7.56
CA ILE I 85 27.61 24.13 -8.26
C ILE I 85 28.03 22.69 -8.46
N SER I 86 27.35 21.75 -7.80
CA SER I 86 27.68 20.32 -7.85
C SER I 86 26.80 19.55 -8.83
N LYS I 87 27.43 18.61 -9.55
CA LYS I 87 26.70 17.77 -10.48
C LYS I 87 26.21 16.54 -9.73
N LYS I 88 24.95 16.17 -9.99
CA LYS I 88 24.29 15.11 -9.26
C LYS I 88 23.79 13.97 -10.14
N ALA I 89 23.66 14.19 -11.45
CA ALA I 89 23.16 13.10 -12.28
C ALA I 89 23.67 13.25 -13.72
N ASP I 90 23.67 12.10 -14.41
CA ASP I 90 24.10 11.98 -15.81
C ASP I 90 22.89 11.91 -16.73
N VAL I 91 22.98 12.62 -17.86
CA VAL I 91 21.95 12.60 -18.89
C VAL I 91 22.28 11.52 -19.91
N TYR I 92 21.38 10.53 -20.07
CA TYR I 92 21.60 9.43 -21.00
C TYR I 92 20.81 9.56 -22.30
N ALA I 93 19.65 10.24 -22.29
CA ALA I 93 18.86 10.45 -23.50
C ALA I 93 17.90 11.63 -23.31
N VAL I 94 17.70 12.40 -24.38
CA VAL I 94 16.83 13.58 -24.35
C VAL I 94 15.87 13.50 -25.53
N LYS I 95 14.81 14.31 -25.48
CA LYS I 95 13.76 14.39 -26.50
C LYS I 95 12.92 15.64 -26.28
N GLN I 96 12.54 16.29 -27.37
CA GLN I 96 11.71 17.48 -27.27
C GLN I 96 10.45 17.36 -28.11
N PHE I 97 9.37 17.95 -27.62
CA PHE I 97 8.06 17.85 -28.25
C PHE I 97 7.53 19.26 -28.50
N VAL I 98 7.51 19.69 -29.75
CA VAL I 98 7.06 21.05 -30.06
C VAL I 98 5.63 21.02 -30.64
N THR I 99 4.69 21.55 -29.86
CA THR I 99 3.28 21.61 -30.19
C THR I 99 2.88 23.07 -30.34
N ALA I 100 2.57 23.48 -31.58
CA ALA I 100 2.25 24.89 -31.84
C ALA I 100 0.88 25.24 -31.26
N GLN I 101 0.85 25.95 -30.13
CA GLN I 101 -0.45 26.41 -29.56
C GLN I 101 -1.12 27.32 -30.60
N THR I 102 -0.37 28.30 -31.12
CA THR I 102 -0.91 29.20 -32.17
C THR I 102 0.12 29.29 -33.28
N ASN I 103 -0.04 30.27 -34.17
CA ASN I 103 0.94 30.48 -35.27
C ASN I 103 2.31 30.79 -34.66
N ASN I 104 2.34 31.53 -33.55
CA ASN I 104 3.62 31.94 -32.92
C ASN I 104 3.81 31.16 -31.60
N LYS I 105 2.74 30.92 -30.86
CA LYS I 105 2.86 30.25 -29.59
C LYS I 105 3.20 28.80 -29.87
N HIS I 106 4.31 28.34 -29.30
CA HIS I 106 4.73 26.96 -29.44
C HIS I 106 5.00 26.45 -28.03
N GLN I 107 4.47 25.27 -27.71
CA GLN I 107 4.71 24.67 -26.41
C GLN I 107 5.80 23.63 -26.58
N VAL I 108 6.94 23.84 -25.96
CA VAL I 108 8.07 22.93 -26.10
C VAL I 108 8.22 22.20 -24.77
N THR I 109 8.04 20.88 -24.80
CA THR I 109 8.25 20.01 -23.65
C THR I 109 9.51 19.16 -23.87
N SER I 110 10.41 19.21 -22.90
CA SER I 110 11.73 18.59 -23.00
C SER I 110 11.84 17.48 -21.96
N LEU I 111 12.31 16.30 -22.38
CA LEU I 111 12.44 15.13 -21.51
C LEU I 111 13.89 14.71 -21.31
N PHE I 112 14.28 14.47 -20.08
CA PHE I 112 15.65 14.07 -19.74
C PHE I 112 15.59 12.76 -18.97
N LEU I 113 16.18 11.72 -19.56
CA LEU I 113 16.36 10.44 -18.87
C LEU I 113 17.71 10.55 -18.15
N VAL I 114 17.66 10.72 -16.84
CA VAL I 114 18.87 10.92 -16.07
C VAL I 114 19.06 9.72 -15.16
N LYS I 115 20.30 9.53 -14.74
CA LYS I 115 20.65 8.54 -13.74
C LYS I 115 21.41 9.24 -12.64
N VAL I 116 20.89 9.15 -11.41
CA VAL I 116 21.49 9.85 -10.29
C VAL I 116 22.83 9.22 -9.94
N THR I 117 23.84 10.06 -9.77
CA THR I 117 25.16 9.61 -9.40
C THR I 117 25.53 9.99 -7.98
N THR I 118 24.78 10.91 -7.37
CA THR I 118 25.04 11.36 -6.01
C THR I 118 23.67 11.69 -5.42
N GLY I 119 23.22 10.93 -4.42
CA GLY I 119 21.90 11.19 -3.85
C GLY I 119 21.77 12.64 -3.41
N PHE I 120 20.54 13.17 -3.45
CA PHE I 120 20.37 14.54 -2.97
C PHE I 120 18.91 14.83 -2.63
N GLN I 121 18.68 16.02 -2.09
CA GLN I 121 17.40 16.54 -1.62
C GLN I 121 17.26 17.95 -2.14
N VAL I 122 16.05 18.38 -2.47
CA VAL I 122 15.83 19.78 -2.81
C VAL I 122 14.47 20.20 -2.28
N ASN I 123 14.36 21.44 -1.81
CA ASN I 123 13.04 22.02 -1.56
C ASN I 123 12.68 22.90 -2.73
N ASN I 124 11.62 22.55 -3.44
CA ASN I 124 11.19 23.35 -4.57
C ASN I 124 9.76 23.85 -4.32
N TYR I 125 9.40 24.90 -5.05
CA TYR I 125 8.01 25.40 -5.01
C TYR I 125 7.15 24.59 -5.96
N LEU I 126 6.31 23.72 -5.42
CA LEU I 126 5.61 22.79 -6.27
C LEU I 126 4.22 23.32 -6.61
N SER I 127 3.71 22.90 -7.77
CA SER I 127 2.34 23.19 -8.17
C SER I 127 1.77 21.96 -8.91
N TYR I 128 0.54 22.10 -9.39
CA TYR I 128 -0.07 21.00 -10.12
C TYR I 128 -0.91 21.54 -11.28
N PHE I 129 -1.41 20.61 -12.06
CA PHE I 129 -2.34 20.94 -13.13
C PHE I 129 -3.78 20.78 -12.64
N TYR I 130 -4.63 21.71 -13.08
CA TYR I 130 -6.04 21.71 -12.77
C TYR I 130 -6.79 22.19 -14.00
N ARG I 131 -8.10 21.96 -14.01
CA ARG I 131 -8.96 22.34 -15.13
C ARG I 131 -10.38 22.55 -14.63
N ALA I 132 -10.89 23.77 -14.80
CA ALA I 132 -12.17 24.15 -14.21
C ALA I 132 -13.35 23.54 -14.96
N SER I 133 -14.32 23.03 -14.21
CA SER I 133 -15.55 22.63 -14.86
C SER I 133 -16.22 23.87 -15.43
N ALA I 134 -16.98 23.67 -16.51
CA ALA I 134 -17.67 24.79 -17.14
C ALA I 134 -19.13 24.46 -17.39
N THR I 135 -19.80 25.34 -18.14
CA THR I 135 -21.22 25.11 -18.47
C THR I 135 -21.36 24.93 -19.97
N GLY I 136 -21.87 23.77 -20.40
CA GLY I 136 -22.08 23.53 -21.84
C GLY I 136 -20.81 23.05 -22.52
N ASP I 137 -20.65 23.37 -23.81
CA ASP I 137 -19.46 22.90 -24.58
C ASP I 137 -18.33 23.92 -24.45
N ALA I 138 -18.44 24.84 -23.49
CA ALA I 138 -17.39 25.88 -23.30
C ALA I 138 -16.02 25.21 -23.18
N THR I 139 -15.05 25.71 -23.97
CA THR I 139 -13.69 25.13 -23.94
C THR I 139 -13.00 25.53 -22.66
N THR I 140 -12.83 24.58 -21.73
CA THR I 140 -12.13 24.88 -20.48
C THR I 140 -10.64 24.55 -20.61
N ASN I 141 -9.80 25.40 -20.05
CA ASN I 141 -8.36 25.28 -20.25
C ASN I 141 -7.70 24.39 -19.21
N LEU I 142 -6.58 23.76 -19.61
CA LEU I 142 -5.70 23.03 -18.71
C LEU I 142 -4.66 24.01 -18.19
N LEU I 143 -4.69 24.29 -16.88
CA LEU I 143 -3.79 25.29 -16.32
C LEU I 143 -3.03 24.72 -15.12
N VAL I 144 -2.02 25.51 -14.73
CA VAL I 144 -1.20 25.27 -13.55
C VAL I 144 -1.71 26.19 -12.46
N ARG I 145 -1.76 25.69 -11.22
CA ARG I 145 -2.12 26.53 -10.09
C ARG I 145 -1.02 27.56 -9.83
N GLY I 146 -1.42 28.76 -9.42
CA GLY I 146 -0.43 29.79 -9.15
C GLY I 146 0.25 29.57 -7.82
N ASP I 147 -0.59 29.32 -6.81
CA ASP I 147 -0.13 29.01 -5.47
C ASP I 147 0.84 27.84 -5.48
N THR I 148 1.95 28.02 -4.79
CA THR I 148 2.94 26.97 -4.67
C THR I 148 2.83 26.34 -3.30
N TYR I 149 3.32 25.12 -3.20
CA TYR I 149 3.42 24.38 -1.95
C TYR I 149 4.88 24.00 -1.82
N THR I 150 5.59 24.57 -0.86
CA THR I 150 7.00 24.22 -0.70
C THR I 150 7.16 22.80 -0.17
N ALA I 151 8.02 21.99 -0.81
CA ALA I 151 8.25 20.68 -0.22
C ALA I 151 9.54 20.07 -0.73
N GLY I 152 9.95 18.99 -0.06
CA GLY I 152 11.20 18.33 -0.35
C GLY I 152 11.01 17.17 -1.30
N ILE I 153 11.92 17.07 -2.26
CA ILE I 153 11.98 15.98 -3.22
C ILE I 153 13.34 15.32 -3.04
N SER I 154 13.34 13.99 -2.88
CA SER I 154 14.57 13.23 -2.64
C SER I 154 14.90 12.32 -3.84
N PHE I 155 16.16 12.36 -4.27
CA PHE I 155 16.65 11.58 -5.40
C PHE I 155 17.68 10.58 -4.89
N THR I 156 17.45 9.31 -5.17
CA THR I 156 18.27 8.23 -4.66
C THR I 156 19.38 7.88 -5.63
N GLN I 157 20.55 7.57 -5.06
CA GLN I 157 21.72 7.34 -5.88
C GLN I 157 21.54 6.12 -6.76
N GLY I 158 22.08 6.22 -7.97
CA GLY I 158 22.05 5.18 -8.98
C GLY I 158 20.72 4.93 -9.65
N GLY I 159 19.62 5.53 -9.16
CA GLY I 159 18.30 5.28 -9.70
C GLY I 159 18.05 6.04 -10.99
N TRP I 160 17.07 5.55 -11.77
CA TRP I 160 16.67 6.27 -12.96
C TRP I 160 15.58 7.30 -12.64
N TYR I 161 15.59 8.42 -13.38
CA TYR I 161 14.60 9.47 -13.20
C TYR I 161 14.27 10.11 -14.54
N LEU I 162 13.00 10.49 -14.72
CA LEU I 162 12.53 11.21 -15.90
C LEU I 162 12.18 12.64 -15.48
N LEU I 163 12.98 13.61 -15.96
CA LEU I 163 12.84 15.03 -15.67
C LEU I 163 12.25 15.76 -16.88
N THR I 164 11.38 16.75 -16.66
CA THR I 164 10.68 17.41 -17.75
C THR I 164 10.69 18.93 -17.57
N ASN I 165 10.74 19.66 -18.68
CA ASN I 165 10.61 21.14 -18.68
C ASN I 165 9.73 21.59 -19.82
N THR I 166 8.66 22.32 -19.53
CA THR I 166 7.80 22.88 -20.57
C THR I 166 7.92 24.40 -20.62
N SER I 167 8.08 24.94 -21.82
CA SER I 167 8.18 26.39 -22.04
C SER I 167 7.21 26.77 -23.15
N ILE I 168 6.59 27.94 -23.01
CA ILE I 168 5.78 28.51 -24.08
C ILE I 168 6.64 29.53 -24.80
N VAL I 169 7.12 29.17 -25.98
CA VAL I 169 7.98 30.01 -26.80
C VAL I 169 7.11 30.80 -27.78
N ASP I 170 7.01 32.10 -27.52
CA ASP I 170 6.27 33.05 -28.36
C ASP I 170 7.11 33.59 -29.51
N GLY I 171 6.47 33.75 -30.65
CA GLY I 171 7.13 34.41 -31.76
C GLY I 171 7.72 33.43 -32.75
N ALA I 172 8.83 33.83 -33.35
CA ALA I 172 9.54 32.95 -34.24
C ALA I 172 10.30 31.91 -33.41
N MET I 173 10.66 30.84 -34.06
CA MET I 173 11.18 29.68 -33.39
C MET I 173 12.65 29.47 -33.71
N PRO I 174 13.44 29.09 -32.71
CA PRO I 174 14.83 28.72 -32.97
C PRO I 174 14.93 27.52 -33.91
N PRO I 175 16.14 27.17 -34.36
CA PRO I 175 16.23 26.12 -35.38
C PRO I 175 16.37 24.72 -34.78
N GLY I 176 17.10 24.62 -33.69
CA GLY I 176 17.40 23.31 -33.13
C GLY I 176 16.72 23.10 -31.81
N TRP I 177 17.49 22.53 -30.89
CA TRP I 177 17.04 22.29 -29.53
C TRP I 177 16.70 23.60 -28.86
N VAL I 178 15.47 23.73 -28.38
CA VAL I 178 14.99 24.98 -27.79
C VAL I 178 15.50 25.05 -26.36
N TRP I 179 16.34 26.04 -26.06
CA TRP I 179 16.89 26.16 -24.72
C TRP I 179 16.14 27.18 -23.87
N ASN I 180 14.90 27.50 -24.21
CA ASN I 180 14.13 28.50 -23.47
C ASN I 180 13.69 27.95 -22.14
N ASN I 181 14.26 28.48 -21.07
CA ASN I 181 13.97 28.04 -19.71
C ASN I 181 12.86 28.96 -19.23
N VAL I 182 11.63 28.52 -19.40
CA VAL I 182 10.49 29.31 -18.95
C VAL I 182 9.88 28.57 -17.77
N GLU I 183 9.39 29.34 -16.79
CA GLU I 183 8.66 28.78 -15.67
C GLU I 183 7.30 28.28 -16.17
N LEU I 184 6.68 27.43 -15.37
CA LEU I 184 5.31 27.04 -15.67
C LEU I 184 4.42 28.24 -15.41
N LYS I 185 4.18 29.02 -16.47
CA LYS I 185 3.41 30.25 -16.35
C LYS I 185 2.04 29.95 -15.79
N THR I 186 1.70 30.60 -14.70
CA THR I 186 0.37 30.45 -14.15
C THR I 186 -0.63 31.27 -14.98
N ASN I 187 -1.90 30.82 -15.00
CA ASN I 187 -2.96 31.41 -15.84
C ASN I 187 -2.64 31.38 -17.33
N THR I 188 -1.69 30.55 -17.74
CA THR I 188 -1.44 30.29 -19.14
C THR I 188 -1.99 28.90 -19.42
N ALA I 189 -2.64 28.75 -20.57
CA ALA I 189 -3.18 27.44 -20.98
C ALA I 189 -2.10 26.59 -21.65
N TYR I 190 -2.16 25.29 -21.38
CA TYR I 190 -1.19 24.33 -21.86
C TYR I 190 -1.84 23.21 -22.66
N HIS I 191 -1.20 22.82 -23.74
CA HIS I 191 -1.63 21.65 -24.48
C HIS I 191 -0.96 20.40 -23.96
N MET I 192 -1.64 19.28 -24.12
CA MET I 192 -1.06 17.99 -23.78
C MET I 192 -0.12 17.53 -24.89
N ASP I 193 0.96 16.87 -24.51
CA ASP I 193 1.76 16.15 -25.47
C ASP I 193 2.33 14.91 -24.79
N LYS I 194 2.97 14.05 -25.59
CA LYS I 194 3.48 12.79 -25.05
C LYS I 194 4.40 13.03 -23.84
N GLY I 195 5.01 14.19 -23.77
CA GLY I 195 5.88 14.53 -22.67
C GLY I 195 5.18 14.94 -21.39
N LEU I 196 3.85 15.02 -21.40
CA LEU I 196 3.09 15.45 -20.23
C LEU I 196 2.06 14.45 -19.74
N VAL I 197 1.89 13.32 -20.43
CA VAL I 197 0.85 12.39 -20.03
C VAL I 197 1.08 11.85 -18.63
N HIS I 198 2.33 11.78 -18.18
CA HIS I 198 2.62 11.19 -16.87
C HIS I 198 2.62 12.17 -15.71
N LEU I 199 2.25 13.44 -15.93
CA LEU I 199 2.30 14.47 -14.89
C LEU I 199 0.91 14.95 -14.50
N ILE I 200 -0.14 14.20 -14.88
CA ILE I 200 -1.49 14.53 -14.40
C ILE I 200 -1.73 13.87 -13.04
N MET I 201 -1.63 12.55 -13.01
CA MET I 201 -1.65 11.83 -11.75
C MET I 201 -0.57 10.76 -11.90
N PRO I 202 0.16 10.45 -10.83
CA PRO I 202 1.25 9.49 -10.95
C PRO I 202 0.74 8.21 -11.58
N LEU I 203 1.42 7.77 -12.64
CA LEU I 203 0.97 6.55 -13.36
C LEU I 203 1.19 5.33 -12.45
N PRO I 204 0.36 4.26 -12.57
CA PRO I 204 0.52 3.08 -11.75
C PRO I 204 1.91 2.50 -11.93
N GLU I 205 2.46 1.91 -10.86
CA GLU I 205 3.82 1.31 -10.95
C GLU I 205 3.82 0.24 -12.05
N SER I 206 4.94 0.10 -12.78
CA SER I 206 5.08 -0.92 -13.86
C SER I 206 4.44 -0.42 -15.16
N THR I 207 3.87 0.79 -15.16
CA THR I 207 3.33 1.35 -16.43
C THR I 207 4.49 1.53 -17.38
N GLN I 208 4.30 1.21 -18.67
CA GLN I 208 5.44 1.26 -19.61
C GLN I 208 5.17 2.23 -20.77
N MET I 209 6.12 3.13 -21.05
CA MET I 209 6.00 4.06 -22.16
C MET I 209 7.20 3.88 -23.07
N CYS I 210 7.01 3.98 -24.37
CA CYS I 210 8.13 4.00 -25.31
C CYS I 210 8.25 5.40 -25.87
N TYR I 211 9.48 5.91 -25.93
CA TYR I 211 9.83 7.22 -26.45
C TYR I 211 10.96 7.11 -27.49
N GLU I 212 10.93 7.97 -28.52
CA GLU I 212 12.05 8.04 -29.48
C GLU I 212 13.02 9.15 -29.09
N MET I 213 14.14 8.77 -28.49
CA MET I 213 15.07 9.71 -27.89
C MET I 213 16.38 9.81 -28.67
N LEU I 214 17.15 10.86 -28.35
CA LEU I 214 18.47 11.10 -28.93
C LEU I 214 19.56 11.02 -27.86
N THR I 215 20.80 10.83 -28.34
CA THR I 215 21.97 10.72 -27.48
C THR I 215 23.00 11.81 -27.79
N SER I 216 22.54 12.96 -28.27
CA SER I 216 23.38 14.11 -28.64
C SER I 216 22.45 15.27 -28.96
N ILE I 217 22.94 16.50 -28.75
CA ILE I 217 22.15 17.69 -29.06
C ILE I 217 22.84 18.55 -30.15
N LEU J 5 49.24 9.66 -1.58
CA LEU J 5 49.55 9.16 -0.20
C LEU J 5 48.95 10.12 0.83
N SER J 6 49.02 9.78 2.11
CA SER J 6 48.38 10.61 3.16
C SER J 6 49.30 10.80 4.37
N LEU J 7 49.33 12.01 4.94
CA LEU J 7 50.12 12.26 6.16
C LEU J 7 49.14 12.33 7.33
N LEU J 8 49.29 11.48 8.34
CA LEU J 8 48.30 11.44 9.44
C LEU J 8 48.98 11.52 10.80
N TYR J 9 48.41 12.30 11.73
CA TYR J 9 48.95 12.42 13.07
C TYR J 9 47.98 11.74 14.00
N HIS J 10 48.48 10.79 14.80
CA HIS J 10 47.69 9.97 15.72
C HIS J 10 48.01 10.49 17.11
N LEU J 11 47.14 11.35 17.65
CA LEU J 11 47.35 12.03 18.92
C LEU J 11 46.52 11.41 20.02
N THR J 12 47.14 11.18 21.18
CA THR J 12 46.46 10.55 22.30
C THR J 12 46.84 11.21 23.60
N ALA J 13 45.83 11.63 24.37
CA ALA J 13 46.04 12.16 25.70
C ALA J 13 45.20 11.35 26.67
N VAL J 14 45.74 11.01 27.82
CA VAL J 14 44.98 10.30 28.83
C VAL J 14 44.93 11.15 30.09
N SER J 15 43.75 11.26 30.70
CA SER J 15 43.62 12.16 31.84
C SER J 15 44.32 11.60 33.06
N SER J 16 44.45 10.28 33.17
CA SER J 16 45.22 9.66 34.25
C SER J 16 46.25 8.66 33.72
N PRO J 17 47.40 9.12 33.22
CA PRO J 17 48.39 8.19 32.67
C PRO J 17 49.07 7.42 33.79
N ALA J 18 49.64 6.28 33.44
CA ALA J 18 50.44 5.53 34.40
C ALA J 18 51.70 6.32 34.75
N PRO J 19 52.33 6.05 35.90
CA PRO J 19 53.61 6.70 36.20
C PRO J 19 54.65 6.29 35.17
N GLY J 20 55.38 7.28 34.68
CA GLY J 20 56.35 7.13 33.60
C GLY J 20 55.73 7.00 32.22
N THR J 21 54.38 7.07 32.10
CA THR J 21 53.66 7.06 30.84
C THR J 21 53.43 8.49 30.41
N PRO J 22 53.75 8.87 29.18
CA PRO J 22 53.42 10.23 28.75
C PRO J 22 51.91 10.42 28.69
N ALA J 23 51.43 11.50 29.30
CA ALA J 23 50.02 11.84 29.22
C ALA J 23 49.65 12.43 27.88
N PHE J 24 50.59 12.44 26.95
CA PHE J 24 50.30 12.86 25.60
C PHE J 24 51.37 12.19 24.74
N TRP J 25 50.97 11.69 23.58
CA TRP J 25 51.92 11.11 22.64
C TRP J 25 51.36 11.20 21.23
N VAL J 26 52.24 11.30 20.24
CA VAL J 26 51.79 11.35 18.86
C VAL J 26 52.63 10.39 18.05
N SER J 27 52.00 9.80 17.03
CA SER J 27 52.69 9.01 16.03
C SER J 27 52.27 9.52 14.65
N GLY J 28 53.24 9.95 13.84
CA GLY J 28 52.98 10.44 12.50
C GLY J 28 53.20 9.38 11.44
N TRP J 29 52.29 9.29 10.47
CA TRP J 29 52.29 8.21 9.50
C TRP J 29 52.23 8.78 8.08
N LEU J 30 53.16 8.27 7.25
CA LEU J 30 53.15 8.58 5.79
C LEU J 30 52.66 7.27 5.17
N GLY J 31 51.42 7.21 4.71
CA GLY J 31 50.82 5.99 4.25
C GLY J 31 50.79 4.99 5.40
N PRO J 32 51.39 3.82 5.20
CA PRO J 32 51.44 2.82 6.28
C PRO J 32 52.78 2.77 7.01
N GLN J 33 53.52 3.87 6.97
CA GLN J 33 54.90 3.95 7.45
C GLN J 33 55.01 4.99 8.55
N GLN J 34 55.47 4.57 9.73
CA GLN J 34 55.66 5.49 10.84
C GLN J 34 56.91 6.32 10.61
N TYR J 35 56.78 7.65 10.60
CA TYR J 35 57.96 8.50 10.44
C TYR J 35 58.23 9.46 11.59
N LEU J 36 57.21 9.92 12.31
CA LEU J 36 57.34 10.94 13.33
C LEU J 36 56.99 10.33 14.68
N SER J 37 57.56 10.86 15.75
CA SER J 37 57.15 10.41 17.06
C SER J 37 57.36 11.52 18.08
N TYR J 38 56.40 11.66 18.98
CA TYR J 38 56.40 12.70 19.99
C TYR J 38 55.88 12.09 21.30
N ASN J 39 56.23 12.72 22.43
CA ASN J 39 55.47 12.47 23.64
C ASN J 39 55.74 13.61 24.60
N SER J 40 54.92 13.66 25.65
CA SER J 40 55.05 14.72 26.65
C SER J 40 56.35 14.61 27.44
N LEU J 41 56.86 13.40 27.66
CA LEU J 41 58.10 13.30 28.42
C LEU J 41 59.27 13.94 27.68
N ARG J 42 59.70 13.39 26.53
CA ARG J 42 60.81 14.03 25.84
C ARG J 42 60.43 15.38 25.19
N GLY J 43 59.15 15.59 24.89
CA GLY J 43 58.70 16.84 24.30
C GLY J 43 59.32 17.27 22.99
N GLU J 44 59.78 16.34 22.17
CA GLU J 44 60.43 16.68 20.91
C GLU J 44 60.05 15.68 19.83
N ALA J 45 59.78 16.19 18.62
CA ALA J 45 59.40 15.35 17.48
C ALA J 45 60.65 14.80 16.78
N GLU J 46 60.86 13.52 16.88
CA GLU J 46 62.03 12.84 16.35
C GLU J 46 61.61 11.96 15.19
N PRO J 47 62.39 11.85 14.14
CA PRO J 47 62.05 10.94 13.04
C PRO J 47 62.15 9.49 13.48
N CYS J 48 61.50 8.61 12.68
CA CYS J 48 61.38 7.18 12.97
C CYS J 48 61.97 6.33 11.85
N GLY J 49 62.41 5.12 12.23
CA GLY J 49 62.85 4.15 11.26
C GLY J 49 63.79 4.75 10.25
N ALA J 50 63.42 4.63 8.98
CA ALA J 50 64.22 5.05 7.84
C ALA J 50 63.92 6.46 7.39
N TRP J 51 63.26 7.27 8.23
CA TRP J 51 63.16 8.70 7.92
C TRP J 51 64.26 9.53 8.58
N VAL J 52 65.14 8.87 9.35
CA VAL J 52 66.29 9.56 9.87
C VAL J 52 67.30 9.78 8.76
N TRP J 53 67.09 9.14 7.60
CA TRP J 53 68.07 9.24 6.49
C TRP J 53 67.67 10.29 5.45
N GLU J 54 66.36 10.56 5.29
CA GLU J 54 65.93 11.50 4.22
C GLU J 54 66.59 12.88 4.43
N ASN J 55 66.83 13.61 3.34
CA ASN J 55 67.54 14.92 3.43
C ASN J 55 66.59 16.00 3.95
N GLN J 56 66.07 15.83 5.16
CA GLN J 56 65.20 16.88 5.76
C GLN J 56 66.09 18.00 6.32
N VAL J 57 65.66 19.26 6.19
CA VAL J 57 66.43 20.40 6.76
C VAL J 57 66.47 20.24 8.29
N SER J 58 67.36 20.96 8.96
CA SER J 58 67.49 20.71 10.41
C SER J 58 66.35 21.34 11.23
N TRP J 59 65.89 22.53 10.84
CA TRP J 59 64.78 23.19 11.54
C TRP J 59 63.44 22.50 11.34
N TYR J 60 63.29 21.69 10.29
CA TYR J 60 62.02 21.02 10.02
C TYR J 60 61.52 20.30 11.26
N TRP J 61 62.39 19.51 11.89
CA TRP J 61 62.00 18.75 13.06
C TRP J 61 61.76 19.63 14.28
N GLU J 62 62.42 20.78 14.38
CA GLU J 62 62.10 21.70 15.46
C GLU J 62 60.72 22.35 15.24
N LYS J 63 60.44 22.79 14.01
CA LYS J 63 59.14 23.35 13.65
C LYS J 63 58.00 22.37 13.95
N GLU J 64 58.18 21.10 13.56
CA GLU J 64 57.24 20.06 13.96
C GLU J 64 57.07 20.01 15.46
N THR J 65 58.19 20.02 16.20
CA THR J 65 58.09 19.91 17.65
C THR J 65 57.28 21.08 18.22
N THR J 66 57.44 22.27 17.65
CA THR J 66 56.67 23.42 18.15
C THR J 66 55.17 23.25 17.87
N ASP J 67 54.81 22.79 16.66
CA ASP J 67 53.40 22.47 16.38
C ASP J 67 52.84 21.47 17.41
N LEU J 68 53.55 20.36 17.62
CA LEU J 68 53.06 19.33 18.55
C LEU J 68 53.05 19.80 19.99
N ARG J 69 53.91 20.76 20.35
CA ARG J 69 53.82 21.35 21.68
C ARG J 69 52.51 22.13 21.87
N ILE J 70 52.09 22.88 20.83
CA ILE J 70 50.79 23.54 20.89
C ILE J 70 49.66 22.51 21.09
N LYS J 71 49.71 21.42 20.30
CA LYS J 71 48.68 20.38 20.44
C LYS J 71 48.71 19.70 21.81
N GLU J 72 49.91 19.37 22.32
CA GLU J 72 50.01 18.82 23.68
C GLU J 72 49.27 19.71 24.66
N LYS J 73 49.48 21.02 24.54
CA LYS J 73 48.79 21.98 25.40
C LYS J 73 47.28 21.81 25.29
N LEU J 74 46.73 21.91 24.06
CA LEU J 74 45.27 21.87 23.84
C LEU J 74 44.62 20.60 24.39
N PHE J 75 45.20 19.44 24.06
CA PHE J 75 44.66 18.16 24.51
C PHE J 75 44.65 18.05 26.02
N LEU J 76 45.72 18.53 26.66
CA LEU J 76 45.71 18.48 28.11
C LEU J 76 44.70 19.48 28.68
N GLU J 77 44.42 20.57 27.93
CA GLU J 77 43.43 21.57 28.34
C GLU J 77 42.02 20.99 28.35
N ALA J 78 41.73 20.14 27.37
CA ALA J 78 40.37 19.63 27.21
C ALA J 78 39.88 18.90 28.47
N PHE J 79 40.68 17.97 29.01
CA PHE J 79 40.24 17.24 30.20
C PHE J 79 39.75 18.19 31.27
N LYS J 80 40.34 19.40 31.32
CA LYS J 80 39.91 20.43 32.28
C LYS J 80 38.45 20.82 32.03
N ALA J 81 38.12 21.21 30.80
CA ALA J 81 36.76 21.57 30.41
C ALA J 81 35.79 20.41 30.49
N LEU J 82 36.29 19.20 30.68
CA LEU J 82 35.41 18.03 30.68
C LEU J 82 34.44 18.07 31.84
N GLY J 83 34.94 18.33 33.05
CA GLY J 83 34.01 18.14 34.14
C GLY J 83 33.69 16.66 34.27
N GLY J 84 32.67 16.35 35.07
CA GLY J 84 32.47 14.93 35.33
C GLY J 84 33.67 14.28 36.03
N LYS J 85 33.58 12.96 36.15
CA LYS J 85 34.62 12.15 36.78
C LYS J 85 35.50 11.51 35.71
N GLY J 86 36.76 11.27 36.06
CA GLY J 86 37.64 10.57 35.14
C GLY J 86 37.35 9.09 35.09
N PRO J 87 38.18 8.29 34.40
CA PRO J 87 39.30 8.68 33.52
C PRO J 87 38.82 9.02 32.11
N TYR J 88 39.65 9.64 31.29
CA TYR J 88 39.34 9.98 29.92
C TYR J 88 40.48 9.56 28.99
N THR J 89 40.14 9.23 27.75
CA THR J 89 41.12 8.98 26.69
C THR J 89 40.69 9.82 25.51
N LEU J 90 41.31 10.98 25.34
CA LEU J 90 40.99 11.85 24.21
C LEU J 90 41.91 11.53 23.02
N GLN J 91 41.33 11.29 21.85
CA GLN J 91 42.10 10.96 20.67
C GLN J 91 41.84 11.94 19.53
N GLY J 92 42.84 12.05 18.67
CA GLY J 92 42.77 12.97 17.55
C GLY J 92 43.46 12.41 16.31
N LEU J 93 42.79 12.56 15.19
CA LEU J 93 43.27 12.12 13.88
C LEU J 93 43.34 13.35 13.01
N LEU J 94 44.56 13.85 12.80
CA LEU J 94 44.77 15.08 12.04
C LEU J 94 45.64 14.82 10.84
N GLY J 95 45.23 15.26 9.66
CA GLY J 95 46.08 14.97 8.53
C GLY J 95 45.60 15.60 7.27
N CYS J 96 46.23 15.16 6.18
CA CYS J 96 45.86 15.61 4.86
C CYS J 96 46.34 14.58 3.85
N GLU J 97 45.53 14.36 2.82
CA GLU J 97 45.86 13.41 1.76
C GLU J 97 45.98 14.18 0.46
N LEU J 98 47.10 13.99 -0.23
CA LEU J 98 47.28 14.70 -1.49
C LEU J 98 46.41 14.09 -2.58
N GLY J 99 45.37 14.83 -2.94
CA GLY J 99 44.50 14.47 -4.03
C GLY J 99 45.20 14.65 -5.36
N PRO J 100 44.46 14.38 -6.45
CA PRO J 100 45.10 14.30 -7.78
C PRO J 100 45.81 15.55 -8.29
N ASP J 101 45.28 16.77 -8.07
CA ASP J 101 45.90 17.99 -8.61
C ASP J 101 46.44 18.93 -7.53
N ASN J 102 47.35 18.44 -6.67
CA ASN J 102 47.86 19.15 -5.48
C ASN J 102 46.73 19.78 -4.69
N THR J 103 45.65 19.02 -4.50
CA THR J 103 44.46 19.48 -3.81
C THR J 103 44.45 18.67 -2.51
N SER J 104 44.98 19.26 -1.43
CA SER J 104 45.03 18.50 -0.20
C SER J 104 43.64 18.47 0.41
N VAL J 105 43.21 17.29 0.82
CA VAL J 105 41.95 17.11 1.54
C VAL J 105 42.27 16.85 2.99
N PRO J 106 41.94 17.75 3.93
CA PRO J 106 42.28 17.58 5.34
C PRO J 106 41.37 16.60 6.08
N THR J 107 41.85 16.16 7.25
CA THR J 107 41.15 15.25 8.16
C THR J 107 41.30 15.75 9.58
N ALA J 108 40.17 15.86 10.32
CA ALA J 108 40.33 16.36 11.69
C ALA J 108 39.21 15.80 12.58
N LYS J 109 39.42 14.59 13.09
CA LYS J 109 38.44 13.86 13.88
C LYS J 109 38.97 13.66 15.29
N PHE J 110 38.06 13.53 16.26
CA PHE J 110 38.44 13.35 17.67
C PHE J 110 37.49 12.36 18.33
N ALA J 111 38.04 11.49 19.18
CA ALA J 111 37.28 10.42 19.82
C ALA J 111 37.47 10.45 21.33
N LEU J 112 36.37 10.56 22.07
CA LEU J 112 36.41 10.61 23.52
C LEU J 112 36.02 9.25 24.11
N ASN J 113 36.93 8.65 24.86
CA ASN J 113 36.72 7.31 25.40
C ASN J 113 36.38 6.33 24.31
N GLY J 114 36.92 6.57 23.13
CA GLY J 114 36.70 5.64 22.04
C GLY J 114 35.42 5.86 21.27
N GLU J 115 34.72 6.97 21.48
CA GLU J 115 33.49 7.24 20.74
C GLU J 115 33.74 8.50 19.93
N GLU J 116 33.75 8.38 18.62
CA GLU J 116 33.97 9.55 17.78
C GLU J 116 32.96 10.63 18.10
N PHE J 117 33.45 11.73 18.63
CA PHE J 117 32.55 12.72 19.17
C PHE J 117 32.80 14.10 18.65
N MET J 118 33.85 14.34 17.86
CA MET J 118 34.13 15.73 17.49
C MET J 118 34.82 15.79 16.13
N ASN J 119 34.73 16.95 15.49
CA ASN J 119 35.43 17.21 14.24
C ASN J 119 35.94 18.64 14.26
N PHE J 120 36.71 19.02 13.24
CA PHE J 120 37.03 20.42 12.99
C PHE J 120 36.35 20.83 11.69
N ASP J 121 35.41 21.75 11.76
CA ASP J 121 34.68 22.21 10.59
C ASP J 121 35.40 23.39 9.97
N LEU J 122 35.96 23.19 8.76
CA LEU J 122 36.62 24.30 8.07
C LEU J 122 35.63 25.36 7.62
N LYS J 123 34.40 24.96 7.27
CA LYS J 123 33.41 25.94 6.84
C LYS J 123 33.18 26.98 7.93
N GLN J 124 33.15 26.55 9.19
CA GLN J 124 32.90 27.44 10.32
C GLN J 124 34.17 27.79 11.08
N GLY J 125 35.33 27.29 10.66
CA GLY J 125 36.56 27.60 11.39
C GLY J 125 36.51 27.24 12.86
N THR J 126 35.85 26.14 13.21
CA THR J 126 35.87 25.81 14.63
C THR J 126 35.66 24.31 14.84
N TRP J 127 36.02 23.82 16.01
CA TRP J 127 35.74 22.43 16.34
C TRP J 127 34.24 22.24 16.57
N GLY J 128 33.66 21.29 15.83
CA GLY J 128 32.25 20.94 15.86
C GLY J 128 31.93 19.56 16.45
N GLY J 129 30.69 19.35 16.83
CA GLY J 129 30.29 18.10 17.45
C GLY J 129 29.09 18.43 18.31
N ASP J 130 28.22 17.43 18.50
CA ASP J 130 26.99 17.65 19.25
C ASP J 130 26.92 16.86 20.53
N TRP J 131 27.77 15.88 20.74
CA TRP J 131 27.93 15.28 22.05
C TRP J 131 28.20 16.39 23.08
N PRO J 132 27.69 16.26 24.30
CA PRO J 132 27.88 17.36 25.27
C PRO J 132 29.35 17.67 25.49
N GLU J 133 30.17 16.62 25.65
CA GLU J 133 31.60 16.84 25.78
C GLU J 133 32.17 17.52 24.55
N ALA J 134 31.64 17.17 23.37
CA ALA J 134 32.08 17.85 22.14
C ALA J 134 31.91 19.34 22.27
N LEU J 135 30.73 19.77 22.71
CA LEU J 135 30.51 21.19 22.93
C LEU J 135 31.50 21.76 23.96
N ALA J 136 31.65 21.10 25.10
CA ALA J 136 32.50 21.66 26.16
C ALA J 136 33.92 21.88 25.67
N ILE J 137 34.56 20.80 25.25
CA ILE J 137 35.90 20.85 24.71
C ILE J 137 36.01 21.84 23.56
N SER J 138 35.00 21.87 22.68
CA SER J 138 35.12 22.75 21.52
C SER J 138 35.09 24.22 21.92
N GLN J 139 34.18 24.59 22.82
CA GLN J 139 34.17 25.95 23.34
C GLN J 139 35.51 26.32 23.99
N ARG J 140 36.00 25.45 24.88
CA ARG J 140 37.25 25.70 25.58
C ARG J 140 38.40 25.91 24.60
N TRP J 141 38.52 25.03 23.60
CA TRP J 141 39.57 25.22 22.61
C TRP J 141 39.35 26.46 21.77
N GLN J 142 38.09 26.83 21.55
CA GLN J 142 37.81 28.03 20.77
C GLN J 142 38.29 29.31 21.46
N GLN J 143 38.36 29.31 22.79
CA GLN J 143 38.80 30.48 23.55
C GLN J 143 40.31 30.50 23.85
N GLN J 144 41.10 29.58 23.31
CA GLN J 144 42.53 29.51 23.61
C GLN J 144 43.38 30.26 22.57
N ASP J 145 43.24 31.58 22.58
CA ASP J 145 44.01 32.48 21.71
C ASP J 145 43.87 32.05 20.26
N LYS J 146 44.95 31.87 19.50
CA LYS J 146 44.76 31.62 18.07
C LYS J 146 44.67 30.14 17.71
N ALA J 147 44.20 29.29 18.63
CA ALA J 147 44.17 27.85 18.39
C ALA J 147 43.40 27.51 17.13
N ALA J 148 42.33 28.26 16.84
CA ALA J 148 41.59 28.06 15.59
C ALA J 148 42.50 28.25 14.39
N ASN J 149 43.27 29.35 14.35
CA ASN J 149 44.18 29.58 13.22
C ASN J 149 45.39 28.65 13.25
N LYS J 150 45.86 28.26 14.42
CA LYS J 150 46.92 27.25 14.47
C LYS J 150 46.48 25.95 13.79
N GLU J 151 45.32 25.41 14.18
CA GLU J 151 44.78 24.23 13.49
C GLU J 151 44.45 24.50 12.04
N LEU J 152 43.90 25.65 11.71
CA LEU J 152 43.62 25.93 10.31
C LEU J 152 44.88 25.82 9.47
N THR J 153 46.01 26.39 9.94
CA THR J 153 47.27 26.28 9.19
C THR J 153 47.83 24.87 9.21
N PHE J 154 47.66 24.17 10.33
CA PHE J 154 48.11 22.78 10.42
C PHE J 154 47.39 21.89 9.42
N LEU J 155 46.18 22.26 9.03
CA LEU J 155 45.51 21.41 8.06
C LEU J 155 45.60 21.93 6.64
N LEU J 156 45.67 23.24 6.43
CA LEU J 156 45.53 23.77 5.08
C LEU J 156 46.85 24.18 4.42
N PHE J 157 47.91 24.44 5.20
CA PHE J 157 49.24 24.78 4.71
C PHE J 157 50.36 23.89 5.27
N SER J 158 50.44 23.80 6.60
CA SER J 158 51.55 23.11 7.23
C SER J 158 51.60 21.65 6.78
N CYS J 159 50.46 20.95 6.88
CA CYS J 159 50.39 19.55 6.49
C CYS J 159 50.63 19.32 4.99
N PRO J 160 49.97 20.01 4.05
CA PRO J 160 50.24 19.75 2.61
C PRO J 160 51.67 20.06 2.18
N HIS J 161 52.23 21.15 2.70
CA HIS J 161 53.62 21.44 2.36
C HIS J 161 54.54 20.34 2.89
N ARG J 162 54.32 19.92 4.13
CA ARG J 162 55.13 18.82 4.69
C ARG J 162 55.00 17.55 3.84
N LEU J 163 53.80 17.27 3.35
CA LEU J 163 53.61 16.09 2.51
C LEU J 163 54.44 16.19 1.23
N ARG J 164 54.23 17.25 0.46
CA ARG J 164 54.98 17.42 -0.81
C ARG J 164 56.48 17.34 -0.50
N GLU J 165 56.93 18.04 0.54
CA GLU J 165 58.36 18.02 0.92
C GLU J 165 58.79 16.58 1.24
N HIS J 166 58.03 15.90 2.10
CA HIS J 166 58.41 14.51 2.51
C HIS J 166 58.41 13.60 1.28
N LEU J 167 57.42 13.76 0.40
CA LEU J 167 57.32 12.89 -0.79
C LEU J 167 58.61 13.03 -1.62
N GLU J 168 59.07 14.27 -1.84
CA GLU J 168 60.28 14.51 -2.68
C GLU J 168 61.42 13.88 -1.88
N ARG J 169 61.50 14.16 -0.58
CA ARG J 169 62.57 13.56 0.26
C ARG J 169 62.52 11.97 0.62
N GLY J 170 61.27 11.53 0.50
CA GLY J 170 60.94 10.11 0.70
C GLY J 170 60.60 9.16 -0.44
N ARG J 171 60.79 9.60 -1.69
CA ARG J 171 60.39 8.76 -2.86
C ARG J 171 60.87 7.32 -2.63
N GLY J 172 62.16 7.13 -2.35
CA GLY J 172 62.71 5.78 -2.13
C GLY J 172 62.03 5.09 -0.96
N ASN J 173 61.89 5.81 0.16
CA ASN J 173 61.22 5.23 1.36
C ASN J 173 59.83 4.72 0.95
N LEU J 174 59.20 5.36 -0.03
CA LEU J 174 57.85 4.96 -0.41
C LEU J 174 57.84 3.87 -1.45
N GLU J 175 58.87 3.79 -2.27
CA GLU J 175 58.96 2.76 -3.30
C GLU J 175 59.63 1.50 -2.78
N TRP J 176 59.75 1.36 -1.46
CA TRP J 176 60.23 0.12 -0.87
C TRP J 176 59.38 -1.02 -1.39
N LYS J 177 60.03 -2.08 -1.85
CA LYS J 177 59.31 -3.28 -2.31
C LYS J 177 60.12 -4.47 -1.79
N GLU J 178 59.56 -5.14 -0.79
CA GLU J 178 60.18 -6.34 -0.24
C GLU J 178 59.18 -7.46 -0.43
N PRO J 179 59.45 -8.44 -1.29
CA PRO J 179 58.48 -9.48 -1.54
C PRO J 179 58.49 -10.48 -0.39
N PRO J 180 57.39 -11.19 -0.18
CA PRO J 180 57.25 -12.02 1.03
C PRO J 180 58.00 -13.31 0.90
N SER J 181 58.38 -13.86 2.05
CA SER J 181 58.90 -15.22 2.11
C SER J 181 57.76 -16.13 2.54
N MET J 182 57.28 -16.97 1.60
CA MET J 182 56.07 -17.79 1.88
C MET J 182 56.41 -19.13 2.51
N ARG J 183 55.52 -19.65 3.38
CA ARG J 183 55.72 -20.98 4.01
C ARG J 183 54.36 -21.65 4.20
N LEU J 184 53.92 -22.45 3.22
CA LEU J 184 52.63 -23.19 3.37
C LEU J 184 52.84 -24.38 4.31
N LYS J 185 52.07 -24.45 5.40
CA LYS J 185 52.26 -25.53 6.40
C LYS J 185 50.92 -26.22 6.66
N ALA J 186 50.94 -27.35 7.39
CA ALA J 186 49.70 -28.11 7.69
C ALA J 186 49.58 -28.34 9.20
N ARG J 187 48.36 -28.27 9.72
CA ARG J 187 48.12 -28.49 11.18
C ARG J 187 46.92 -29.41 11.36
N PRO J 188 47.06 -30.57 12.04
CA PRO J 188 45.92 -31.45 12.29
C PRO J 188 45.18 -31.05 13.55
N SER J 189 44.75 -29.79 13.64
CA SER J 189 44.08 -29.30 14.88
C SER J 189 42.74 -30.01 15.09
N SER J 190 41.87 -30.04 14.08
CA SER J 190 40.53 -30.65 14.23
C SER J 190 40.59 -32.15 13.92
N PRO J 191 39.91 -33.02 14.69
CA PRO J 191 39.89 -34.44 14.37
C PRO J 191 39.22 -34.69 13.03
N GLY J 192 39.92 -35.36 12.12
CA GLY J 192 39.34 -35.68 10.80
C GLY J 192 39.38 -34.47 9.87
N PHE J 193 39.94 -33.35 10.32
CA PHE J 193 39.97 -32.11 9.49
C PHE J 193 41.24 -31.32 9.79
N SER J 194 42.26 -31.48 8.94
CA SER J 194 43.54 -30.76 9.15
C SER J 194 43.44 -29.33 8.59
N VAL J 195 43.94 -28.34 9.34
CA VAL J 195 43.90 -26.93 8.89
C VAL J 195 45.23 -26.58 8.20
N LEU J 196 45.17 -25.94 7.02
CA LEU J 196 46.40 -25.56 6.28
C LEU J 196 46.71 -24.09 6.56
N THR J 197 47.96 -23.79 6.93
CA THR J 197 48.33 -22.39 7.27
C THR J 197 49.31 -21.86 6.26
N CYS J 198 48.92 -20.80 5.54
CA CYS J 198 49.83 -20.15 4.55
C CYS J 198 50.40 -18.90 5.20
N SER J 199 51.72 -18.66 5.06
CA SER J 199 52.31 -17.53 5.77
C SER J 199 53.28 -16.78 4.87
N ALA J 200 52.99 -15.49 4.63
CA ALA J 200 53.93 -14.51 4.07
C ALA J 200 54.63 -13.80 5.22
N PHE J 201 55.97 -13.77 5.19
CA PHE J 201 56.69 -13.48 6.44
C PHE J 201 57.28 -12.08 6.60
N SER J 202 57.95 -11.51 5.61
CA SER J 202 58.44 -10.14 5.75
C SER J 202 58.29 -9.45 4.41
N PHE J 203 57.37 -8.50 4.33
CA PHE J 203 57.06 -7.87 3.05
C PHE J 203 56.60 -6.46 3.29
N TYR J 204 56.68 -5.67 2.23
CA TYR J 204 56.24 -4.29 2.17
C TYR J 204 56.11 -3.93 0.70
N PRO J 205 55.01 -3.28 0.25
CA PRO J 205 53.91 -2.65 1.00
C PRO J 205 52.91 -3.65 1.59
N PRO J 206 52.04 -3.25 2.53
CA PRO J 206 51.15 -4.23 3.18
C PRO J 206 50.08 -4.83 2.28
N GLU J 207 49.92 -4.38 1.05
CA GLU J 207 48.89 -4.91 0.15
C GLU J 207 49.36 -6.27 -0.32
N LEU J 208 48.75 -7.32 0.22
CA LEU J 208 49.05 -8.72 -0.14
C LEU J 208 47.79 -9.57 -0.07
N GLN J 209 47.63 -10.43 -1.07
CA GLN J 209 46.45 -11.29 -1.19
C GLN J 209 46.85 -12.75 -1.09
N LEU J 210 46.15 -13.50 -0.24
CA LEU J 210 46.36 -14.94 -0.08
C LEU J 210 45.12 -15.71 -0.56
N ARG J 211 45.30 -16.57 -1.57
CA ARG J 211 44.26 -17.50 -2.03
C ARG J 211 44.69 -18.94 -1.72
N PHE J 212 43.71 -19.83 -1.52
CA PHE J 212 43.93 -21.26 -1.48
C PHE J 212 43.37 -21.93 -2.73
N LEU J 213 44.09 -22.94 -3.22
CA LEU J 213 43.73 -23.73 -4.40
C LEU J 213 43.62 -25.21 -4.07
N ARG J 214 42.53 -25.85 -4.53
CA ARG J 214 42.27 -27.28 -4.33
C ARG J 214 42.51 -28.02 -5.63
N ASN J 215 43.64 -28.73 -5.71
CA ASN J 215 43.96 -29.52 -6.94
C ASN J 215 43.87 -28.60 -8.16
N GLY J 216 44.52 -27.44 -8.09
CA GLY J 216 44.53 -26.51 -9.19
C GLY J 216 43.25 -25.75 -9.41
N LEU J 217 42.20 -26.09 -8.67
CA LEU J 217 40.93 -25.38 -8.70
C LEU J 217 40.88 -24.37 -7.55
N ALA J 218 39.97 -23.42 -7.63
CA ALA J 218 39.88 -22.37 -6.61
C ALA J 218 39.15 -22.87 -5.37
N ALA J 219 39.90 -23.05 -4.26
CA ALA J 219 39.34 -23.57 -3.00
C ALA J 219 38.95 -22.48 -2.01
N GLY J 220 39.39 -21.24 -2.22
CA GLY J 220 38.88 -20.12 -1.45
C GLY J 220 39.92 -19.21 -0.84
N THR J 221 39.64 -18.66 0.33
CA THR J 221 40.63 -17.96 1.15
C THR J 221 40.31 -18.24 2.59
N GLY J 222 41.34 -18.51 3.38
CA GLY J 222 41.12 -18.91 4.75
C GLY J 222 40.75 -17.74 5.63
N GLN J 223 40.82 -18.00 6.93
CA GLN J 223 40.86 -16.97 7.95
C GLN J 223 42.16 -16.19 7.86
N GLY J 224 42.03 -14.87 7.63
CA GLY J 224 43.18 -14.02 7.37
C GLY J 224 43.57 -13.22 8.61
N ASP J 225 44.87 -13.25 8.89
CA ASP J 225 45.50 -12.51 9.96
C ASP J 225 46.62 -11.65 9.38
N PHE J 226 46.84 -10.49 9.99
CA PHE J 226 47.69 -9.48 9.38
C PHE J 226 48.34 -8.66 10.49
N GLY J 227 49.61 -8.30 10.31
CA GLY J 227 50.33 -7.62 11.37
C GLY J 227 51.64 -6.94 10.95
N PRO J 228 52.29 -6.13 11.81
CA PRO J 228 53.56 -5.53 11.45
C PRO J 228 54.77 -6.39 11.80
N ASN J 229 55.96 -5.92 11.42
CA ASN J 229 57.21 -6.66 11.75
C ASN J 229 58.17 -5.70 12.47
N SER J 230 59.13 -6.22 13.22
CA SER J 230 60.01 -5.33 14.03
C SER J 230 60.75 -4.34 13.14
N ASP J 231 60.77 -4.58 11.82
CA ASP J 231 61.54 -3.70 10.89
C ASP J 231 60.61 -2.75 10.15
N GLY J 232 59.36 -2.64 10.59
CA GLY J 232 58.37 -1.80 9.88
C GLY J 232 57.78 -2.54 8.70
N SER J 233 58.22 -3.78 8.48
CA SER J 233 57.63 -4.61 7.39
C SER J 233 56.31 -5.22 7.90
N PHE J 234 55.71 -6.11 7.11
CA PHE J 234 54.39 -6.67 7.52
C PHE J 234 54.42 -8.18 7.48
N HIS J 235 53.47 -8.82 8.17
CA HIS J 235 53.38 -10.30 8.14
C HIS J 235 51.92 -10.68 7.88
N ALA J 236 51.69 -11.76 7.14
CA ALA J 236 50.33 -12.16 6.80
C ALA J 236 50.23 -13.68 6.89
N SER J 237 49.05 -14.18 7.25
CA SER J 237 48.87 -15.61 7.42
C SER J 237 47.40 -15.98 7.22
N SER J 238 47.15 -17.07 6.49
CA SER J 238 45.79 -17.53 6.24
C SER J 238 45.64 -18.99 6.67
N SER J 239 44.49 -19.33 7.28
CA SER J 239 44.22 -20.70 7.73
C SER J 239 42.94 -21.25 7.10
N LEU J 240 43.02 -22.47 6.55
CA LEU J 240 41.93 -23.12 5.82
C LEU J 240 41.75 -24.55 6.35
N THR J 241 40.52 -24.96 6.68
CA THR J 241 40.31 -26.27 7.29
C THR J 241 39.82 -27.24 6.23
N VAL J 242 40.65 -28.24 5.92
CA VAL J 242 40.35 -29.23 4.90
C VAL J 242 40.36 -30.63 5.52
N LYS J 243 39.80 -31.56 4.75
CA LYS J 243 39.64 -32.93 5.21
C LYS J 243 41.01 -33.60 5.32
N SER J 244 41.24 -34.34 6.42
CA SER J 244 42.53 -34.95 6.67
C SER J 244 42.94 -35.89 5.53
N GLY J 245 44.16 -35.70 5.02
CA GLY J 245 44.64 -36.46 3.90
C GLY J 245 44.47 -35.82 2.54
N ASP J 246 43.65 -34.77 2.40
CA ASP J 246 43.58 -34.04 1.13
C ASP J 246 44.54 -32.88 1.06
N GLU J 247 45.28 -32.63 2.14
CA GLU J 247 46.19 -31.46 2.19
C GLU J 247 47.17 -31.50 1.01
N HIS J 248 47.72 -32.68 0.69
CA HIS J 248 48.74 -32.77 -0.38
C HIS J 248 48.22 -32.08 -1.65
N HIS J 249 46.93 -32.28 -1.96
CA HIS J 249 46.34 -31.70 -3.20
C HIS J 249 45.85 -30.27 -2.91
N TYR J 250 46.71 -29.43 -2.32
CA TYR J 250 46.34 -28.02 -2.02
C TYR J 250 47.55 -27.12 -2.25
N CYS J 251 47.32 -25.95 -2.85
CA CYS J 251 48.43 -24.99 -3.09
C CYS J 251 48.00 -23.60 -2.60
N CYS J 252 48.96 -22.76 -2.19
CA CYS J 252 48.62 -21.42 -1.76
C CYS J 252 49.17 -20.40 -2.76
N ILE J 253 48.35 -19.42 -3.14
CA ILE J 253 48.74 -18.42 -4.14
C ILE J 253 48.81 -17.06 -3.46
N VAL J 254 49.94 -16.39 -3.62
CA VAL J 254 50.17 -15.08 -3.03
C VAL J 254 50.37 -14.08 -4.15
N GLN J 255 49.63 -12.97 -4.08
CA GLN J 255 49.76 -11.86 -5.01
C GLN J 255 50.21 -10.65 -4.19
N HIS J 256 51.50 -10.37 -4.26
CA HIS J 256 52.12 -9.21 -3.66
C HIS J 256 52.67 -8.28 -4.74
N ALA J 257 52.89 -7.01 -4.38
CA ALA J 257 53.44 -6.08 -5.35
C ALA J 257 54.89 -6.39 -5.67
N GLY J 258 55.67 -6.85 -4.67
CA GLY J 258 57.08 -7.15 -4.85
C GLY J 258 57.37 -8.39 -5.67
N LEU J 259 56.35 -9.23 -5.89
CA LEU J 259 56.40 -10.32 -6.87
C LEU J 259 55.81 -9.80 -8.17
N ALA J 260 56.58 -9.87 -9.26
CA ALA J 260 56.08 -9.38 -10.53
C ALA J 260 54.99 -10.29 -11.09
N GLN J 261 55.08 -11.58 -10.82
CA GLN J 261 54.03 -12.53 -11.12
C GLN J 261 53.64 -13.25 -9.83
N PRO J 262 52.35 -13.57 -9.65
CA PRO J 262 51.93 -14.11 -8.35
C PRO J 262 52.62 -15.43 -8.06
N LEU J 263 53.05 -15.59 -6.81
CA LEU J 263 53.84 -16.74 -6.41
C LEU J 263 52.92 -17.88 -6.00
N ARG J 264 53.42 -19.10 -6.15
CA ARG J 264 52.70 -20.32 -5.83
C ARG J 264 53.52 -21.15 -4.84
N VAL J 265 52.89 -21.55 -3.73
CA VAL J 265 53.54 -22.17 -2.59
C VAL J 265 52.96 -23.57 -2.40
N GLU J 266 53.83 -24.54 -2.11
CA GLU J 266 53.40 -25.91 -1.86
C GLU J 266 53.82 -26.34 -0.46
N LEU J 267 53.43 -27.55 -0.08
CA LEU J 267 53.63 -28.01 1.29
C LEU J 267 55.06 -28.47 1.63
N ILE K 1 33.79 3.55 24.93
CA ILE K 1 33.51 2.09 24.86
C ILE K 1 34.71 1.33 25.42
N GLN K 2 34.57 0.00 25.57
CA GLN K 2 35.69 -0.84 26.08
C GLN K 2 35.84 -2.04 25.14
N ARG K 3 37.05 -2.30 24.64
CA ARG K 3 37.23 -3.39 23.65
C ARG K 3 38.26 -4.40 24.15
N THR K 4 37.98 -5.70 23.97
CA THR K 4 38.91 -6.78 24.38
C THR K 4 40.05 -6.87 23.36
N PRO K 5 41.30 -7.14 23.77
CA PRO K 5 42.44 -7.15 22.84
C PRO K 5 42.56 -8.41 21.97
N LYS K 6 43.06 -8.26 20.74
CA LYS K 6 43.30 -9.39 19.84
C LYS K 6 44.79 -9.63 19.72
N ILE K 7 45.23 -10.85 20.06
CA ILE K 7 46.64 -11.18 20.25
C ILE K 7 47.10 -12.10 19.13
N GLN K 8 48.17 -11.74 18.43
CA GLN K 8 48.75 -12.66 17.46
C GLN K 8 50.25 -12.80 17.73
N VAL K 9 50.76 -14.03 17.77
CA VAL K 9 52.18 -14.27 17.99
C VAL K 9 52.75 -14.95 16.77
N TYR K 10 53.81 -14.37 16.21
CA TYR K 10 54.42 -14.90 15.00
C TYR K 10 55.88 -14.52 14.99
N SER K 11 56.59 -14.98 13.97
CA SER K 11 58.01 -14.71 13.78
C SER K 11 58.21 -13.79 12.59
N ARG K 12 59.29 -13.01 12.61
CA ARG K 12 59.52 -12.06 11.52
C ARG K 12 59.81 -12.81 10.24
N HIS K 13 60.57 -13.89 10.34
CA HIS K 13 60.98 -14.78 9.26
C HIS K 13 60.59 -16.21 9.60
N PRO K 14 60.52 -17.09 8.61
CA PRO K 14 60.22 -18.50 8.87
C PRO K 14 61.09 -19.08 9.98
N ALA K 15 60.49 -19.88 10.86
CA ALA K 15 61.11 -20.29 12.13
C ALA K 15 62.12 -21.42 11.89
N GLU K 16 63.25 -21.06 11.30
CA GLU K 16 64.37 -21.99 11.10
C GLU K 16 65.05 -22.23 12.43
N ASN K 17 64.96 -23.47 12.93
CA ASN K 17 65.64 -23.82 14.16
C ASN K 17 67.14 -23.58 14.03
N GLY K 18 67.75 -23.00 15.07
CA GLY K 18 69.18 -22.76 15.13
C GLY K 18 69.68 -21.51 14.43
N LYS K 19 68.80 -20.69 13.86
CA LYS K 19 69.17 -19.40 13.30
C LYS K 19 68.44 -18.29 14.07
N SER K 20 68.90 -17.06 13.92
CA SER K 20 68.34 -15.96 14.71
C SER K 20 67.18 -15.30 13.96
N ASN K 21 66.14 -14.94 14.71
CA ASN K 21 64.86 -14.47 14.21
C ASN K 21 64.30 -13.44 15.21
N PHE K 22 63.05 -13.02 14.98
CA PHE K 22 62.37 -12.07 15.85
C PHE K 22 60.99 -12.62 16.16
N LEU K 23 60.64 -12.65 17.43
CA LEU K 23 59.30 -13.01 17.87
C LEU K 23 58.49 -11.74 18.09
N ASN K 24 57.37 -11.63 17.39
CA ASN K 24 56.46 -10.49 17.49
C ASN K 24 55.20 -10.97 18.19
N CYS K 25 54.77 -10.23 19.21
CA CYS K 25 53.46 -10.40 19.83
C CYS K 25 52.70 -9.09 19.58
N TYR K 26 51.76 -9.14 18.64
CA TYR K 26 51.01 -7.98 18.16
C TYR K 26 49.64 -7.94 18.80
N VAL K 27 49.43 -6.95 19.66
CA VAL K 27 48.13 -6.80 20.32
C VAL K 27 47.39 -5.63 19.67
N SER K 28 46.14 -5.87 19.28
CA SER K 28 45.40 -4.92 18.46
C SER K 28 43.95 -4.83 18.89
N GLY K 29 43.29 -3.72 18.54
CA GLY K 29 41.88 -3.53 18.83
C GLY K 29 41.42 -3.46 20.28
N PHE K 30 42.21 -2.86 21.16
CA PHE K 30 41.82 -2.77 22.56
C PHE K 30 41.50 -1.32 22.91
N HIS K 31 40.83 -1.16 24.05
CA HIS K 31 40.48 0.18 24.52
C HIS K 31 40.00 0.08 25.96
N PRO K 32 40.58 0.82 26.89
CA PRO K 32 41.58 1.90 26.74
C PRO K 32 43.03 1.44 26.46
N SER K 33 43.97 2.38 26.50
CA SER K 33 45.35 2.22 26.00
C SER K 33 46.24 1.39 26.93
N ASP K 34 45.94 1.36 28.22
CA ASP K 34 46.73 0.64 29.22
C ASP K 34 46.63 -0.87 29.03
N ILE K 35 47.76 -1.55 28.85
CA ILE K 35 47.78 -3.00 28.64
C ILE K 35 49.08 -3.58 29.23
N GLU K 36 49.06 -4.87 29.63
CA GLU K 36 50.20 -5.59 30.22
C GLU K 36 50.63 -6.74 29.30
N VAL K 37 51.80 -6.62 28.65
CA VAL K 37 52.27 -7.63 27.70
C VAL K 37 53.59 -8.19 28.16
N ASP K 38 53.69 -9.53 28.18
CA ASP K 38 54.92 -10.26 28.50
C ASP K 38 55.13 -11.35 27.47
N LEU K 39 56.25 -11.33 26.76
CA LEU K 39 56.59 -12.51 25.98
C LEU K 39 57.15 -13.53 26.96
N LEU K 40 56.95 -14.80 26.66
CA LEU K 40 57.31 -15.85 27.62
C LEU K 40 58.07 -16.99 26.95
N LYS K 41 59.17 -17.38 27.56
CA LYS K 41 60.01 -18.51 27.17
C LYS K 41 59.85 -19.59 28.24
N ASN K 42 59.07 -20.63 27.90
CA ASN K 42 58.77 -21.76 28.79
C ASN K 42 58.15 -21.29 30.11
N GLY K 43 57.41 -20.19 30.10
CA GLY K 43 56.78 -19.69 31.31
C GLY K 43 57.57 -18.63 32.02
N GLU K 44 58.50 -17.96 31.33
CA GLU K 44 59.42 -17.01 31.92
C GLU K 44 59.32 -15.66 31.23
N ARG K 45 59.16 -14.60 32.00
CA ARG K 45 59.04 -13.26 31.43
C ARG K 45 60.38 -12.88 30.78
N ILE K 46 60.37 -12.64 29.47
CA ILE K 46 61.59 -12.29 28.74
C ILE K 46 61.85 -10.81 28.93
N GLU K 47 62.93 -10.49 29.61
CA GLU K 47 63.19 -9.09 29.94
C GLU K 47 63.66 -8.28 28.74
N LYS K 48 64.29 -8.92 27.75
CA LYS K 48 64.78 -8.21 26.56
C LYS K 48 63.66 -8.11 25.52
N VAL K 49 62.61 -7.37 25.86
CA VAL K 49 61.47 -7.22 24.90
C VAL K 49 61.25 -5.73 24.62
N GLU K 50 61.25 -5.34 23.35
CA GLU K 50 61.03 -3.92 22.98
C GLU K 50 59.63 -3.78 22.38
N HIS K 51 58.94 -2.66 22.66
CA HIS K 51 57.57 -2.43 22.14
C HIS K 51 57.59 -1.29 21.13
N SER K 52 56.62 -1.26 20.22
CA SER K 52 56.54 -0.18 19.21
C SER K 52 55.77 1.01 19.78
N ASP K 53 55.45 1.99 18.94
CA ASP K 53 54.72 3.19 19.39
C ASP K 53 53.24 2.85 19.57
N LEU K 54 52.67 3.09 20.76
CA LEU K 54 51.23 2.86 20.97
C LEU K 54 50.46 3.68 19.94
N SER K 55 49.86 3.01 18.95
CA SER K 55 49.10 3.69 17.91
C SER K 55 47.66 3.28 18.03
N PHE K 56 46.83 3.84 17.19
CA PHE K 56 45.48 3.34 17.08
C PHE K 56 45.16 3.18 15.60
N SER K 57 44.15 2.35 15.33
CA SER K 57 43.70 2.13 13.97
C SER K 57 42.53 3.05 13.68
N LYS K 58 41.97 2.94 12.48
CA LYS K 58 40.91 3.84 12.06
C LYS K 58 39.66 3.69 12.94
N ASP K 59 39.41 2.51 13.51
CA ASP K 59 38.26 2.34 14.39
C ASP K 59 38.49 2.84 15.82
N TRP K 60 39.55 3.62 16.05
CA TRP K 60 39.88 4.21 17.35
C TRP K 60 40.31 3.18 18.38
N SER K 61 40.61 1.96 17.96
CA SER K 61 41.16 0.95 18.85
C SER K 61 42.68 0.99 18.78
N PHE K 62 43.34 0.79 19.94
CA PHE K 62 44.79 0.87 19.99
C PHE K 62 45.47 -0.40 19.53
N TYR K 63 46.71 -0.26 19.06
CA TYR K 63 47.54 -1.40 18.72
C TYR K 63 48.98 -1.15 19.10
N LEU K 64 49.68 -2.24 19.40
CA LEU K 64 51.02 -2.29 19.94
C LEU K 64 51.73 -3.49 19.35
N LEU K 65 53.03 -3.36 19.15
CA LEU K 65 53.86 -4.50 18.75
C LEU K 65 54.93 -4.70 19.80
N TYR K 66 54.88 -5.81 20.53
CA TYR K 66 56.01 -6.23 21.33
C TYR K 66 56.86 -7.19 20.50
N TYR K 67 58.18 -7.10 20.64
CA TYR K 67 59.07 -8.00 19.89
C TYR K 67 60.32 -8.28 20.72
N THR K 68 60.98 -9.38 20.35
CA THR K 68 62.24 -9.81 20.95
C THR K 68 63.04 -10.57 19.88
N GLU K 69 64.35 -10.47 19.98
CA GLU K 69 65.23 -11.25 19.14
C GLU K 69 65.43 -12.61 19.80
N PHE K 70 65.52 -13.66 18.98
CA PHE K 70 65.63 -15.00 19.54
C PHE K 70 66.21 -15.97 18.53
N THR K 71 66.53 -17.17 19.00
CA THR K 71 66.89 -18.26 18.12
C THR K 71 66.11 -19.49 18.55
N PRO K 72 65.26 -20.05 17.68
CA PRO K 72 64.38 -21.16 18.09
C PRO K 72 65.11 -22.49 18.17
N THR K 73 64.73 -23.28 19.15
CA THR K 73 65.20 -24.65 19.30
C THR K 73 64.05 -25.60 18.92
N GLU K 74 64.32 -26.90 18.94
CA GLU K 74 63.26 -27.87 18.70
C GLU K 74 62.55 -28.29 19.97
N LYS K 75 62.80 -27.60 21.08
CA LYS K 75 62.22 -27.98 22.35
C LYS K 75 61.57 -26.84 23.11
N ASP K 76 61.77 -25.58 22.71
CA ASP K 76 61.29 -24.45 23.48
C ASP K 76 59.85 -24.05 23.11
N GLU K 77 59.19 -23.33 24.02
CA GLU K 77 57.80 -22.93 23.86
C GLU K 77 57.68 -21.43 24.16
N TYR K 78 57.34 -20.67 23.13
CA TYR K 78 57.10 -19.25 23.28
C TYR K 78 55.61 -18.95 23.34
N ALA K 79 55.27 -17.97 24.16
CA ALA K 79 53.88 -17.55 24.36
C ALA K 79 53.87 -16.05 24.59
N CYS K 80 52.67 -15.49 24.70
CA CYS K 80 52.48 -14.06 24.92
C CYS K 80 51.35 -13.90 25.91
N ARG K 81 51.64 -13.29 27.06
CA ARG K 81 50.65 -13.09 28.11
C ARG K 81 50.20 -11.64 28.07
N VAL K 82 48.89 -11.43 28.00
CA VAL K 82 48.30 -10.09 27.97
C VAL K 82 47.28 -9.97 29.09
N ASN K 83 47.30 -8.83 29.78
CA ASN K 83 46.27 -8.44 30.73
C ASN K 83 45.72 -7.08 30.31
N HIS K 84 44.40 -6.95 30.34
CA HIS K 84 43.70 -5.71 29.97
C HIS K 84 42.48 -5.57 30.87
N VAL K 85 41.96 -4.35 30.94
CA VAL K 85 40.80 -4.11 31.79
C VAL K 85 39.67 -5.05 31.43
N THR K 86 39.58 -5.47 30.15
CA THR K 86 38.51 -6.32 29.64
C THR K 86 38.73 -7.79 29.93
N LEU K 87 39.91 -8.18 30.38
CA LEU K 87 40.25 -9.56 30.65
C LEU K 87 40.17 -9.80 32.15
N SER K 88 39.39 -10.81 32.56
CA SER K 88 39.31 -11.20 33.97
C SER K 88 40.68 -11.57 34.51
N GLN K 89 41.27 -12.62 33.95
CA GLN K 89 42.62 -13.13 34.12
C GLN K 89 43.42 -12.95 32.83
N PRO K 90 44.72 -12.72 32.92
CA PRO K 90 45.53 -12.57 31.70
C PRO K 90 45.36 -13.75 30.74
N LYS K 91 45.11 -13.43 29.47
CA LYS K 91 45.11 -14.45 28.44
C LYS K 91 46.54 -14.77 28.03
N ILE K 92 46.72 -15.99 27.52
CA ILE K 92 48.00 -16.52 27.07
C ILE K 92 47.80 -17.02 25.65
N VAL K 93 48.79 -16.81 24.78
CA VAL K 93 48.71 -17.36 23.44
C VAL K 93 50.05 -18.00 23.09
N LYS K 94 50.01 -19.25 22.64
CA LYS K 94 51.21 -19.97 22.28
C LYS K 94 51.54 -19.67 20.82
N TRP K 95 52.83 -19.73 20.49
CA TRP K 95 53.27 -19.39 19.11
C TRP K 95 53.35 -20.65 18.25
N ASP K 96 52.34 -20.89 17.41
CA ASP K 96 52.44 -22.04 16.47
C ASP K 96 53.36 -21.61 15.33
N ARG K 97 54.38 -22.42 15.02
CA ARG K 97 55.36 -22.02 13.99
C ARG K 97 54.65 -21.90 12.63
N ASP K 98 53.49 -22.53 12.49
CA ASP K 98 52.71 -22.43 11.22
C ASP K 98 52.45 -20.96 10.92
N MET K 99 51.98 -20.20 11.92
CA MET K 99 51.74 -18.74 11.74
C MET K 99 53.08 -18.06 11.42
N GLU L 3 6.09 14.42 36.17
CA GLU L 3 7.02 14.00 35.08
C GLU L 3 6.45 12.75 34.39
N GLU L 4 5.85 11.84 35.16
CA GLU L 4 5.25 10.61 34.56
C GLU L 4 3.98 11.02 33.80
N TYR L 5 3.85 10.55 32.55
CA TYR L 5 2.68 10.92 31.72
C TYR L 5 2.20 9.69 30.96
N LYS L 6 0.89 9.54 30.78
CA LYS L 6 0.36 8.46 29.97
C LYS L 6 0.25 9.04 28.57
N VAL L 7 0.89 8.38 27.62
CA VAL L 7 1.01 8.84 26.25
C VAL L 7 0.15 7.96 25.36
N VAL L 8 -0.67 8.57 24.53
CA VAL L 8 -1.40 7.84 23.51
C VAL L 8 -0.70 8.09 22.18
N LEU L 9 -0.01 7.06 21.69
CA LEU L 9 0.67 7.15 20.41
C LEU L 9 -0.28 6.63 19.38
N THR L 10 -0.53 7.42 18.35
CA THR L 10 -1.32 6.96 17.21
C THR L 10 -0.34 6.70 16.10
N PHE L 11 -0.19 5.41 15.76
CA PHE L 11 0.82 4.92 14.84
C PHE L 11 0.60 5.41 13.42
N GLY L 12 1.69 5.57 12.69
CA GLY L 12 1.63 6.01 11.31
C GLY L 12 1.80 4.85 10.36
N SER L 13 2.22 5.18 9.17
CA SER L 13 2.42 4.18 8.14
C SER L 13 3.81 3.54 8.28
N PRO L 14 3.96 2.28 7.90
CA PRO L 14 5.29 1.65 7.97
C PRO L 14 6.36 2.45 7.25
N MET L 15 7.58 2.45 7.81
CA MET L 15 8.71 3.09 7.16
C MET L 15 9.57 2.02 6.49
N SER L 16 10.05 2.35 5.30
CA SER L 16 10.79 1.38 4.51
C SER L 16 12.05 0.95 5.25
N PRO L 17 12.43 -0.32 5.16
CA PRO L 17 11.87 -1.33 4.27
C PRO L 17 10.68 -2.07 4.84
N ASN L 18 9.99 -1.51 5.83
CA ASN L 18 8.92 -2.27 6.45
C ASN L 18 7.62 -2.08 5.68
N ALA L 19 6.82 -3.15 5.65
CA ALA L 19 5.54 -3.15 4.98
C ALA L 19 4.56 -3.90 5.86
N ASN L 20 3.28 -3.59 5.64
CA ASN L 20 2.18 -4.12 6.43
C ASN L 20 2.05 -5.63 6.33
N ASN L 21 2.63 -6.22 5.29
CA ASN L 21 2.53 -7.64 5.03
C ASN L 21 3.88 -8.35 5.14
N LYS L 22 4.89 -7.67 5.67
CA LYS L 22 6.24 -8.18 5.87
C LYS L 22 6.50 -8.26 7.36
N GLN L 23 7.56 -8.98 7.72
CA GLN L 23 8.05 -8.90 9.08
C GLN L 23 8.52 -7.48 9.40
N THR L 24 8.56 -7.14 10.70
CA THR L 24 9.18 -5.89 11.11
C THR L 24 10.67 -6.09 11.18
N TRP L 25 11.40 -5.26 10.42
CA TRP L 25 12.84 -5.20 10.45
C TRP L 25 13.32 -4.24 11.54
N VAL L 26 14.43 -4.60 12.16
CA VAL L 26 15.04 -3.81 13.22
C VAL L 26 16.55 -3.88 12.99
N ASN L 27 17.27 -2.89 13.51
CA ASN L 27 18.73 -2.90 13.39
C ASN L 27 19.30 -3.82 14.46
N LYS L 28 20.00 -4.91 14.03
CA LYS L 28 20.53 -5.95 14.92
C LYS L 28 21.85 -5.56 15.57
N PRO L 29 22.90 -5.23 14.81
CA PRO L 29 24.21 -5.11 15.44
C PRO L 29 24.44 -3.72 16.01
N LEU L 30 25.58 -3.46 16.67
CA LEU L 30 25.81 -2.11 17.15
C LEU L 30 26.70 -1.29 16.25
N ASP L 31 27.16 -1.86 15.14
CA ASP L 31 27.94 -1.13 14.13
C ASP L 31 27.13 -1.02 12.84
N ALA L 32 27.68 -0.39 11.83
CA ALA L 32 26.93 -0.08 10.63
C ALA L 32 27.72 -0.45 9.39
N PRO L 33 27.03 -0.62 8.24
CA PRO L 33 27.75 -0.74 6.97
C PRO L 33 28.76 0.39 6.79
N SER L 34 29.84 0.05 6.10
CA SER L 34 30.96 0.94 5.83
C SER L 34 30.48 2.29 5.33
N GLY L 35 30.82 3.33 6.07
CA GLY L 35 30.45 4.67 5.67
C GLY L 35 29.16 5.20 6.26
N HIS L 36 28.43 4.42 7.05
CA HIS L 36 27.24 4.95 7.71
C HIS L 36 27.36 4.67 9.19
N TYR L 37 26.34 5.07 9.93
CA TYR L 37 26.40 5.03 11.38
C TYR L 37 25.07 4.53 11.91
N ASN L 38 25.07 4.10 13.18
CA ASN L 38 23.81 3.81 13.85
C ASN L 38 23.18 5.08 14.39
N VAL L 39 21.88 5.00 14.61
CA VAL L 39 21.19 6.00 15.40
C VAL L 39 21.45 5.70 16.87
N LYS L 40 21.85 6.71 17.63
CA LYS L 40 22.16 6.55 19.04
C LYS L 40 21.32 7.54 19.84
N ILE L 41 20.63 7.05 20.85
CA ILE L 41 19.98 7.92 21.84
C ILE L 41 20.94 8.01 23.03
N ALA L 42 21.42 9.22 23.31
CA ALA L 42 22.57 9.36 24.17
C ALA L 42 22.35 10.44 25.21
N LYS L 43 22.99 10.21 26.36
CA LYS L 43 23.26 11.20 27.40
C LYS L 43 24.70 11.71 27.34
N ASP L 44 25.67 10.81 27.21
CA ASP L 44 27.06 11.20 27.00
C ASP L 44 27.80 10.06 26.30
N VAL L 45 29.10 10.22 26.08
CA VAL L 45 29.79 9.20 25.30
C VAL L 45 29.81 7.87 26.03
N ASP L 46 29.73 7.87 27.36
CA ASP L 46 29.66 6.61 28.10
C ASP L 46 28.25 6.14 28.39
N HIS L 47 27.22 6.96 28.22
CA HIS L 47 25.86 6.50 28.49
C HIS L 47 24.97 6.80 27.27
N TYR L 48 24.79 5.77 26.42
CA TYR L 48 24.02 5.86 25.18
C TYR L 48 23.52 4.45 24.84
N LEU L 49 22.42 4.38 24.06
CA LEU L 49 21.82 3.11 23.58
C LEU L 49 21.62 3.16 22.07
N THR L 50 21.93 2.07 21.39
CA THR L 50 21.82 2.06 19.94
C THR L 50 20.39 1.73 19.53
N MET L 51 19.88 2.51 18.57
CA MET L 51 18.55 2.31 18.03
C MET L 51 18.48 1.01 17.27
N GLN L 52 17.51 0.18 17.62
CA GLN L 52 17.24 -1.05 16.91
C GLN L 52 15.91 -0.99 16.14
N GLY L 53 14.81 -0.66 16.81
CA GLY L 53 13.50 -0.68 16.18
C GLY L 53 13.01 0.71 15.86
N PHE L 54 12.59 0.89 14.62
CA PHE L 54 12.12 2.17 14.14
C PHE L 54 10.71 2.01 13.62
N THR L 55 9.89 2.99 13.98
CA THR L 55 8.45 2.95 13.76
C THR L 55 7.98 4.39 13.87
N SER L 56 7.15 4.84 12.93
CA SER L 56 6.73 6.23 12.92
C SER L 56 5.41 6.46 13.67
N ILE L 57 5.38 7.54 14.43
CA ILE L 57 4.22 7.90 15.22
C ILE L 57 3.59 9.10 14.53
N ALA L 58 2.35 8.94 14.13
CA ALA L 58 1.65 9.98 13.40
C ALA L 58 1.11 11.06 14.34
N SER L 59 0.84 10.72 15.60
CA SER L 59 0.36 11.74 16.53
C SER L 59 0.62 11.33 17.97
N VAL L 60 0.75 12.32 18.85
CA VAL L 60 0.98 12.08 20.28
C VAL L 60 -0.04 12.86 21.08
N ASP L 61 -0.81 12.17 21.92
CA ASP L 61 -1.72 12.84 22.84
C ASP L 61 -1.21 12.63 24.26
N TRP L 62 -1.16 13.72 25.03
CA TRP L 62 -0.53 13.79 26.34
C TRP L 62 -1.59 13.78 27.42
N TYR L 63 -1.38 12.98 28.48
CA TYR L 63 -2.30 13.00 29.63
C TYR L 63 -1.51 12.83 30.90
N THR L 64 -2.09 13.28 32.00
CA THR L 64 -1.48 13.03 33.32
C THR L 64 -1.75 11.58 33.71
N ILE L 65 -1.27 11.18 34.89
CA ILE L 65 -1.42 9.77 35.28
C ILE L 65 -2.86 9.37 35.57
N ASP L 66 -3.82 10.29 35.57
CA ASP L 66 -5.23 9.94 35.73
C ASP L 66 -5.96 10.01 34.42
N PHE L 67 -5.22 10.15 33.33
CA PHE L 67 -5.75 10.36 31.99
C PHE L 67 -6.39 11.74 31.88
N GLN L 68 -5.95 12.65 32.74
CA GLN L 68 -6.44 14.01 32.56
C GLN L 68 -5.50 14.74 31.61
N PRO L 69 -6.02 15.42 30.61
CA PRO L 69 -5.16 15.99 29.58
C PRO L 69 -4.10 16.86 30.21
N SER L 70 -2.95 16.91 29.53
CA SER L 70 -1.83 17.75 29.93
C SER L 70 -1.26 18.40 28.68
N GLU L 71 -0.38 19.36 28.87
CA GLU L 71 0.23 20.06 27.76
C GLU L 71 1.57 19.41 27.44
N ALA L 72 1.86 19.32 26.11
CA ALA L 72 3.01 18.59 25.56
C ALA L 72 4.30 19.04 26.24
N PRO L 73 4.97 18.20 27.04
CA PRO L 73 6.17 18.65 27.73
C PRO L 73 7.28 18.97 26.72
N ALA L 74 8.33 19.62 27.27
CA ALA L 74 9.50 20.09 26.54
C ALA L 74 10.52 18.97 26.40
N PRO L 75 11.40 19.08 25.39
CA PRO L 75 12.43 18.06 25.21
C PRO L 75 13.20 17.78 26.50
N ILE L 76 13.46 16.49 26.73
CA ILE L 76 14.21 16.03 27.90
C ILE L 76 15.63 16.54 27.80
N LYS L 77 16.05 17.35 28.78
CA LYS L 77 17.38 17.94 28.70
C LYS L 77 18.45 16.89 28.94
N GLY L 78 19.46 16.87 28.07
CA GLY L 78 20.55 15.92 28.16
C GLY L 78 20.43 14.69 27.28
N LEU L 79 19.24 14.35 26.78
CA LEU L 79 19.03 13.23 25.90
C LEU L 79 18.89 13.74 24.48
N GLN L 80 19.57 13.10 23.53
CA GLN L 80 19.44 13.50 22.15
C GLN L 80 19.70 12.32 21.23
N VAL L 81 19.18 12.42 20.00
CA VAL L 81 19.43 11.36 18.99
C VAL L 81 20.59 11.81 18.09
N LEU L 82 21.71 11.07 18.09
CA LEU L 82 22.89 11.47 17.30
C LEU L 82 23.24 10.36 16.28
N VAL L 83 23.95 10.70 15.21
CA VAL L 83 24.37 9.68 14.21
C VAL L 83 25.87 9.42 14.38
N ASN L 84 26.72 10.38 13.97
CA ASN L 84 28.19 10.23 14.17
C ASN L 84 28.65 11.35 15.11
N ILE L 85 28.62 12.59 14.62
CA ILE L 85 29.05 13.76 15.44
C ILE L 85 27.90 14.78 15.45
N SER L 86 26.91 14.60 14.57
CA SER L 86 25.81 15.60 14.45
C SER L 86 24.56 15.10 15.19
N LYS L 87 23.71 16.04 15.65
CA LYS L 87 22.45 15.65 16.32
C LYS L 87 21.31 15.66 15.30
N LYS L 88 20.28 14.84 15.52
CA LYS L 88 19.19 14.74 14.58
C LYS L 88 17.82 14.79 15.23
N ALA L 89 17.69 14.53 16.52
CA ALA L 89 16.35 14.54 17.09
C ALA L 89 16.35 14.80 18.60
N ASP L 90 15.19 15.26 19.10
CA ASP L 90 14.94 15.51 20.52
C ASP L 90 14.14 14.38 21.11
N VAL L 91 14.52 13.97 22.31
CA VAL L 91 13.78 12.96 23.08
C VAL L 91 12.74 13.68 23.96
N TYR L 92 11.47 13.30 23.81
CA TYR L 92 10.43 13.92 24.63
C TYR L 92 9.97 13.05 25.78
N ALA L 93 10.10 11.73 25.68
CA ALA L 93 9.71 10.83 26.76
C ALA L 93 10.46 9.52 26.62
N VAL L 94 10.75 8.89 27.76
CA VAL L 94 11.51 7.64 27.83
C VAL L 94 10.69 6.65 28.62
N LYS L 95 11.05 5.36 28.49
CA LYS L 95 10.42 4.28 29.23
C LYS L 95 11.22 3.00 29.05
N GLN L 96 11.44 2.30 30.16
CA GLN L 96 12.17 1.04 30.16
C GLN L 96 11.29 -0.07 30.72
N PHE L 97 11.50 -1.28 30.22
CA PHE L 97 10.74 -2.46 30.63
C PHE L 97 11.73 -3.53 31.05
N VAL L 98 11.82 -3.79 32.34
CA VAL L 98 12.74 -4.79 32.87
C VAL L 98 11.93 -6.03 33.23
N THR L 99 12.18 -7.10 32.48
CA THR L 99 11.49 -8.38 32.62
C THR L 99 12.49 -9.48 32.94
N ALA L 100 12.37 -10.09 34.12
CA ALA L 100 13.36 -11.11 34.53
C ALA L 100 13.14 -12.41 33.76
N GLN L 101 13.90 -12.62 32.69
CA GLN L 101 13.81 -13.91 31.96
C GLN L 101 14.15 -15.03 32.94
N THR L 102 15.27 -14.90 33.66
CA THR L 102 15.64 -15.89 34.68
C THR L 102 16.02 -15.15 35.95
N ASN L 103 16.60 -15.85 36.93
CA ASN L 103 17.05 -15.20 38.19
C ASN L 103 18.10 -14.13 37.87
N ASN L 104 19.04 -14.45 36.98
CA ASN L 104 20.14 -13.51 36.65
C ASN L 104 19.85 -12.84 35.30
N LYS L 105 19.33 -13.59 34.33
CA LYS L 105 19.09 -13.03 32.98
C LYS L 105 17.93 -12.04 33.02
N HIS L 106 18.17 -10.77 32.66
CA HIS L 106 17.12 -9.78 32.62
C HIS L 106 17.02 -9.21 31.22
N GLN L 107 15.80 -9.03 30.77
CA GLN L 107 15.55 -8.40 29.49
C GLN L 107 15.08 -6.97 29.71
N VAL L 108 15.87 -6.00 29.25
CA VAL L 108 15.56 -4.59 29.44
C VAL L 108 15.27 -3.99 28.07
N THR L 109 14.02 -3.55 27.89
CA THR L 109 13.57 -2.89 26.66
C THR L 109 13.34 -1.42 26.97
N SER L 110 13.90 -0.54 26.15
CA SER L 110 13.81 0.91 26.32
C SER L 110 13.10 1.50 25.10
N LEU L 111 12.13 2.39 25.36
CA LEU L 111 11.36 3.10 24.34
C LEU L 111 11.71 4.57 24.39
N PHE L 112 11.98 5.17 23.23
CA PHE L 112 12.30 6.60 23.13
C PHE L 112 11.34 7.23 22.14
N LEU L 113 10.52 8.16 22.62
CA LEU L 113 9.65 8.96 21.76
C LEU L 113 10.41 10.20 21.33
N VAL L 114 10.87 10.24 20.10
CA VAL L 114 11.70 11.35 19.64
C VAL L 114 10.94 12.11 18.56
N LYS L 115 11.39 13.35 18.36
CA LYS L 115 10.90 14.21 17.29
C LYS L 115 12.11 14.66 16.50
N VAL L 116 12.11 14.34 15.20
CA VAL L 116 13.25 14.66 14.35
C VAL L 116 13.32 16.16 14.15
N THR L 117 14.52 16.71 14.28
CA THR L 117 14.77 18.13 14.12
C THR L 117 15.55 18.44 12.85
N THR L 118 16.14 17.43 12.22
CA THR L 118 16.96 17.56 11.02
C THR L 118 16.78 16.29 10.21
N GLY L 119 16.26 16.39 8.99
CA GLY L 119 16.05 15.16 8.22
C GLY L 119 17.29 14.32 8.04
N PHE L 120 17.15 12.99 7.96
CA PHE L 120 18.35 12.19 7.73
C PHE L 120 17.99 10.79 7.27
N GLN L 121 19.04 10.04 6.94
CA GLN L 121 18.98 8.67 6.48
C GLN L 121 20.13 7.91 7.09
N VAL L 122 19.96 6.60 7.28
CA VAL L 122 21.08 5.73 7.67
C VAL L 122 20.93 4.41 6.96
N ASN L 123 22.05 3.74 6.64
CA ASN L 123 22.02 2.35 6.22
C ASN L 123 22.43 1.45 7.37
N ASN L 124 21.49 0.62 7.87
CA ASN L 124 21.81 -0.26 8.98
C ASN L 124 21.63 -1.71 8.57
N TYR L 125 22.27 -2.59 9.34
CA TYR L 125 22.15 -4.03 9.15
C TYR L 125 20.87 -4.52 9.84
N LEU L 126 19.84 -4.85 9.07
CA LEU L 126 18.54 -5.18 9.64
C LEU L 126 18.32 -6.68 9.75
N SER L 127 17.51 -7.07 10.73
CA SER L 127 17.05 -8.44 10.91
C SER L 127 15.60 -8.43 11.40
N TYR L 128 15.07 -9.62 11.70
CA TYR L 128 13.70 -9.74 12.17
C TYR L 128 13.58 -10.81 13.24
N PHE L 129 12.39 -10.90 13.80
CA PHE L 129 12.07 -11.94 14.78
C PHE L 129 11.44 -13.17 14.11
N TYR L 130 11.80 -14.35 14.57
CA TYR L 130 11.21 -15.54 13.98
C TYR L 130 11.03 -16.60 15.06
N ARG L 131 10.24 -17.62 14.73
CA ARG L 131 9.99 -18.71 15.66
C ARG L 131 9.62 -19.95 14.86
N ALA L 132 10.45 -20.98 14.98
CA ALA L 132 10.28 -22.18 14.18
C ALA L 132 9.19 -23.01 14.81
N SER L 133 8.40 -23.67 13.96
CA SER L 133 7.41 -24.63 14.44
C SER L 133 8.11 -25.78 15.12
N ALA L 134 7.38 -26.43 16.03
CA ALA L 134 7.96 -27.54 16.77
C ALA L 134 7.07 -28.74 16.60
N THR L 135 7.27 -29.76 17.43
CA THR L 135 6.41 -30.97 17.38
C THR L 135 5.87 -31.22 18.77
N GLY L 136 4.58 -30.95 18.98
CA GLY L 136 3.95 -31.18 20.29
C GLY L 136 4.01 -29.95 21.17
N ASP L 137 4.10 -30.13 22.48
CA ASP L 137 4.11 -28.99 23.43
C ASP L 137 5.53 -28.41 23.53
N ALA L 138 6.43 -28.84 22.64
CA ALA L 138 7.83 -28.35 22.67
C ALA L 138 7.84 -26.83 22.71
N THR L 139 8.54 -26.24 23.68
CA THR L 139 8.58 -24.78 23.82
C THR L 139 9.49 -24.20 22.76
N THR L 140 8.90 -23.66 21.69
CA THR L 140 9.72 -22.99 20.68
C THR L 140 10.04 -21.55 21.12
N ASN L 141 11.31 -21.14 20.93
CA ASN L 141 11.73 -19.84 21.43
C ASN L 141 11.57 -18.75 20.37
N LEU L 142 11.46 -17.52 20.86
CA LEU L 142 11.43 -16.33 20.02
C LEU L 142 12.86 -15.87 19.80
N LEU L 143 13.32 -15.90 18.55
CA LEU L 143 14.72 -15.58 18.27
C LEU L 143 14.82 -14.45 17.24
N VAL L 144 16.05 -13.92 17.11
CA VAL L 144 16.40 -12.94 16.09
C VAL L 144 17.17 -13.63 14.96
N ARG L 145 16.85 -13.32 13.71
CA ARG L 145 17.60 -13.93 12.62
C ARG L 145 19.04 -13.44 12.64
N GLY L 146 19.95 -14.31 12.26
CA GLY L 146 21.36 -13.93 12.24
C GLY L 146 21.75 -13.12 11.03
N ASP L 147 21.48 -13.61 9.82
CA ASP L 147 21.82 -12.87 8.61
C ASP L 147 21.19 -11.50 8.68
N THR L 148 21.97 -10.48 8.32
CA THR L 148 21.44 -9.15 8.25
C THR L 148 21.24 -8.77 6.80
N TYR L 149 20.29 -7.89 6.58
CA TYR L 149 19.99 -7.38 5.27
C TYR L 149 20.22 -5.88 5.40
N THR L 150 21.24 -5.39 4.72
CA THR L 150 21.52 -3.96 4.76
C THR L 150 20.40 -3.21 4.06
N ALA L 151 19.93 -2.14 4.69
CA ALA L 151 18.93 -1.32 4.02
C ALA L 151 18.94 0.08 4.61
N GLY L 152 18.32 0.99 3.88
CA GLY L 152 18.25 2.39 4.27
C GLY L 152 16.95 2.67 5.01
N ILE L 153 17.08 3.41 6.10
CA ILE L 153 15.98 3.88 6.92
C ILE L 153 15.99 5.38 6.81
N SER L 154 14.87 5.98 6.46
CA SER L 154 14.82 7.43 6.29
C SER L 154 13.92 8.09 7.32
N PHE L 155 14.40 9.17 7.91
CA PHE L 155 13.69 9.93 8.92
C PHE L 155 13.38 11.33 8.42
N THR L 156 12.09 11.66 8.47
CA THR L 156 11.58 12.94 8.00
C THR L 156 11.53 13.94 9.14
N GLN L 157 11.89 15.17 8.82
CA GLN L 157 11.99 16.21 9.83
C GLN L 157 10.63 16.52 10.43
N GLY L 158 10.64 16.85 11.72
CA GLY L 158 9.43 17.17 12.45
C GLY L 158 8.55 15.99 12.74
N GLY L 159 8.87 14.82 12.20
CA GLY L 159 8.06 13.65 12.43
C GLY L 159 8.38 13.02 13.77
N TRP L 160 7.37 12.38 14.34
CA TRP L 160 7.55 11.64 15.57
C TRP L 160 7.98 10.24 15.21
N TYR L 161 8.84 9.67 16.05
CA TYR L 161 9.36 8.34 15.83
C TYR L 161 9.49 7.66 17.17
N LEU L 162 9.20 6.38 17.19
CA LEU L 162 9.35 5.54 18.37
C LEU L 162 10.53 4.59 18.14
N LEU L 163 11.61 4.82 18.87
CA LEU L 163 12.84 4.03 18.77
C LEU L 163 12.96 3.05 19.95
N THR L 164 13.54 1.87 19.70
CA THR L 164 13.59 0.82 20.72
C THR L 164 14.98 0.22 20.84
N ASN L 165 15.34 -0.18 22.06
CA ASN L 165 16.57 -0.95 22.30
C ASN L 165 16.27 -2.05 23.31
N THR L 166 16.55 -3.30 22.96
CA THR L 166 16.47 -4.38 23.92
C THR L 166 17.86 -4.93 24.18
N SER L 167 18.17 -5.14 25.44
CA SER L 167 19.44 -5.71 25.85
C SER L 167 19.18 -6.78 26.89
N ILE L 168 19.96 -7.86 26.82
CA ILE L 168 19.95 -8.91 27.83
C ILE L 168 21.09 -8.66 28.82
N VAL L 169 20.72 -8.28 30.03
CA VAL L 169 21.63 -8.01 31.13
C VAL L 169 21.77 -9.24 32.01
N ASP L 170 22.93 -9.89 31.94
CA ASP L 170 23.26 -11.08 32.70
C ASP L 170 23.70 -10.70 34.11
N GLY L 171 23.76 -11.69 34.99
CA GLY L 171 24.24 -11.42 36.34
C GLY L 171 23.40 -10.37 37.07
N ALA L 172 24.05 -9.66 38.00
CA ALA L 172 23.34 -8.72 38.86
C ALA L 172 22.88 -7.49 38.09
N MET L 173 21.86 -6.85 38.63
CA MET L 173 21.14 -5.81 37.93
C MET L 173 21.35 -4.47 38.64
N PRO L 174 21.66 -3.40 37.91
CA PRO L 174 21.76 -2.08 38.51
C PRO L 174 20.42 -1.59 39.00
N PRO L 175 20.41 -0.49 39.76
CA PRO L 175 19.18 -0.06 40.41
C PRO L 175 18.34 0.87 39.56
N GLY L 176 18.97 1.67 38.70
CA GLY L 176 18.22 2.64 37.94
C GLY L 176 18.05 2.30 36.47
N TRP L 177 18.15 3.32 35.62
CA TRP L 177 18.02 3.15 34.18
C TRP L 177 19.20 2.34 33.62
N VAL L 178 18.89 1.26 32.93
CA VAL L 178 19.91 0.34 32.46
C VAL L 178 20.54 0.92 31.21
N TRP L 179 21.82 1.25 31.27
CA TRP L 179 22.47 1.80 30.09
C TRP L 179 23.27 0.75 29.30
N ASN L 180 22.92 -0.52 29.45
CA ASN L 180 23.65 -1.62 28.80
C ASN L 180 23.28 -1.66 27.33
N ASN L 181 24.24 -1.39 26.46
CA ASN L 181 24.01 -1.40 25.02
C ASN L 181 24.45 -2.75 24.47
N VAL L 182 23.50 -3.69 24.43
CA VAL L 182 23.82 -5.05 23.90
C VAL L 182 23.07 -5.24 22.57
N GLU L 183 23.77 -5.75 21.56
CA GLU L 183 23.14 -5.99 20.24
C GLU L 183 22.13 -7.15 20.37
N LEU L 184 21.27 -7.33 19.38
CA LEU L 184 20.26 -8.43 19.43
C LEU L 184 20.98 -9.76 19.20
N LYS L 185 21.56 -10.33 20.26
CA LYS L 185 22.34 -11.58 20.13
C LYS L 185 21.54 -12.62 19.32
N THR L 186 22.15 -13.21 18.30
CA THR L 186 21.48 -14.25 17.49
C THR L 186 21.46 -15.54 18.28
N ASN L 187 20.52 -16.44 17.98
CA ASN L 187 20.41 -17.73 18.71
C ASN L 187 20.18 -17.44 20.20
N THR L 188 19.56 -16.31 20.52
CA THR L 188 19.25 -15.97 21.93
C THR L 188 17.76 -15.73 22.02
N ALA L 189 17.09 -16.37 22.98
CA ALA L 189 15.63 -16.26 23.06
C ALA L 189 15.23 -15.00 23.82
N TYR L 190 14.15 -14.37 23.35
CA TYR L 190 13.61 -13.13 23.90
C TYR L 190 12.15 -13.33 24.34
N HIS L 191 11.79 -12.74 25.47
CA HIS L 191 10.41 -12.72 25.91
C HIS L 191 9.73 -11.46 25.37
N MET L 192 8.41 -11.52 25.21
CA MET L 192 7.68 -10.34 24.79
C MET L 192 7.44 -9.40 25.97
N ASP L 193 7.53 -8.10 25.72
CA ASP L 193 7.05 -7.14 26.69
C ASP L 193 6.42 -5.99 25.90
N LYS L 194 5.74 -5.09 26.62
CA LYS L 194 4.93 -4.07 25.96
C LYS L 194 5.73 -3.26 24.96
N GLY L 195 7.03 -3.17 25.14
CA GLY L 195 7.81 -2.41 24.20
C GLY L 195 8.07 -3.09 22.89
N LEU L 196 7.65 -4.35 22.75
CA LEU L 196 8.02 -5.13 21.58
C LEU L 196 6.86 -5.53 20.68
N VAL L 197 5.61 -5.31 21.10
CA VAL L 197 4.47 -5.79 20.33
C VAL L 197 4.47 -5.20 18.91
N HIS L 198 5.08 -4.04 18.72
CA HIS L 198 5.06 -3.41 17.41
C HIS L 198 6.23 -3.82 16.51
N LEU L 199 7.07 -4.77 16.93
CA LEU L 199 8.26 -5.14 16.17
C LEU L 199 8.15 -6.58 15.64
N ILE L 200 6.97 -7.18 15.75
CA ILE L 200 6.70 -8.48 15.14
C ILE L 200 6.23 -8.26 13.70
N MET L 201 5.15 -7.51 13.55
CA MET L 201 4.74 -7.06 12.23
C MET L 201 4.25 -5.62 12.36
N PRO L 202 4.47 -4.79 11.31
CA PRO L 202 4.03 -3.38 11.37
C PRO L 202 2.55 -3.31 11.68
N LEU L 203 2.17 -2.60 12.76
CA LEU L 203 0.77 -2.39 13.08
C LEU L 203 0.07 -1.58 11.98
N PRO L 204 -1.23 -1.76 11.80
CA PRO L 204 -1.94 -1.00 10.78
C PRO L 204 -1.96 0.45 11.18
N GLU L 205 -1.97 1.35 10.19
CA GLU L 205 -2.06 2.77 10.49
C GLU L 205 -3.21 3.03 11.44
N SER L 206 -3.04 4.08 12.24
CA SER L 206 -4.04 4.59 13.16
C SER L 206 -4.25 3.73 14.39
N THR L 207 -3.51 2.65 14.55
CA THR L 207 -3.49 1.94 15.82
C THR L 207 -3.04 2.89 16.93
N GLN L 208 -3.56 2.67 18.14
CA GLN L 208 -3.24 3.48 19.30
C GLN L 208 -2.61 2.61 20.39
N MET L 209 -1.65 3.15 21.10
CA MET L 209 -1.18 2.42 22.27
C MET L 209 -0.98 3.48 23.33
N CYS L 210 -1.37 3.18 24.56
CA CYS L 210 -1.08 4.06 25.67
C CYS L 210 0.06 3.43 26.45
N TYR L 211 1.04 4.26 26.77
CA TYR L 211 2.22 3.88 27.51
C TYR L 211 2.40 4.84 28.70
N GLU L 212 2.87 4.30 29.83
CA GLU L 212 3.19 5.12 31.02
C GLU L 212 4.68 5.47 30.96
N MET L 213 4.99 6.69 30.56
CA MET L 213 6.37 7.10 30.33
C MET L 213 6.82 8.16 31.35
N LEU L 214 8.14 8.40 31.39
CA LEU L 214 8.69 9.52 32.13
C LEU L 214 9.41 10.48 31.18
N THR L 215 9.72 11.65 31.73
CA THR L 215 10.40 12.72 31.01
C THR L 215 11.74 13.08 31.66
N SER L 216 12.38 12.12 32.33
CA SER L 216 13.56 12.36 33.16
C SER L 216 14.21 11.03 33.56
N ILE L 217 15.53 11.05 33.79
CA ILE L 217 16.21 9.82 34.21
C ILE L 217 16.81 9.86 35.63
#